data_5GO5
# 
_entry.id   5GO5 
# 
_audit_conform.dict_name       mmcif_pdbx.dic 
_audit_conform.dict_version    5.398 
_audit_conform.dict_location   http://mmcif.pdb.org/dictionaries/ascii/mmcif_pdbx.dic 
# 
loop_
_database_2.database_id 
_database_2.database_code 
_database_2.pdbx_database_accession 
_database_2.pdbx_DOI 
PDB   5GO5         pdb_00005go5 10.2210/pdb5go5/pdb 
WWPDB D_1300001149 ?            ?                   
# 
loop_
_pdbx_audit_revision_history.ordinal 
_pdbx_audit_revision_history.data_content_type 
_pdbx_audit_revision_history.major_revision 
_pdbx_audit_revision_history.minor_revision 
_pdbx_audit_revision_history.revision_date 
1 'Structure model' 1 0 2017-03-15 
2 'Structure model' 1 1 2017-12-06 
3 'Structure model' 1 2 2023-11-08 
4 'Structure model' 1 3 2024-11-20 
# 
_pdbx_audit_revision_details.ordinal             1 
_pdbx_audit_revision_details.revision_ordinal    1 
_pdbx_audit_revision_details.data_content_type   'Structure model' 
_pdbx_audit_revision_details.provider            repository 
_pdbx_audit_revision_details.type                'Initial release' 
_pdbx_audit_revision_details.description         ? 
_pdbx_audit_revision_details.details             ? 
# 
loop_
_pdbx_audit_revision_group.ordinal 
_pdbx_audit_revision_group.revision_ordinal 
_pdbx_audit_revision_group.data_content_type 
_pdbx_audit_revision_group.group 
1 2 'Structure model' 'Database references'    
2 3 'Structure model' 'Data collection'        
3 3 'Structure model' 'Database references'    
4 3 'Structure model' 'Refinement description' 
5 4 'Structure model' 'Structure summary'      
# 
loop_
_pdbx_audit_revision_category.ordinal 
_pdbx_audit_revision_category.revision_ordinal 
_pdbx_audit_revision_category.data_content_type 
_pdbx_audit_revision_category.category 
1 2 'Structure model' citation                      
2 3 'Structure model' chem_comp_atom                
3 3 'Structure model' chem_comp_bond                
4 3 'Structure model' database_2                    
5 3 'Structure model' pdbx_initial_refinement_model 
6 4 'Structure model' pdbx_entry_details            
7 4 'Structure model' pdbx_modification_feature     
# 
loop_
_pdbx_audit_revision_item.ordinal 
_pdbx_audit_revision_item.revision_ordinal 
_pdbx_audit_revision_item.data_content_type 
_pdbx_audit_revision_item.item 
1 2 'Structure model' '_citation.journal_abbrev'            
2 2 'Structure model' '_citation.journal_volume'            
3 2 'Structure model' '_citation.page_first'                
4 2 'Structure model' '_citation.page_last'                 
5 2 'Structure model' '_citation.pdbx_database_id_PubMed'   
6 2 'Structure model' '_citation.title'                     
7 3 'Structure model' '_database_2.pdbx_DOI'                
8 3 'Structure model' '_database_2.pdbx_database_accession' 
# 
_pdbx_database_status.status_code                     REL 
_pdbx_database_status.status_code_sf                  REL 
_pdbx_database_status.status_code_mr                  ? 
_pdbx_database_status.entry_id                        5GO5 
_pdbx_database_status.recvd_initial_deposition_date   2016-07-26 
_pdbx_database_status.SG_entry                        N 
_pdbx_database_status.deposit_site                    PDBJ 
_pdbx_database_status.process_site                    PDBJ 
_pdbx_database_status.status_code_cs                  ? 
_pdbx_database_status.methods_development_category    ? 
_pdbx_database_status.pdb_format_compatible           Y 
_pdbx_database_status.status_code_nmr_data            ? 
# 
_pdbx_database_related.content_type   unspecified 
_pdbx_database_related.db_id          5GO6 
_pdbx_database_related.db_name        PDB 
_pdbx_database_related.details        . 
# 
loop_
_audit_author.name 
_audit_author.pdbx_ordinal 
'Das, S.'       1 
'Pawale, V.S.'  2 
'Dadireddy, V.' 3 
'Roy, R.P.'     4 
'Ramakumar, S.' 5 
# 
_citation.abstract                  ? 
_citation.abstract_id_CAS           ? 
_citation.book_id_ISBN              ? 
_citation.book_publisher            ? 
_citation.book_publisher_city       ? 
_citation.book_title                ? 
_citation.coordinate_linkage        ? 
_citation.country                   US 
_citation.database_id_Medline       ? 
_citation.details                   ? 
_citation.id                        primary 
_citation.journal_abbrev            'J. Biol. Chem.' 
_citation.journal_id_ASTM           JBCHA3 
_citation.journal_id_CSD            0071 
_citation.journal_id_ISSN           1083-351X 
_citation.journal_full              ? 
_citation.journal_issue             ? 
_citation.journal_volume            292 
_citation.language                  ? 
_citation.page_first                7244 
_citation.page_last                 7257 
_citation.title                     
;Structure and specificity of a new class of Ca2+-independent housekeeping sortase from Streptomyces avermitilis provide insights into its non-canonical substrate preference.
;
_citation.year                      2017 
_citation.database_id_CSD           ? 
_citation.pdbx_database_id_DOI      10.1074/jbc.M117.782037 
_citation.pdbx_database_id_PubMed   28270507 
_citation.unpublished_flag          ? 
# 
loop_
_citation_author.citation_id 
_citation_author.name 
_citation_author.ordinal 
_citation_author.identifier_ORCID 
primary 'Das, S.'       1 ? 
primary 'Pawale, V.S.'  2 ? 
primary 'Dadireddy, V.' 3 ? 
primary 'Singh, A.K.'   4 ? 
primary 'Ramakumar, S.' 5 ? 
primary 'Roy, R.P.'     6 ? 
# 
loop_
_entity.id 
_entity.type 
_entity.src_method 
_entity.pdbx_description 
_entity.formula_weight 
_entity.pdbx_number_of_molecules 
_entity.pdbx_ec 
_entity.pdbx_mutation 
_entity.pdbx_fragment 
_entity.details 
1 polymer     man sortase       22404.352 1   ? ? 'UNP RESIDUES 51-230' ? 
2 non-polymer syn GLYCINE       75.067    1   ? ? ?                     ? 
3 non-polymer syn 'SULFATE ION' 96.063    2   ? ? ?                     ? 
4 water       nat water         18.015    154 ? ? ?                     ? 
# 
_entity_name_com.entity_id   1 
_entity_name_com.name        'Sortase E' 
# 
_entity_poly.entity_id                      1 
_entity_poly.type                           'polypeptide(L)' 
_entity_poly.nstd_linkage                   no 
_entity_poly.nstd_monomer                   yes 
_entity_poly.pdbx_seq_one_letter_code       
;MGSSHHHHHHSSGLVPRGSHMKGTVRPTAAPGASARTSPEKPAPYTYGKPFAVMYIPRLGFTWNKPVLEGTGTEVLKKGL
GHYANTARLGQKGNFAVAGHRRTYGDPFKDFPKLRHGDEVVLTDGTTWFTYVIDTGPYKTVPTDVEVIDPVPRKSGYERE
GRYLTLTT(CME)EPEWGHSHRLIVWAHLDSTQPVEAGKPEALRR
;
_entity_poly.pdbx_seq_one_letter_code_can   
;MGSSHHHHHHSSGLVPRGSHMKGTVRPTAAPGASARTSPEKPAPYTYGKPFAVMYIPRLGFTWNKPVLEGTGTEVLKKGL
GHYANTARLGQKGNFAVAGHRRTYGDPFKDFPKLRHGDEVVLTDGTTWFTYVIDTGPYKTVPTDVEVIDPVPRKSGYERE
GRYLTLTTCEPEWGHSHRLIVWAHLDSTQPVEAGKPEALRR
;
_entity_poly.pdbx_strand_id                 A 
_entity_poly.pdbx_target_identifier         ? 
# 
loop_
_pdbx_entity_nonpoly.entity_id 
_pdbx_entity_nonpoly.name 
_pdbx_entity_nonpoly.comp_id 
2 GLYCINE       GLY 
3 'SULFATE ION' SO4 
4 water         HOH 
# 
loop_
_entity_poly_seq.entity_id 
_entity_poly_seq.num 
_entity_poly_seq.mon_id 
_entity_poly_seq.hetero 
1 1   MET n 
1 2   GLY n 
1 3   SER n 
1 4   SER n 
1 5   HIS n 
1 6   HIS n 
1 7   HIS n 
1 8   HIS n 
1 9   HIS n 
1 10  HIS n 
1 11  SER n 
1 12  SER n 
1 13  GLY n 
1 14  LEU n 
1 15  VAL n 
1 16  PRO n 
1 17  ARG n 
1 18  GLY n 
1 19  SER n 
1 20  HIS n 
1 21  MET n 
1 22  LYS n 
1 23  GLY n 
1 24  THR n 
1 25  VAL n 
1 26  ARG n 
1 27  PRO n 
1 28  THR n 
1 29  ALA n 
1 30  ALA n 
1 31  PRO n 
1 32  GLY n 
1 33  ALA n 
1 34  SER n 
1 35  ALA n 
1 36  ARG n 
1 37  THR n 
1 38  SER n 
1 39  PRO n 
1 40  GLU n 
1 41  LYS n 
1 42  PRO n 
1 43  ALA n 
1 44  PRO n 
1 45  TYR n 
1 46  THR n 
1 47  TYR n 
1 48  GLY n 
1 49  LYS n 
1 50  PRO n 
1 51  PHE n 
1 52  ALA n 
1 53  VAL n 
1 54  MET n 
1 55  TYR n 
1 56  ILE n 
1 57  PRO n 
1 58  ARG n 
1 59  LEU n 
1 60  GLY n 
1 61  PHE n 
1 62  THR n 
1 63  TRP n 
1 64  ASN n 
1 65  LYS n 
1 66  PRO n 
1 67  VAL n 
1 68  LEU n 
1 69  GLU n 
1 70  GLY n 
1 71  THR n 
1 72  GLY n 
1 73  THR n 
1 74  GLU n 
1 75  VAL n 
1 76  LEU n 
1 77  LYS n 
1 78  LYS n 
1 79  GLY n 
1 80  LEU n 
1 81  GLY n 
1 82  HIS n 
1 83  TYR n 
1 84  ALA n 
1 85  ASN n 
1 86  THR n 
1 87  ALA n 
1 88  ARG n 
1 89  LEU n 
1 90  GLY n 
1 91  GLN n 
1 92  LYS n 
1 93  GLY n 
1 94  ASN n 
1 95  PHE n 
1 96  ALA n 
1 97  VAL n 
1 98  ALA n 
1 99  GLY n 
1 100 HIS n 
1 101 ARG n 
1 102 ARG n 
1 103 THR n 
1 104 TYR n 
1 105 GLY n 
1 106 ASP n 
1 107 PRO n 
1 108 PHE n 
1 109 LYS n 
1 110 ASP n 
1 111 PHE n 
1 112 PRO n 
1 113 LYS n 
1 114 LEU n 
1 115 ARG n 
1 116 HIS n 
1 117 GLY n 
1 118 ASP n 
1 119 GLU n 
1 120 VAL n 
1 121 VAL n 
1 122 LEU n 
1 123 THR n 
1 124 ASP n 
1 125 GLY n 
1 126 THR n 
1 127 THR n 
1 128 TRP n 
1 129 PHE n 
1 130 THR n 
1 131 TYR n 
1 132 VAL n 
1 133 ILE n 
1 134 ASP n 
1 135 THR n 
1 136 GLY n 
1 137 PRO n 
1 138 TYR n 
1 139 LYS n 
1 140 THR n 
1 141 VAL n 
1 142 PRO n 
1 143 THR n 
1 144 ASP n 
1 145 VAL n 
1 146 GLU n 
1 147 VAL n 
1 148 ILE n 
1 149 ASP n 
1 150 PRO n 
1 151 VAL n 
1 152 PRO n 
1 153 ARG n 
1 154 LYS n 
1 155 SER n 
1 156 GLY n 
1 157 TYR n 
1 158 GLU n 
1 159 ARG n 
1 160 GLU n 
1 161 GLY n 
1 162 ARG n 
1 163 TYR n 
1 164 LEU n 
1 165 THR n 
1 166 LEU n 
1 167 THR n 
1 168 THR n 
1 169 CME n 
1 170 GLU n 
1 171 PRO n 
1 172 GLU n 
1 173 TRP n 
1 174 GLY n 
1 175 HIS n 
1 176 SER n 
1 177 HIS n 
1 178 ARG n 
1 179 LEU n 
1 180 ILE n 
1 181 VAL n 
1 182 TRP n 
1 183 ALA n 
1 184 HIS n 
1 185 LEU n 
1 186 ASP n 
1 187 SER n 
1 188 THR n 
1 189 GLN n 
1 190 PRO n 
1 191 VAL n 
1 192 GLU n 
1 193 ALA n 
1 194 GLY n 
1 195 LYS n 
1 196 PRO n 
1 197 GLU n 
1 198 ALA n 
1 199 LEU n 
1 200 ARG n 
1 201 ARG n 
# 
_entity_src_gen.entity_id                          1 
_entity_src_gen.pdbx_src_id                        1 
_entity_src_gen.pdbx_alt_source_flag               sample 
_entity_src_gen.pdbx_seq_type                      'Biological sequence' 
_entity_src_gen.pdbx_beg_seq_num                   1 
_entity_src_gen.pdbx_end_seq_num                   201 
_entity_src_gen.gene_src_common_name               ? 
_entity_src_gen.gene_src_genus                     ? 
_entity_src_gen.pdbx_gene_src_gene                 SAVERM_4333 
_entity_src_gen.gene_src_species                   ? 
_entity_src_gen.gene_src_strain                    
'ATCC 31267 / DSM 46492 / JCM 5070 / NBRC 14893 / NCIMB 12804 / NRRL 8165 / MA-4680' 
_entity_src_gen.gene_src_tissue                    ? 
_entity_src_gen.gene_src_tissue_fraction           ? 
_entity_src_gen.gene_src_details                   ? 
_entity_src_gen.pdbx_gene_src_fragment             ? 
_entity_src_gen.pdbx_gene_src_scientific_name      
'Streptomyces avermitilis (strain ATCC 31267 / DSM 46492 / JCM 5070 / NBRC 14893 / NCIMB 12804 / NRRL 8165 / MA-4680)' 
_entity_src_gen.pdbx_gene_src_ncbi_taxonomy_id     227882 
_entity_src_gen.pdbx_gene_src_variant              ? 
_entity_src_gen.pdbx_gene_src_cell_line            ? 
_entity_src_gen.pdbx_gene_src_atcc                 'ATCC 31267D5' 
_entity_src_gen.pdbx_gene_src_organ                ? 
_entity_src_gen.pdbx_gene_src_organelle            ? 
_entity_src_gen.pdbx_gene_src_cell                 ? 
_entity_src_gen.pdbx_gene_src_cellular_location    ? 
_entity_src_gen.host_org_common_name               ? 
_entity_src_gen.pdbx_host_org_scientific_name      'Escherichia coli' 
_entity_src_gen.pdbx_host_org_ncbi_taxonomy_id     562 
_entity_src_gen.host_org_genus                     ? 
_entity_src_gen.pdbx_host_org_gene                 ? 
_entity_src_gen.pdbx_host_org_organ                ? 
_entity_src_gen.host_org_species                   ? 
_entity_src_gen.pdbx_host_org_tissue               ? 
_entity_src_gen.pdbx_host_org_tissue_fraction      ? 
_entity_src_gen.pdbx_host_org_strain               'BL21 (DE3) pLysS' 
_entity_src_gen.pdbx_host_org_variant              ? 
_entity_src_gen.pdbx_host_org_cell_line            ? 
_entity_src_gen.pdbx_host_org_atcc                 ? 
_entity_src_gen.pdbx_host_org_culture_collection   ? 
_entity_src_gen.pdbx_host_org_cell                 ? 
_entity_src_gen.pdbx_host_org_organelle            ? 
_entity_src_gen.pdbx_host_org_cellular_location    ? 
_entity_src_gen.pdbx_host_org_vector_type          plasmid 
_entity_src_gen.pdbx_host_org_vector               ? 
_entity_src_gen.host_org_details                   ? 
_entity_src_gen.expression_system_id               ? 
_entity_src_gen.plasmid_name                       'pET28b(+)' 
_entity_src_gen.plasmid_details                    ? 
_entity_src_gen.pdbx_description                   ? 
# 
loop_
_chem_comp.id 
_chem_comp.type 
_chem_comp.mon_nstd_flag 
_chem_comp.name 
_chem_comp.pdbx_synonyms 
_chem_comp.formula 
_chem_comp.formula_weight 
ALA 'L-peptide linking' y ALANINE                            ? 'C3 H7 N O2'     89.093  
ARG 'L-peptide linking' y ARGININE                           ? 'C6 H15 N4 O2 1' 175.209 
ASN 'L-peptide linking' y ASPARAGINE                         ? 'C4 H8 N2 O3'    132.118 
ASP 'L-peptide linking' y 'ASPARTIC ACID'                    ? 'C4 H7 N O4'     133.103 
CME 'L-peptide linking' n 'S,S-(2-HYDROXYETHYL)THIOCYSTEINE' ? 'C5 H11 N O3 S2' 197.276 
GLN 'L-peptide linking' y GLUTAMINE                          ? 'C5 H10 N2 O3'   146.144 
GLU 'L-peptide linking' y 'GLUTAMIC ACID'                    ? 'C5 H9 N O4'     147.129 
GLY 'peptide linking'   y GLYCINE                            ? 'C2 H5 N O2'     75.067  
HIS 'L-peptide linking' y HISTIDINE                          ? 'C6 H10 N3 O2 1' 156.162 
HOH non-polymer         . WATER                              ? 'H2 O'           18.015  
ILE 'L-peptide linking' y ISOLEUCINE                         ? 'C6 H13 N O2'    131.173 
LEU 'L-peptide linking' y LEUCINE                            ? 'C6 H13 N O2'    131.173 
LYS 'L-peptide linking' y LYSINE                             ? 'C6 H15 N2 O2 1' 147.195 
MET 'L-peptide linking' y METHIONINE                         ? 'C5 H11 N O2 S'  149.211 
PHE 'L-peptide linking' y PHENYLALANINE                      ? 'C9 H11 N O2'    165.189 
PRO 'L-peptide linking' y PROLINE                            ? 'C5 H9 N O2'     115.130 
SER 'L-peptide linking' y SERINE                             ? 'C3 H7 N O3'     105.093 
SO4 non-polymer         . 'SULFATE ION'                      ? 'O4 S -2'        96.063  
THR 'L-peptide linking' y THREONINE                          ? 'C4 H9 N O3'     119.119 
TRP 'L-peptide linking' y TRYPTOPHAN                         ? 'C11 H12 N2 O2'  204.225 
TYR 'L-peptide linking' y TYROSINE                           ? 'C9 H11 N O3'    181.189 
VAL 'L-peptide linking' y VALINE                             ? 'C5 H11 N O2'    117.146 
# 
loop_
_pdbx_poly_seq_scheme.asym_id 
_pdbx_poly_seq_scheme.entity_id 
_pdbx_poly_seq_scheme.seq_id 
_pdbx_poly_seq_scheme.mon_id 
_pdbx_poly_seq_scheme.ndb_seq_num 
_pdbx_poly_seq_scheme.pdb_seq_num 
_pdbx_poly_seq_scheme.auth_seq_num 
_pdbx_poly_seq_scheme.pdb_mon_id 
_pdbx_poly_seq_scheme.auth_mon_id 
_pdbx_poly_seq_scheme.pdb_strand_id 
_pdbx_poly_seq_scheme.pdb_ins_code 
_pdbx_poly_seq_scheme.hetero 
A 1 1   MET 1   30  ?   ?   ?   A . n 
A 1 2   GLY 2   31  ?   ?   ?   A . n 
A 1 3   SER 3   32  ?   ?   ?   A . n 
A 1 4   SER 4   33  ?   ?   ?   A . n 
A 1 5   HIS 5   34  ?   ?   ?   A . n 
A 1 6   HIS 6   35  ?   ?   ?   A . n 
A 1 7   HIS 7   36  ?   ?   ?   A . n 
A 1 8   HIS 8   37  ?   ?   ?   A . n 
A 1 9   HIS 9   38  ?   ?   ?   A . n 
A 1 10  HIS 10  39  ?   ?   ?   A . n 
A 1 11  SER 11  40  ?   ?   ?   A . n 
A 1 12  SER 12  41  ?   ?   ?   A . n 
A 1 13  GLY 13  42  ?   ?   ?   A . n 
A 1 14  LEU 14  43  ?   ?   ?   A . n 
A 1 15  VAL 15  44  ?   ?   ?   A . n 
A 1 16  PRO 16  45  ?   ?   ?   A . n 
A 1 17  ARG 17  46  ?   ?   ?   A . n 
A 1 18  GLY 18  47  ?   ?   ?   A . n 
A 1 19  SER 19  48  ?   ?   ?   A . n 
A 1 20  HIS 20  49  ?   ?   ?   A . n 
A 1 21  MET 21  50  ?   ?   ?   A . n 
A 1 22  LYS 22  51  ?   ?   ?   A . n 
A 1 23  GLY 23  52  ?   ?   ?   A . n 
A 1 24  THR 24  53  ?   ?   ?   A . n 
A 1 25  VAL 25  54  ?   ?   ?   A . n 
A 1 26  ARG 26  55  ?   ?   ?   A . n 
A 1 27  PRO 27  56  ?   ?   ?   A . n 
A 1 28  THR 28  57  ?   ?   ?   A . n 
A 1 29  ALA 29  58  ?   ?   ?   A . n 
A 1 30  ALA 30  59  ?   ?   ?   A . n 
A 1 31  PRO 31  60  ?   ?   ?   A . n 
A 1 32  GLY 32  61  ?   ?   ?   A . n 
A 1 33  ALA 33  62  ?   ?   ?   A . n 
A 1 34  SER 34  63  ?   ?   ?   A . n 
A 1 35  ALA 35  64  ?   ?   ?   A . n 
A 1 36  ARG 36  65  ?   ?   ?   A . n 
A 1 37  THR 37  66  ?   ?   ?   A . n 
A 1 38  SER 38  67  ?   ?   ?   A . n 
A 1 39  PRO 39  68  ?   ?   ?   A . n 
A 1 40  GLU 40  69  ?   ?   ?   A . n 
A 1 41  LYS 41  70  ?   ?   ?   A . n 
A 1 42  PRO 42  71  ?   ?   ?   A . n 
A 1 43  ALA 43  72  ?   ?   ?   A . n 
A 1 44  PRO 44  73  ?   ?   ?   A . n 
A 1 45  TYR 45  74  74  TYR TYR A . n 
A 1 46  THR 46  75  75  THR THR A . n 
A 1 47  TYR 47  76  76  TYR TYR A . n 
A 1 48  GLY 48  77  77  GLY GLY A . n 
A 1 49  LYS 49  78  78  LYS LYS A . n 
A 1 50  PRO 50  79  79  PRO PRO A . n 
A 1 51  PHE 51  80  80  PHE PHE A . n 
A 1 52  ALA 52  81  81  ALA ALA A . n 
A 1 53  VAL 53  82  82  VAL VAL A . n 
A 1 54  MET 54  83  83  MET MET A . n 
A 1 55  TYR 55  84  84  TYR TYR A . n 
A 1 56  ILE 56  85  85  ILE ILE A . n 
A 1 57  PRO 57  86  86  PRO PRO A . n 
A 1 58  ARG 58  87  87  ARG ARG A . n 
A 1 59  LEU 59  88  88  LEU LEU A . n 
A 1 60  GLY 60  89  89  GLY GLY A . n 
A 1 61  PHE 61  90  90  PHE PHE A . n 
A 1 62  THR 62  91  91  THR THR A . n 
A 1 63  TRP 63  92  92  TRP TRP A . n 
A 1 64  ASN 64  93  93  ASN ASN A . n 
A 1 65  LYS 65  94  94  LYS LYS A . n 
A 1 66  PRO 66  95  95  PRO PRO A . n 
A 1 67  VAL 67  96  96  VAL VAL A . n 
A 1 68  LEU 68  97  97  LEU LEU A . n 
A 1 69  GLU 69  98  98  GLU GLU A . n 
A 1 70  GLY 70  99  99  GLY GLY A . n 
A 1 71  THR 71  100 100 THR THR A . n 
A 1 72  GLY 72  101 101 GLY GLY A . n 
A 1 73  THR 73  102 102 THR THR A . n 
A 1 74  GLU 74  103 103 GLU GLU A . n 
A 1 75  VAL 75  104 104 VAL VAL A . n 
A 1 76  LEU 76  105 105 LEU LEU A . n 
A 1 77  LYS 77  106 106 LYS LYS A . n 
A 1 78  LYS 78  107 107 LYS LYS A . n 
A 1 79  GLY 79  108 108 GLY GLY A . n 
A 1 80  LEU 80  109 109 LEU LEU A . n 
A 1 81  GLY 81  110 110 GLY GLY A . n 
A 1 82  HIS 82  111 111 HIS HIS A . n 
A 1 83  TYR 83  112 112 TYR TYR A . n 
A 1 84  ALA 84  113 113 ALA ALA A . n 
A 1 85  ASN 85  114 114 ASN ASN A . n 
A 1 86  THR 86  115 115 THR THR A . n 
A 1 87  ALA 87  116 116 ALA ALA A . n 
A 1 88  ARG 88  117 117 ARG ARG A . n 
A 1 89  LEU 89  118 118 LEU LEU A . n 
A 1 90  GLY 90  119 119 GLY GLY A . n 
A 1 91  GLN 91  120 120 GLN GLN A . n 
A 1 92  LYS 92  121 121 LYS LYS A . n 
A 1 93  GLY 93  122 122 GLY GLY A . n 
A 1 94  ASN 94  123 123 ASN ASN A . n 
A 1 95  PHE 95  124 124 PHE PHE A . n 
A 1 96  ALA 96  125 125 ALA ALA A . n 
A 1 97  VAL 97  126 126 VAL VAL A . n 
A 1 98  ALA 98  127 127 ALA ALA A . n 
A 1 99  GLY 99  128 128 GLY GLY A . n 
A 1 100 HIS 100 129 129 HIS HIS A . n 
A 1 101 ARG 101 130 130 ARG ARG A . n 
A 1 102 ARG 102 131 131 ARG ARG A . n 
A 1 103 THR 103 132 132 THR THR A . n 
A 1 104 TYR 104 133 133 TYR TYR A . n 
A 1 105 GLY 105 134 134 GLY GLY A . n 
A 1 106 ASP 106 135 135 ASP ASP A . n 
A 1 107 PRO 107 136 136 PRO PRO A . n 
A 1 108 PHE 108 137 137 PHE PHE A . n 
A 1 109 LYS 109 138 138 LYS LYS A . n 
A 1 110 ASP 110 139 139 ASP ASP A . n 
A 1 111 PHE 111 140 140 PHE PHE A . n 
A 1 112 PRO 112 141 141 PRO PRO A . n 
A 1 113 LYS 113 142 142 LYS LYS A . n 
A 1 114 LEU 114 143 143 LEU LEU A . n 
A 1 115 ARG 115 144 144 ARG ARG A . n 
A 1 116 HIS 116 145 145 HIS HIS A . n 
A 1 117 GLY 117 146 146 GLY GLY A . n 
A 1 118 ASP 118 147 147 ASP ASP A . n 
A 1 119 GLU 119 148 148 GLU GLU A . n 
A 1 120 VAL 120 149 149 VAL VAL A . n 
A 1 121 VAL 121 150 150 VAL VAL A . n 
A 1 122 LEU 122 151 151 LEU LEU A . n 
A 1 123 THR 123 152 152 THR THR A . n 
A 1 124 ASP 124 153 153 ASP ASP A . n 
A 1 125 GLY 125 154 154 GLY GLY A . n 
A 1 126 THR 126 155 155 THR THR A . n 
A 1 127 THR 127 156 156 THR THR A . n 
A 1 128 TRP 128 157 157 TRP TRP A . n 
A 1 129 PHE 129 158 158 PHE PHE A . n 
A 1 130 THR 130 159 159 THR THR A . n 
A 1 131 TYR 131 160 160 TYR TYR A . n 
A 1 132 VAL 132 161 161 VAL VAL A . n 
A 1 133 ILE 133 162 162 ILE ILE A . n 
A 1 134 ASP 134 163 163 ASP ASP A . n 
A 1 135 THR 135 164 164 THR THR A . n 
A 1 136 GLY 136 165 165 GLY GLY A . n 
A 1 137 PRO 137 166 166 PRO PRO A . n 
A 1 138 TYR 138 167 167 TYR TYR A . n 
A 1 139 LYS 139 168 168 LYS LYS A . n 
A 1 140 THR 140 169 169 THR THR A . n 
A 1 141 VAL 141 170 170 VAL VAL A . n 
A 1 142 PRO 142 171 171 PRO PRO A . n 
A 1 143 THR 143 172 172 THR THR A . n 
A 1 144 ASP 144 173 173 ASP ASP A . n 
A 1 145 VAL 145 174 174 VAL VAL A . n 
A 1 146 GLU 146 175 175 GLU GLU A . n 
A 1 147 VAL 147 176 176 VAL VAL A . n 
A 1 148 ILE 148 177 177 ILE ILE A . n 
A 1 149 ASP 149 178 178 ASP ASP A . n 
A 1 150 PRO 150 179 179 PRO PRO A . n 
A 1 151 VAL 151 180 180 VAL VAL A . n 
A 1 152 PRO 152 181 181 PRO PRO A . n 
A 1 153 ARG 153 182 182 ARG ARG A . n 
A 1 154 LYS 154 183 183 LYS LYS A . n 
A 1 155 SER 155 184 184 SER SER A . n 
A 1 156 GLY 156 185 185 GLY GLY A . n 
A 1 157 TYR 157 186 186 TYR TYR A . n 
A 1 158 GLU 158 187 187 GLU GLU A . n 
A 1 159 ARG 159 188 188 ARG ARG A . n 
A 1 160 GLU 160 189 189 GLU GLU A . n 
A 1 161 GLY 161 190 190 GLY GLY A . n 
A 1 162 ARG 162 191 191 ARG ARG A . n 
A 1 163 TYR 163 192 192 TYR TYR A . n 
A 1 164 LEU 164 193 193 LEU LEU A . n 
A 1 165 THR 165 194 194 THR THR A . n 
A 1 166 LEU 166 195 195 LEU LEU A . n 
A 1 167 THR 167 196 196 THR THR A . n 
A 1 168 THR 168 197 197 THR THR A . n 
A 1 169 CME 169 198 198 CME CME A . n 
A 1 170 GLU 170 199 199 GLU GLU A . n 
A 1 171 PRO 171 200 200 PRO PRO A . n 
A 1 172 GLU 172 201 ?   ?   ?   A . n 
A 1 173 TRP 173 202 ?   ?   ?   A . n 
A 1 174 GLY 174 203 ?   ?   ?   A . n 
A 1 175 HIS 175 204 ?   ?   ?   A . n 
A 1 176 SER 176 205 205 SER SER A . n 
A 1 177 HIS 177 206 206 HIS HIS A . n 
A 1 178 ARG 178 207 207 ARG ARG A . n 
A 1 179 LEU 179 208 208 LEU LEU A . n 
A 1 180 ILE 180 209 209 ILE ILE A . n 
A 1 181 VAL 181 210 210 VAL VAL A . n 
A 1 182 TRP 182 211 211 TRP TRP A . n 
A 1 183 ALA 183 212 212 ALA ALA A . n 
A 1 184 HIS 184 213 213 HIS HIS A . n 
A 1 185 LEU 185 214 214 LEU LEU A . n 
A 1 186 ASP 186 215 215 ASP ASP A . n 
A 1 187 SER 187 216 216 SER SER A . n 
A 1 188 THR 188 217 217 THR THR A . n 
A 1 189 GLN 189 218 218 GLN GLN A . n 
A 1 190 PRO 190 219 219 PRO PRO A . n 
A 1 191 VAL 191 220 220 VAL VAL A . n 
A 1 192 GLU 192 221 221 GLU GLU A . n 
A 1 193 ALA 193 222 222 ALA ALA A . n 
A 1 194 GLY 194 223 223 GLY GLY A . n 
A 1 195 LYS 195 224 224 LYS LYS A . n 
A 1 196 PRO 196 225 225 PRO PRO A . n 
A 1 197 GLU 197 226 226 GLU GLU A . n 
A 1 198 ALA 198 227 227 ALA ALA A . n 
A 1 199 LEU 199 228 228 LEU LEU A . n 
A 1 200 ARG 200 229 229 ARG ARG A . n 
A 1 201 ARG 201 230 ?   ?   ?   A . n 
# 
loop_
_pdbx_nonpoly_scheme.asym_id 
_pdbx_nonpoly_scheme.entity_id 
_pdbx_nonpoly_scheme.mon_id 
_pdbx_nonpoly_scheme.ndb_seq_num 
_pdbx_nonpoly_scheme.pdb_seq_num 
_pdbx_nonpoly_scheme.auth_seq_num 
_pdbx_nonpoly_scheme.pdb_mon_id 
_pdbx_nonpoly_scheme.auth_mon_id 
_pdbx_nonpoly_scheme.pdb_strand_id 
_pdbx_nonpoly_scheme.pdb_ins_code 
B 2 GLY 1   301 1   GLY GLY A . 
C 3 SO4 1   302 1   SO4 SO4 A . 
D 3 SO4 1   303 2   SO4 SO4 A . 
E 4 HOH 1   401 41  HOH HOH A . 
E 4 HOH 2   402 68  HOH HOH A . 
E 4 HOH 3   403 58  HOH HOH A . 
E 4 HOH 4   404 77  HOH HOH A . 
E 4 HOH 5   405 65  HOH HOH A . 
E 4 HOH 6   406 42  HOH HOH A . 
E 4 HOH 7   407 60  HOH HOH A . 
E 4 HOH 8   408 113 HOH HOH A . 
E 4 HOH 9   409 27  HOH HOH A . 
E 4 HOH 10  410 153 HOH HOH A . 
E 4 HOH 11  411 137 HOH HOH A . 
E 4 HOH 12  412 34  HOH HOH A . 
E 4 HOH 13  413 1   HOH HOH A . 
E 4 HOH 14  414 141 HOH HOH A . 
E 4 HOH 15  415 87  HOH HOH A . 
E 4 HOH 16  416 16  HOH HOH A . 
E 4 HOH 17  417 115 HOH HOH A . 
E 4 HOH 18  418 120 HOH HOH A . 
E 4 HOH 19  419 82  HOH HOH A . 
E 4 HOH 20  420 57  HOH HOH A . 
E 4 HOH 21  421 11  HOH HOH A . 
E 4 HOH 22  422 138 HOH HOH A . 
E 4 HOH 23  423 124 HOH HOH A . 
E 4 HOH 24  424 71  HOH HOH A . 
E 4 HOH 25  425 2   HOH HOH A . 
E 4 HOH 26  426 143 HOH HOH A . 
E 4 HOH 27  427 83  HOH HOH A . 
E 4 HOH 28  428 4   HOH HOH A . 
E 4 HOH 29  429 100 HOH HOH A . 
E 4 HOH 30  430 33  HOH HOH A . 
E 4 HOH 31  431 44  HOH HOH A . 
E 4 HOH 32  432 37  HOH HOH A . 
E 4 HOH 33  433 93  HOH HOH A . 
E 4 HOH 34  434 45  HOH HOH A . 
E 4 HOH 35  435 109 HOH HOH A . 
E 4 HOH 36  436 144 HOH HOH A . 
E 4 HOH 37  437 55  HOH HOH A . 
E 4 HOH 38  438 43  HOH HOH A . 
E 4 HOH 39  439 47  HOH HOH A . 
E 4 HOH 40  440 39  HOH HOH A . 
E 4 HOH 41  441 21  HOH HOH A . 
E 4 HOH 42  442 151 HOH HOH A . 
E 4 HOH 43  443 29  HOH HOH A . 
E 4 HOH 44  444 7   HOH HOH A . 
E 4 HOH 45  445 76  HOH HOH A . 
E 4 HOH 46  446 56  HOH HOH A . 
E 4 HOH 47  447 75  HOH HOH A . 
E 4 HOH 48  448 102 HOH HOH A . 
E 4 HOH 49  449 149 HOH HOH A . 
E 4 HOH 50  450 103 HOH HOH A . 
E 4 HOH 51  451 9   HOH HOH A . 
E 4 HOH 52  452 18  HOH HOH A . 
E 4 HOH 53  453 26  HOH HOH A . 
E 4 HOH 54  454 70  HOH HOH A . 
E 4 HOH 55  455 146 HOH HOH A . 
E 4 HOH 56  456 36  HOH HOH A . 
E 4 HOH 57  457 122 HOH HOH A . 
E 4 HOH 58  458 54  HOH HOH A . 
E 4 HOH 59  459 23  HOH HOH A . 
E 4 HOH 60  460 64  HOH HOH A . 
E 4 HOH 61  461 91  HOH HOH A . 
E 4 HOH 62  462 112 HOH HOH A . 
E 4 HOH 63  463 22  HOH HOH A . 
E 4 HOH 64  464 116 HOH HOH A . 
E 4 HOH 65  465 5   HOH HOH A . 
E 4 HOH 66  466 142 HOH HOH A . 
E 4 HOH 67  467 13  HOH HOH A . 
E 4 HOH 68  468 90  HOH HOH A . 
E 4 HOH 69  469 28  HOH HOH A . 
E 4 HOH 70  470 14  HOH HOH A . 
E 4 HOH 71  471 134 HOH HOH A . 
E 4 HOH 72  472 30  HOH HOH A . 
E 4 HOH 73  473 51  HOH HOH A . 
E 4 HOH 74  474 35  HOH HOH A . 
E 4 HOH 75  475 31  HOH HOH A . 
E 4 HOH 76  476 24  HOH HOH A . 
E 4 HOH 77  477 19  HOH HOH A . 
E 4 HOH 78  478 147 HOH HOH A . 
E 4 HOH 79  479 6   HOH HOH A . 
E 4 HOH 80  480 110 HOH HOH A . 
E 4 HOH 81  481 8   HOH HOH A . 
E 4 HOH 82  482 10  HOH HOH A . 
E 4 HOH 83  483 3   HOH HOH A . 
E 4 HOH 84  484 140 HOH HOH A . 
E 4 HOH 85  485 40  HOH HOH A . 
E 4 HOH 86  486 61  HOH HOH A . 
E 4 HOH 87  487 48  HOH HOH A . 
E 4 HOH 88  488 150 HOH HOH A . 
E 4 HOH 89  489 78  HOH HOH A . 
E 4 HOH 90  490 154 HOH HOH A . 
E 4 HOH 91  491 52  HOH HOH A . 
E 4 HOH 92  492 132 HOH HOH A . 
E 4 HOH 93  493 72  HOH HOH A . 
E 4 HOH 94  494 15  HOH HOH A . 
E 4 HOH 95  495 17  HOH HOH A . 
E 4 HOH 96  496 12  HOH HOH A . 
E 4 HOH 97  497 86  HOH HOH A . 
E 4 HOH 98  498 69  HOH HOH A . 
E 4 HOH 99  499 119 HOH HOH A . 
E 4 HOH 100 500 50  HOH HOH A . 
E 4 HOH 101 501 79  HOH HOH A . 
E 4 HOH 102 502 92  HOH HOH A . 
E 4 HOH 103 503 38  HOH HOH A . 
E 4 HOH 104 504 32  HOH HOH A . 
E 4 HOH 105 505 128 HOH HOH A . 
E 4 HOH 106 506 121 HOH HOH A . 
E 4 HOH 107 507 25  HOH HOH A . 
E 4 HOH 108 508 96  HOH HOH A . 
E 4 HOH 109 509 152 HOH HOH A . 
E 4 HOH 110 510 118 HOH HOH A . 
E 4 HOH 111 511 108 HOH HOH A . 
E 4 HOH 112 512 74  HOH HOH A . 
E 4 HOH 113 513 123 HOH HOH A . 
E 4 HOH 114 514 126 HOH HOH A . 
E 4 HOH 115 515 95  HOH HOH A . 
E 4 HOH 116 516 63  HOH HOH A . 
E 4 HOH 117 517 114 HOH HOH A . 
E 4 HOH 118 518 117 HOH HOH A . 
E 4 HOH 119 519 127 HOH HOH A . 
E 4 HOH 120 520 84  HOH HOH A . 
E 4 HOH 121 521 129 HOH HOH A . 
E 4 HOH 122 522 148 HOH HOH A . 
E 4 HOH 123 523 98  HOH HOH A . 
E 4 HOH 124 524 94  HOH HOH A . 
E 4 HOH 125 525 125 HOH HOH A . 
E 4 HOH 126 526 131 HOH HOH A . 
E 4 HOH 127 527 101 HOH HOH A . 
E 4 HOH 128 528 105 HOH HOH A . 
E 4 HOH 129 529 99  HOH HOH A . 
E 4 HOH 130 530 73  HOH HOH A . 
E 4 HOH 131 531 53  HOH HOH A . 
E 4 HOH 132 532 145 HOH HOH A . 
E 4 HOH 133 533 49  HOH HOH A . 
E 4 HOH 134 534 97  HOH HOH A . 
E 4 HOH 135 535 133 HOH HOH A . 
E 4 HOH 136 536 85  HOH HOH A . 
E 4 HOH 137 537 67  HOH HOH A . 
E 4 HOH 138 538 66  HOH HOH A . 
E 4 HOH 139 539 62  HOH HOH A . 
E 4 HOH 140 540 111 HOH HOH A . 
E 4 HOH 141 541 20  HOH HOH A . 
E 4 HOH 142 542 59  HOH HOH A . 
E 4 HOH 143 543 104 HOH HOH A . 
E 4 HOH 144 544 130 HOH HOH A . 
E 4 HOH 145 545 136 HOH HOH A . 
E 4 HOH 146 546 46  HOH HOH A . 
E 4 HOH 147 547 80  HOH HOH A . 
E 4 HOH 148 548 135 HOH HOH A . 
E 4 HOH 149 549 81  HOH HOH A . 
E 4 HOH 150 550 89  HOH HOH A . 
E 4 HOH 151 551 106 HOH HOH A . 
E 4 HOH 152 552 139 HOH HOH A . 
E 4 HOH 153 553 88  HOH HOH A . 
E 4 HOH 154 554 107 HOH HOH A . 
# 
loop_
_pdbx_unobs_or_zero_occ_atoms.id 
_pdbx_unobs_or_zero_occ_atoms.PDB_model_num 
_pdbx_unobs_or_zero_occ_atoms.polymer_flag 
_pdbx_unobs_or_zero_occ_atoms.occupancy_flag 
_pdbx_unobs_or_zero_occ_atoms.auth_asym_id 
_pdbx_unobs_or_zero_occ_atoms.auth_comp_id 
_pdbx_unobs_or_zero_occ_atoms.auth_seq_id 
_pdbx_unobs_or_zero_occ_atoms.PDB_ins_code 
_pdbx_unobs_or_zero_occ_atoms.auth_atom_id 
_pdbx_unobs_or_zero_occ_atoms.label_alt_id 
_pdbx_unobs_or_zero_occ_atoms.label_asym_id 
_pdbx_unobs_or_zero_occ_atoms.label_comp_id 
_pdbx_unobs_or_zero_occ_atoms.label_seq_id 
_pdbx_unobs_or_zero_occ_atoms.label_atom_id 
1  1 Y 1 A LYS 78  ? CE  ? A LYS 49  CE  
2  1 Y 1 A LYS 78  ? NZ  ? A LYS 49  NZ  
3  1 Y 1 A LYS 106 ? NZ  ? A LYS 77  NZ  
4  1 Y 1 A ARG 117 ? CZ  ? A ARG 88  CZ  
5  1 Y 1 A ARG 117 ? NH1 ? A ARG 88  NH1 
6  1 Y 1 A ARG 117 ? NH2 ? A ARG 88  NH2 
7  1 Y 1 A LYS 138 ? CE  ? A LYS 109 CE  
8  1 Y 1 A LYS 138 ? NZ  ? A LYS 109 NZ  
9  1 Y 1 A LYS 142 ? NZ  ? A LYS 113 NZ  
10 1 Y 1 A LYS 168 ? NZ  ? A LYS 139 NZ  
11 1 Y 1 A LYS 224 ? CE  ? A LYS 195 CE  
12 1 Y 1 A LYS 224 ? NZ  ? A LYS 195 NZ  
13 1 Y 1 A GLU 226 ? CD  ? A GLU 197 CD  
14 1 Y 1 A GLU 226 ? OE1 ? A GLU 197 OE1 
15 1 Y 1 A GLU 226 ? OE2 ? A GLU 197 OE2 
16 1 Y 1 A ARG 229 ? CZ  ? A ARG 200 CZ  
17 1 Y 1 A ARG 229 ? NH1 ? A ARG 200 NH1 
18 1 Y 1 A ARG 229 ? NH2 ? A ARG 200 NH2 
# 
loop_
_software.citation_id 
_software.classification 
_software.compiler_name 
_software.compiler_version 
_software.contact_author 
_software.contact_author_email 
_software.date 
_software.description 
_software.dependencies 
_software.hardware 
_software.language 
_software.location 
_software.mods 
_software.name 
_software.os 
_software.os_version 
_software.type 
_software.version 
_software.pdbx_ordinal 
? refinement       ? ? ? ? ? ? ? ? ? ? ? REFMAC  ? ? ? 5.8.0151 1 
? 'data reduction' ? ? ? ? ? ? ? ? ? ? ? iMOSFLM ? ? ? .        2 
? 'data scaling'   ? ? ? ? ? ? ? ? ? ? ? Aimless ? ? ? .        3 
? phasing          ? ? ? ? ? ? ? ? ? ? ? PHASER  ? ? ? .        4 
# 
_cell.angle_alpha                  90.00 
_cell.angle_alpha_esd              ? 
_cell.angle_beta                   90.00 
_cell.angle_beta_esd               ? 
_cell.angle_gamma                  120.00 
_cell.angle_gamma_esd              ? 
_cell.entry_id                     5GO5 
_cell.details                      ? 
_cell.formula_units_Z              ? 
_cell.length_a                     85.840 
_cell.length_a_esd                 ? 
_cell.length_b                     85.840 
_cell.length_b_esd                 ? 
_cell.length_c                     48.200 
_cell.length_c_esd                 ? 
_cell.volume                       ? 
_cell.volume_esd                   ? 
_cell.Z_PDB                        6 
_cell.reciprocal_angle_alpha       ? 
_cell.reciprocal_angle_beta        ? 
_cell.reciprocal_angle_gamma       ? 
_cell.reciprocal_angle_alpha_esd   ? 
_cell.reciprocal_angle_beta_esd    ? 
_cell.reciprocal_angle_gamma_esd   ? 
_cell.reciprocal_length_a          ? 
_cell.reciprocal_length_b          ? 
_cell.reciprocal_length_c          ? 
_cell.reciprocal_length_a_esd      ? 
_cell.reciprocal_length_b_esd      ? 
_cell.reciprocal_length_c_esd      ? 
_cell.pdbx_unique_axis             ? 
# 
_symmetry.entry_id                         5GO5 
_symmetry.cell_setting                     ? 
_symmetry.Int_Tables_number                154 
_symmetry.space_group_name_Hall            ? 
_symmetry.space_group_name_H-M             'P 32 2 1' 
_symmetry.pdbx_full_space_group_name_H-M   ? 
# 
_exptl.absorpt_coefficient_mu     ? 
_exptl.absorpt_correction_T_max   ? 
_exptl.absorpt_correction_T_min   ? 
_exptl.absorpt_correction_type    ? 
_exptl.absorpt_process_details    ? 
_exptl.entry_id                   5GO5 
_exptl.crystals_number            1 
_exptl.details                    ? 
_exptl.method                     'X-RAY DIFFRACTION' 
_exptl.method_details             ? 
# 
_exptl_crystal.colour                      ? 
_exptl_crystal.density_diffrn              ? 
_exptl_crystal.density_Matthews            2.30 
_exptl_crystal.density_method              ? 
_exptl_crystal.density_percent_sol         46.55 
_exptl_crystal.description                 ? 
_exptl_crystal.F_000                       ? 
_exptl_crystal.id                          1 
_exptl_crystal.preparation                 ? 
_exptl_crystal.size_max                    ? 
_exptl_crystal.size_mid                    ? 
_exptl_crystal.size_min                    ? 
_exptl_crystal.size_rad                    ? 
_exptl_crystal.colour_lustre               ? 
_exptl_crystal.colour_modifier             ? 
_exptl_crystal.colour_primary              ? 
_exptl_crystal.density_meas                ? 
_exptl_crystal.density_meas_esd            ? 
_exptl_crystal.density_meas_gt             ? 
_exptl_crystal.density_meas_lt             ? 
_exptl_crystal.density_meas_temp           ? 
_exptl_crystal.density_meas_temp_esd       ? 
_exptl_crystal.density_meas_temp_gt        ? 
_exptl_crystal.density_meas_temp_lt        ? 
_exptl_crystal.pdbx_crystal_image_url      ? 
_exptl_crystal.pdbx_crystal_image_format   ? 
_exptl_crystal.pdbx_mosaicity              ? 
_exptl_crystal.pdbx_mosaicity_esd          ? 
# 
_exptl_crystal_grow.apparatus       ? 
_exptl_crystal_grow.atmosphere      ? 
_exptl_crystal_grow.crystal_id      1 
_exptl_crystal_grow.details         ? 
_exptl_crystal_grow.method          'VAPOR DIFFUSION, HANGING DROP' 
_exptl_crystal_grow.method_ref      ? 
_exptl_crystal_grow.pH              3.75 
_exptl_crystal_grow.pressure        ? 
_exptl_crystal_grow.pressure_esd    ? 
_exptl_crystal_grow.seeding         ? 
_exptl_crystal_grow.seeding_ref     ? 
_exptl_crystal_grow.temp            293 
_exptl_crystal_grow.temp_details    ? 
_exptl_crystal_grow.temp_esd        ? 
_exptl_crystal_grow.time            ? 
_exptl_crystal_grow.pdbx_details    '1.6M ammonium sulfate, 0.1M citric acid pH 3.75' 
_exptl_crystal_grow.pdbx_pH_range   ? 
# 
_diffrn.ambient_environment    ? 
_diffrn.ambient_temp           100 
_diffrn.ambient_temp_details   ? 
_diffrn.ambient_temp_esd       ? 
_diffrn.crystal_id             1 
_diffrn.crystal_support        ? 
_diffrn.crystal_treatment      ? 
_diffrn.details                ? 
_diffrn.id                     1 
_diffrn.ambient_pressure       ? 
_diffrn.ambient_pressure_esd   ? 
_diffrn.ambient_pressure_gt    ? 
_diffrn.ambient_pressure_lt    ? 
_diffrn.ambient_temp_gt        ? 
_diffrn.ambient_temp_lt        ? 
# 
_diffrn_detector.details                      MIRRORS 
_diffrn_detector.detector                     CCD 
_diffrn_detector.diffrn_id                    1 
_diffrn_detector.type                         'MARMOSAIC 225 mm CCD' 
_diffrn_detector.area_resol_mean              ? 
_diffrn_detector.dtime                        ? 
_diffrn_detector.pdbx_frames_total            ? 
_diffrn_detector.pdbx_collection_time_total   ? 
_diffrn_detector.pdbx_collection_date         2014-11-05 
# 
_diffrn_radiation.collimation                      ? 
_diffrn_radiation.diffrn_id                        1 
_diffrn_radiation.filter_edge                      ? 
_diffrn_radiation.inhomogeneity                    ? 
_diffrn_radiation.monochromator                    'SI(111)' 
_diffrn_radiation.polarisn_norm                    ? 
_diffrn_radiation.polarisn_ratio                   ? 
_diffrn_radiation.probe                            ? 
_diffrn_radiation.type                             ? 
_diffrn_radiation.xray_symbol                      ? 
_diffrn_radiation.wavelength_id                    1 
_diffrn_radiation.pdbx_monochromatic_or_laue_m_l   M 
_diffrn_radiation.pdbx_wavelength_list             ? 
_diffrn_radiation.pdbx_wavelength                  ? 
_diffrn_radiation.pdbx_diffrn_protocol             'SINGLE WAVELENGTH' 
_diffrn_radiation.pdbx_analyzer                    ? 
_diffrn_radiation.pdbx_scattering_type             x-ray 
# 
_diffrn_radiation_wavelength.id           1 
_diffrn_radiation_wavelength.wavelength   0.95372 
_diffrn_radiation_wavelength.wt           1.0 
# 
_diffrn_source.current                     ? 
_diffrn_source.details                     ? 
_diffrn_source.diffrn_id                   1 
_diffrn_source.power                       ? 
_diffrn_source.size                        ? 
_diffrn_source.source                      SYNCHROTRON 
_diffrn_source.target                      ? 
_diffrn_source.type                        'ESRF BEAMLINE BM14' 
_diffrn_source.voltage                     ? 
_diffrn_source.take-off_angle              ? 
_diffrn_source.pdbx_wavelength_list        0.95372 
_diffrn_source.pdbx_wavelength             ? 
_diffrn_source.pdbx_synchrotron_beamline   BM14 
_diffrn_source.pdbx_synchrotron_site       ESRF 
# 
_reflns.B_iso_Wilson_estimate            26.5 
_reflns.entry_id                         5GO5 
_reflns.data_reduction_details           ? 
_reflns.data_reduction_method            ? 
_reflns.d_resolution_high                1.65 
_reflns.d_resolution_low                 42.92 
_reflns.details                          ? 
_reflns.limit_h_max                      ? 
_reflns.limit_h_min                      ? 
_reflns.limit_k_max                      ? 
_reflns.limit_k_min                      ? 
_reflns.limit_l_max                      ? 
_reflns.limit_l_min                      ? 
_reflns.number_all                       ? 
_reflns.number_obs                       24903 
_reflns.observed_criterion               ? 
_reflns.observed_criterion_F_max         ? 
_reflns.observed_criterion_F_min         ? 
_reflns.observed_criterion_I_max         ? 
_reflns.observed_criterion_I_min         ? 
_reflns.observed_criterion_sigma_F       ? 
_reflns.observed_criterion_sigma_I       ? 
_reflns.percent_possible_obs             99.9 
_reflns.R_free_details                   ? 
_reflns.Rmerge_F_all                     ? 
_reflns.Rmerge_F_obs                     ? 
_reflns.Friedel_coverage                 ? 
_reflns.number_gt                        ? 
_reflns.threshold_expression             ? 
_reflns.pdbx_redundancy                  9.3 
_reflns.pdbx_Rmerge_I_obs                0.075 
_reflns.pdbx_Rmerge_I_all                ? 
_reflns.pdbx_Rsym_value                  ? 
_reflns.pdbx_netI_over_av_sigmaI         ? 
_reflns.pdbx_netI_over_sigmaI            19.3 
_reflns.pdbx_res_netI_over_av_sigmaI_2   ? 
_reflns.pdbx_res_netI_over_sigmaI_2      ? 
_reflns.pdbx_chi_squared                 ? 
_reflns.pdbx_scaling_rejects             ? 
_reflns.pdbx_d_res_high_opt              ? 
_reflns.pdbx_d_res_low_opt               ? 
_reflns.pdbx_d_res_opt_method            ? 
_reflns.phase_calculation_details        ? 
_reflns.pdbx_Rrim_I_all                  ? 
_reflns.pdbx_Rpim_I_all                  ? 
_reflns.pdbx_d_opt                       ? 
_reflns.pdbx_number_measured_all         ? 
_reflns.pdbx_diffrn_id                   1 
_reflns.pdbx_ordinal                     1 
_reflns.pdbx_CC_half                     0.999 
_reflns.pdbx_R_split                     ? 
# 
_reflns_shell.d_res_high                  1.65 
_reflns_shell.d_res_low                   1.68 
_reflns_shell.meanI_over_sigI_all         ? 
_reflns_shell.meanI_over_sigI_obs         3.3 
_reflns_shell.number_measured_all         ? 
_reflns_shell.number_measured_obs         ? 
_reflns_shell.number_possible             ? 
_reflns_shell.number_unique_all           ? 
_reflns_shell.number_unique_obs           ? 
_reflns_shell.percent_possible_all        99.2 
_reflns_shell.percent_possible_obs        ? 
_reflns_shell.Rmerge_F_all                ? 
_reflns_shell.Rmerge_F_obs                ? 
_reflns_shell.Rmerge_I_all                ? 
_reflns_shell.Rmerge_I_obs                0.778 
_reflns_shell.meanI_over_sigI_gt          ? 
_reflns_shell.meanI_over_uI_all           ? 
_reflns_shell.meanI_over_uI_gt            ? 
_reflns_shell.number_measured_gt          ? 
_reflns_shell.number_unique_gt            ? 
_reflns_shell.percent_possible_gt         ? 
_reflns_shell.Rmerge_F_gt                 ? 
_reflns_shell.Rmerge_I_gt                 ? 
_reflns_shell.pdbx_redundancy             9.4 
_reflns_shell.pdbx_Rsym_value             ? 
_reflns_shell.pdbx_chi_squared            ? 
_reflns_shell.pdbx_netI_over_sigmaI_all   ? 
_reflns_shell.pdbx_netI_over_sigmaI_obs   ? 
_reflns_shell.pdbx_Rrim_I_all             ? 
_reflns_shell.pdbx_Rpim_I_all             ? 
_reflns_shell.pdbx_rejects                ? 
_reflns_shell.pdbx_ordinal                1 
_reflns_shell.pdbx_diffrn_id              1 
_reflns_shell.pdbx_CC_half                0.808 
_reflns_shell.pdbx_R_split                ? 
# 
_refine.aniso_B[1][1]                            0.18 
_refine.aniso_B[1][2]                            0.09 
_refine.aniso_B[1][3]                            -0.00 
_refine.aniso_B[2][2]                            0.18 
_refine.aniso_B[2][3]                            0.00 
_refine.aniso_B[3][3]                            -0.59 
_refine.B_iso_max                                ? 
_refine.B_iso_mean                               20.390 
_refine.B_iso_min                                ? 
_refine.correlation_coeff_Fo_to_Fc               0.965 
_refine.correlation_coeff_Fo_to_Fc_free          0.953 
_refine.details                                  'HYDROGENS HAVE BEEN ADDED IN THE RIDING POSITIONS' 
_refine.diff_density_max                         ? 
_refine.diff_density_max_esd                     ? 
_refine.diff_density_min                         ? 
_refine.diff_density_min_esd                     ? 
_refine.diff_density_rms                         ? 
_refine.diff_density_rms_esd                     ? 
_refine.entry_id                                 5GO5 
_refine.pdbx_refine_id                           'X-RAY DIFFRACTION' 
_refine.ls_abs_structure_details                 ? 
_refine.ls_abs_structure_Flack                   ? 
_refine.ls_abs_structure_Flack_esd               ? 
_refine.ls_abs_structure_Rogers                  ? 
_refine.ls_abs_structure_Rogers_esd              ? 
_refine.ls_d_res_high                            1.65 
_refine.ls_d_res_low                             42.92 
_refine.ls_extinction_coef                       ? 
_refine.ls_extinction_coef_esd                   ? 
_refine.ls_extinction_expression                 ? 
_refine.ls_extinction_method                     ? 
_refine.ls_goodness_of_fit_all                   ? 
_refine.ls_goodness_of_fit_all_esd               ? 
_refine.ls_goodness_of_fit_obs                   ? 
_refine.ls_goodness_of_fit_obs_esd               ? 
_refine.ls_hydrogen_treatment                    ? 
_refine.ls_matrix_type                           ? 
_refine.ls_number_constraints                    ? 
_refine.ls_number_parameters                     ? 
_refine.ls_number_reflns_all                     ? 
_refine.ls_number_reflns_obs                     23644 
_refine.ls_number_reflns_R_free                  1243 
_refine.ls_number_reflns_R_work                  ? 
_refine.ls_number_restraints                     ? 
_refine.ls_percent_reflns_obs                    99.79 
_refine.ls_percent_reflns_R_free                 5.0 
_refine.ls_R_factor_all                          ? 
_refine.ls_R_factor_obs                          0.16272 
_refine.ls_R_factor_R_free                       0.19078 
_refine.ls_R_factor_R_free_error                 ? 
_refine.ls_R_factor_R_free_error_details         ? 
_refine.ls_R_factor_R_work                       0.16124 
_refine.ls_R_Fsqd_factor_obs                     ? 
_refine.ls_R_I_factor_obs                        ? 
_refine.ls_redundancy_reflns_all                 ? 
_refine.ls_redundancy_reflns_obs                 ? 
_refine.ls_restrained_S_all                      ? 
_refine.ls_restrained_S_obs                      ? 
_refine.ls_shift_over_esd_max                    ? 
_refine.ls_shift_over_esd_mean                   ? 
_refine.ls_structure_factor_coef                 ? 
_refine.ls_weighting_details                     ? 
_refine.ls_weighting_scheme                      ? 
_refine.ls_wR_factor_all                         ? 
_refine.ls_wR_factor_obs                         ? 
_refine.ls_wR_factor_R_free                      ? 
_refine.ls_wR_factor_R_work                      ? 
_refine.occupancy_max                            ? 
_refine.occupancy_min                            ? 
_refine.solvent_model_details                    ? 
_refine.solvent_model_param_bsol                 ? 
_refine.solvent_model_param_ksol                 ? 
_refine.ls_R_factor_gt                           ? 
_refine.ls_goodness_of_fit_gt                    ? 
_refine.ls_goodness_of_fit_ref                   ? 
_refine.ls_shift_over_su_max                     ? 
_refine.ls_shift_over_su_max_lt                  ? 
_refine.ls_shift_over_su_mean                    ? 
_refine.ls_shift_over_su_mean_lt                 ? 
_refine.pdbx_ls_sigma_I                          ? 
_refine.pdbx_ls_sigma_F                          ? 
_refine.pdbx_ls_sigma_Fsqd                       ? 
_refine.pdbx_data_cutoff_high_absF               ? 
_refine.pdbx_data_cutoff_high_rms_absF           ? 
_refine.pdbx_data_cutoff_low_absF                ? 
_refine.pdbx_isotropic_thermal_model             ? 
_refine.pdbx_ls_cross_valid_method               'FREE R-VALUE' 
_refine.pdbx_method_to_determine_struct          'MOLECULAR REPLACEMENT' 
_refine.pdbx_starting_model                      3RCC 
_refine.pdbx_stereochemistry_target_values       ? 
_refine.pdbx_R_Free_selection_details            RANDOM 
_refine.pdbx_stereochem_target_val_spec_case     ? 
_refine.pdbx_overall_ESU_R                       0.074 
_refine.pdbx_overall_ESU_R_Free                  0.077 
_refine.pdbx_solvent_vdw_probe_radii             1.20 
_refine.pdbx_solvent_ion_probe_radii             0.80 
_refine.pdbx_solvent_shrinkage_radii             0.80 
_refine.pdbx_real_space_R                        ? 
_refine.pdbx_density_correlation                 ? 
_refine.pdbx_pd_number_of_powder_patterns        ? 
_refine.pdbx_pd_number_of_points                 ? 
_refine.pdbx_pd_meas_number_of_points            ? 
_refine.pdbx_pd_proc_ls_prof_R_factor            ? 
_refine.pdbx_pd_proc_ls_prof_wR_factor           ? 
_refine.pdbx_pd_Marquardt_correlation_coeff      ? 
_refine.pdbx_pd_Fsqrd_R_factor                   ? 
_refine.pdbx_pd_ls_matrix_band_width             ? 
_refine.pdbx_overall_phase_error                 ? 
_refine.pdbx_overall_SU_R_free_Cruickshank_DPI   ? 
_refine.pdbx_overall_SU_R_free_Blow_DPI          ? 
_refine.pdbx_overall_SU_R_Blow_DPI               ? 
_refine.pdbx_TLS_residual_ADP_flag               ? 
_refine.pdbx_diffrn_id                           1 
_refine.overall_SU_B                             1.343 
_refine.overall_SU_ML                            0.046 
_refine.overall_SU_R_Cruickshank_DPI             ? 
_refine.overall_SU_R_free                        ? 
_refine.overall_FOM_free_R_set                   ? 
_refine.overall_FOM_work_R_set                   ? 
_refine.pdbx_average_fsc_overall                 ? 
_refine.pdbx_average_fsc_work                    ? 
_refine.pdbx_average_fsc_free                    ? 
# 
_refine_hist.pdbx_refine_id                   'X-RAY DIFFRACTION' 
_refine_hist.cycle_id                         1 
_refine_hist.pdbx_number_atoms_protein        1197 
_refine_hist.pdbx_number_atoms_nucleic_acid   0 
_refine_hist.pdbx_number_atoms_ligand         15 
_refine_hist.number_atoms_solvent             154 
_refine_hist.number_atoms_total               1366 
_refine_hist.d_res_high                       1.65 
_refine_hist.d_res_low                        42.92 
# 
loop_
_refine_ls_restr.pdbx_refine_id 
_refine_ls_restr.criterion 
_refine_ls_restr.dev_ideal 
_refine_ls_restr.dev_ideal_target 
_refine_ls_restr.number 
_refine_ls_restr.rejects 
_refine_ls_restr.type 
_refine_ls_restr.weight 
_refine_ls_restr.pdbx_restraint_function 
'X-RAY DIFFRACTION' ? 0.014  0.019  1245 ? r_bond_refined_d             ? ? 
'X-RAY DIFFRACTION' ? 0.002  0.020  1140 ? r_bond_other_d               ? ? 
'X-RAY DIFFRACTION' ? 1.580  1.966  1695 ? r_angle_refined_deg          ? ? 
'X-RAY DIFFRACTION' ? 0.985  3.000  2624 ? r_angle_other_deg            ? ? 
'X-RAY DIFFRACTION' ? 6.237  5.000  150  ? r_dihedral_angle_1_deg       ? ? 
'X-RAY DIFFRACTION' ? 34.896 22.500 52   ? r_dihedral_angle_2_deg       ? ? 
'X-RAY DIFFRACTION' ? 9.940  15.000 184  ? r_dihedral_angle_3_deg       ? ? 
'X-RAY DIFFRACTION' ? 13.685 15.000 8    ? r_dihedral_angle_4_deg       ? ? 
'X-RAY DIFFRACTION' ? 0.093  0.200  184  ? r_chiral_restr               ? ? 
'X-RAY DIFFRACTION' ? 0.009  0.021  1370 ? r_gen_planes_refined         ? ? 
'X-RAY DIFFRACTION' ? 0.001  0.020  284  ? r_gen_planes_other           ? ? 
'X-RAY DIFFRACTION' ? ?      ?      ?    ? r_nbd_refined                ? ? 
'X-RAY DIFFRACTION' ? ?      ?      ?    ? r_nbd_other                  ? ? 
'X-RAY DIFFRACTION' ? ?      ?      ?    ? r_nbtor_refined              ? ? 
'X-RAY DIFFRACTION' ? ?      ?      ?    ? r_nbtor_other                ? ? 
'X-RAY DIFFRACTION' ? ?      ?      ?    ? r_xyhbond_nbd_refined        ? ? 
'X-RAY DIFFRACTION' ? ?      ?      ?    ? r_xyhbond_nbd_other          ? ? 
'X-RAY DIFFRACTION' ? ?      ?      ?    ? r_metal_ion_refined          ? ? 
'X-RAY DIFFRACTION' ? ?      ?      ?    ? r_metal_ion_other            ? ? 
'X-RAY DIFFRACTION' ? ?      ?      ?    ? r_symmetry_vdw_refined       ? ? 
'X-RAY DIFFRACTION' ? ?      ?      ?    ? r_symmetry_vdw_other         ? ? 
'X-RAY DIFFRACTION' ? ?      ?      ?    ? r_symmetry_hbond_refined     ? ? 
'X-RAY DIFFRACTION' ? ?      ?      ?    ? r_symmetry_hbond_other       ? ? 
'X-RAY DIFFRACTION' ? ?      ?      ?    ? r_symmetry_metal_ion_refined ? ? 
'X-RAY DIFFRACTION' ? ?      ?      ?    ? r_symmetry_metal_ion_other   ? ? 
'X-RAY DIFFRACTION' ? 1.616  1.773  609  ? r_mcbond_it                  ? ? 
'X-RAY DIFFRACTION' ? 1.583  1.770  608  ? r_mcbond_other               ? ? 
'X-RAY DIFFRACTION' ? 2.435  2.632  756  ? r_mcangle_it                 ? ? 
'X-RAY DIFFRACTION' ? 2.435  2.637  757  ? r_mcangle_other              ? ? 
'X-RAY DIFFRACTION' ? 2.412  2.120  636  ? r_scbond_it                  ? ? 
'X-RAY DIFFRACTION' ? 2.396  2.073  628  ? r_scbond_other               ? ? 
'X-RAY DIFFRACTION' ? ?      ?      ?    ? r_scangle_it                 ? ? 
'X-RAY DIFFRACTION' ? 3.717  2.990  928  ? r_scangle_other              ? ? 
'X-RAY DIFFRACTION' ? 6.196  23.765 1480 ? r_long_range_B_refined       ? ? 
'X-RAY DIFFRACTION' ? 5.843  22.161 1397 ? r_long_range_B_other         ? ? 
'X-RAY DIFFRACTION' ? ?      ?      ?    ? r_rigid_bond_restr           ? ? 
'X-RAY DIFFRACTION' ? ?      ?      ?    ? r_sphericity_free            ? ? 
'X-RAY DIFFRACTION' ? ?      ?      ?    ? r_sphericity_bonded          ? ? 
# 
_refine_ls_shell.pdbx_refine_id                   'X-RAY DIFFRACTION' 
_refine_ls_shell.d_res_high                       1.650 
_refine_ls_shell.d_res_low                        1.693 
_refine_ls_shell.number_reflns_all                ? 
_refine_ls_shell.number_reflns_obs                ? 
_refine_ls_shell.number_reflns_R_free             100 
_refine_ls_shell.number_reflns_R_work             1706 
_refine_ls_shell.percent_reflns_obs               99.23 
_refine_ls_shell.percent_reflns_R_free            ? 
_refine_ls_shell.R_factor_all                     ? 
_refine_ls_shell.R_factor_obs                     ? 
_refine_ls_shell.R_factor_R_free                  0.251 
_refine_ls_shell.R_factor_R_free_error            ? 
_refine_ls_shell.R_factor_R_work                  0.219 
_refine_ls_shell.redundancy_reflns_all            ? 
_refine_ls_shell.redundancy_reflns_obs            ? 
_refine_ls_shell.wR_factor_all                    ? 
_refine_ls_shell.wR_factor_obs                    ? 
_refine_ls_shell.wR_factor_R_free                 ? 
_refine_ls_shell.wR_factor_R_work                 ? 
_refine_ls_shell.pdbx_total_number_of_bins_used   20 
_refine_ls_shell.pdbx_phase_error                 ? 
_refine_ls_shell.pdbx_fsc_work                    ? 
_refine_ls_shell.pdbx_fsc_free                    ? 
# 
_struct.entry_id                     5GO5 
_struct.title                        'Structure of sortase E from Streptomyces avermitilis' 
_struct.pdbx_model_details           ? 
_struct.pdbx_formula_weight          ? 
_struct.pdbx_formula_weight_method   ? 
_struct.pdbx_model_type_details      ? 
_struct.pdbx_CASP_flag               N 
# 
_struct_keywords.entry_id        5GO5 
_struct_keywords.text            'beta barrel, sortase-fold, cysteine transpeptidase, HYDROLASE' 
_struct_keywords.pdbx_keywords   HYDROLASE 
# 
loop_
_struct_asym.id 
_struct_asym.pdbx_blank_PDB_chainid_flag 
_struct_asym.pdbx_modified 
_struct_asym.entity_id 
_struct_asym.details 
A N N 1 ? 
B N N 2 ? 
C N N 3 ? 
D N N 3 ? 
E N N 4 ? 
# 
_struct_ref.id                         1 
_struct_ref.db_name                    UNP 
_struct_ref.db_code                    Q82FC3_STRAW 
_struct_ref.pdbx_db_accession          Q82FC3 
_struct_ref.pdbx_db_isoform            ? 
_struct_ref.entity_id                  1 
_struct_ref.pdbx_seq_one_letter_code   
;KGTVRPTAAPGASARTSPEKPAPYTYGKPFAVMYIPRLGFTWNKPVLEGTGTEVLKKGLGHYANTARLGQKGNFAVAGHR
RTYGDPFKDFPKLRHGDEVVLTDGTTWFTYVIDTGPYKTVPTDVEVIDPVPRKSGYEREGRYLTLTTCEPEWGHSHRLIV
WAHLDSTQPVEAGKPEALRR
;
_struct_ref.pdbx_align_begin           51 
# 
_struct_ref_seq.align_id                      1 
_struct_ref_seq.ref_id                        1 
_struct_ref_seq.pdbx_PDB_id_code              5GO5 
_struct_ref_seq.pdbx_strand_id                A 
_struct_ref_seq.seq_align_beg                 22 
_struct_ref_seq.pdbx_seq_align_beg_ins_code   ? 
_struct_ref_seq.seq_align_end                 201 
_struct_ref_seq.pdbx_seq_align_end_ins_code   ? 
_struct_ref_seq.pdbx_db_accession             Q82FC3 
_struct_ref_seq.db_align_beg                  51 
_struct_ref_seq.pdbx_db_align_beg_ins_code    ? 
_struct_ref_seq.db_align_end                  230 
_struct_ref_seq.pdbx_db_align_end_ins_code    ? 
_struct_ref_seq.pdbx_auth_seq_align_beg       51 
_struct_ref_seq.pdbx_auth_seq_align_end       230 
# 
loop_
_struct_ref_seq_dif.align_id 
_struct_ref_seq_dif.pdbx_pdb_id_code 
_struct_ref_seq_dif.mon_id 
_struct_ref_seq_dif.pdbx_pdb_strand_id 
_struct_ref_seq_dif.seq_num 
_struct_ref_seq_dif.pdbx_pdb_ins_code 
_struct_ref_seq_dif.pdbx_seq_db_name 
_struct_ref_seq_dif.pdbx_seq_db_accession_code 
_struct_ref_seq_dif.db_mon_id 
_struct_ref_seq_dif.pdbx_seq_db_seq_num 
_struct_ref_seq_dif.details 
_struct_ref_seq_dif.pdbx_auth_seq_num 
_struct_ref_seq_dif.pdbx_ordinal 
1 5GO5 MET A 1  ? UNP Q82FC3 ? ? 'expression tag' 30 1  
1 5GO5 GLY A 2  ? UNP Q82FC3 ? ? 'expression tag' 31 2  
1 5GO5 SER A 3  ? UNP Q82FC3 ? ? 'expression tag' 32 3  
1 5GO5 SER A 4  ? UNP Q82FC3 ? ? 'expression tag' 33 4  
1 5GO5 HIS A 5  ? UNP Q82FC3 ? ? 'expression tag' 34 5  
1 5GO5 HIS A 6  ? UNP Q82FC3 ? ? 'expression tag' 35 6  
1 5GO5 HIS A 7  ? UNP Q82FC3 ? ? 'expression tag' 36 7  
1 5GO5 HIS A 8  ? UNP Q82FC3 ? ? 'expression tag' 37 8  
1 5GO5 HIS A 9  ? UNP Q82FC3 ? ? 'expression tag' 38 9  
1 5GO5 HIS A 10 ? UNP Q82FC3 ? ? 'expression tag' 39 10 
1 5GO5 SER A 11 ? UNP Q82FC3 ? ? 'expression tag' 40 11 
1 5GO5 SER A 12 ? UNP Q82FC3 ? ? 'expression tag' 41 12 
1 5GO5 GLY A 13 ? UNP Q82FC3 ? ? 'expression tag' 42 13 
1 5GO5 LEU A 14 ? UNP Q82FC3 ? ? 'expression tag' 43 14 
1 5GO5 VAL A 15 ? UNP Q82FC3 ? ? 'expression tag' 44 15 
1 5GO5 PRO A 16 ? UNP Q82FC3 ? ? 'expression tag' 45 16 
1 5GO5 ARG A 17 ? UNP Q82FC3 ? ? 'expression tag' 46 17 
1 5GO5 GLY A 18 ? UNP Q82FC3 ? ? 'expression tag' 47 18 
1 5GO5 SER A 19 ? UNP Q82FC3 ? ? 'expression tag' 48 19 
1 5GO5 HIS A 20 ? UNP Q82FC3 ? ? 'expression tag' 49 20 
1 5GO5 MET A 21 ? UNP Q82FC3 ? ? 'expression tag' 50 21 
# 
_pdbx_struct_assembly.id                   1 
_pdbx_struct_assembly.details              author_and_software_defined_assembly 
_pdbx_struct_assembly.method_details       PISA 
_pdbx_struct_assembly.oligomeric_details   monomeric 
_pdbx_struct_assembly.oligomeric_count     1 
# 
loop_
_pdbx_struct_assembly_prop.biol_id 
_pdbx_struct_assembly_prop.type 
_pdbx_struct_assembly_prop.value 
_pdbx_struct_assembly_prop.details 
1 'ABSA (A^2)' 280  ? 
1 MORE         -18  ? 
1 'SSA (A^2)'  7560 ? 
# 
_pdbx_struct_assembly_gen.assembly_id       1 
_pdbx_struct_assembly_gen.oper_expression   1 
_pdbx_struct_assembly_gen.asym_id_list      A,B,C,D,E 
# 
_pdbx_struct_oper_list.id                   1 
_pdbx_struct_oper_list.type                 'identity operation' 
_pdbx_struct_oper_list.name                 1_555 
_pdbx_struct_oper_list.symmetry_operation   x,y,z 
_pdbx_struct_oper_list.matrix[1][1]         1.0000000000 
_pdbx_struct_oper_list.matrix[1][2]         0.0000000000 
_pdbx_struct_oper_list.matrix[1][3]         0.0000000000 
_pdbx_struct_oper_list.vector[1]            0.0000000000 
_pdbx_struct_oper_list.matrix[2][1]         0.0000000000 
_pdbx_struct_oper_list.matrix[2][2]         1.0000000000 
_pdbx_struct_oper_list.matrix[2][3]         0.0000000000 
_pdbx_struct_oper_list.vector[2]            0.0000000000 
_pdbx_struct_oper_list.matrix[3][1]         0.0000000000 
_pdbx_struct_oper_list.matrix[3][2]         0.0000000000 
_pdbx_struct_oper_list.matrix[3][3]         1.0000000000 
_pdbx_struct_oper_list.vector[3]            0.0000000000 
# 
loop_
_struct_conf.conf_type_id 
_struct_conf.id 
_struct_conf.pdbx_PDB_helix_id 
_struct_conf.beg_label_comp_id 
_struct_conf.beg_label_asym_id 
_struct_conf.beg_label_seq_id 
_struct_conf.pdbx_beg_PDB_ins_code 
_struct_conf.end_label_comp_id 
_struct_conf.end_label_asym_id 
_struct_conf.end_label_seq_id 
_struct_conf.pdbx_end_PDB_ins_code 
_struct_conf.beg_auth_comp_id 
_struct_conf.beg_auth_asym_id 
_struct_conf.beg_auth_seq_id 
_struct_conf.end_auth_comp_id 
_struct_conf.end_auth_asym_id 
_struct_conf.end_auth_seq_id 
_struct_conf.pdbx_PDB_helix_class 
_struct_conf.details 
_struct_conf.pdbx_PDB_helix_length 
HELX_P HELX_P1 AA1 ILE A 56  ? GLY A 60  ? ILE A 85  GLY A 89  5 ? 5 
HELX_P HELX_P2 AA2 GLY A 72  ? LYS A 77  ? GLY A 101 LYS A 106 1 ? 6 
HELX_P HELX_P3 AA3 ASP A 110 ? LEU A 114 ? ASP A 139 LEU A 143 5 ? 5 
HELX_P HELX_P4 AA4 ASP A 144 ? ASP A 149 ? ASP A 173 ASP A 178 5 ? 6 
HELX_P HELX_P5 AA5 PRO A 152 ? GLY A 156 ? PRO A 181 GLY A 185 5 ? 5 
HELX_P HELX_P6 AA6 GLU A 192 ? GLY A 194 ? GLU A 221 GLY A 223 5 ? 3 
HELX_P HELX_P7 AA7 PRO A 196 ? ARG A 200 ? PRO A 225 ARG A 229 5 ? 5 
# 
_struct_conf_type.id          HELX_P 
_struct_conf_type.criteria    ? 
_struct_conf_type.reference   ? 
# 
loop_
_struct_conn.id 
_struct_conn.conn_type_id 
_struct_conn.pdbx_leaving_atom_flag 
_struct_conn.pdbx_PDB_id 
_struct_conn.ptnr1_label_asym_id 
_struct_conn.ptnr1_label_comp_id 
_struct_conn.ptnr1_label_seq_id 
_struct_conn.ptnr1_label_atom_id 
_struct_conn.pdbx_ptnr1_label_alt_id 
_struct_conn.pdbx_ptnr1_PDB_ins_code 
_struct_conn.pdbx_ptnr1_standard_comp_id 
_struct_conn.ptnr1_symmetry 
_struct_conn.ptnr2_label_asym_id 
_struct_conn.ptnr2_label_comp_id 
_struct_conn.ptnr2_label_seq_id 
_struct_conn.ptnr2_label_atom_id 
_struct_conn.pdbx_ptnr2_label_alt_id 
_struct_conn.pdbx_ptnr2_PDB_ins_code 
_struct_conn.ptnr1_auth_asym_id 
_struct_conn.ptnr1_auth_comp_id 
_struct_conn.ptnr1_auth_seq_id 
_struct_conn.ptnr2_auth_asym_id 
_struct_conn.ptnr2_auth_comp_id 
_struct_conn.ptnr2_auth_seq_id 
_struct_conn.ptnr2_symmetry 
_struct_conn.pdbx_ptnr3_label_atom_id 
_struct_conn.pdbx_ptnr3_label_seq_id 
_struct_conn.pdbx_ptnr3_label_comp_id 
_struct_conn.pdbx_ptnr3_label_asym_id 
_struct_conn.pdbx_ptnr3_label_alt_id 
_struct_conn.pdbx_ptnr3_PDB_ins_code 
_struct_conn.details 
_struct_conn.pdbx_dist_value 
_struct_conn.pdbx_value_order 
_struct_conn.pdbx_role 
covale1 covale both ? A THR 168 C ? ? ? 1_555 A CME 169 N ? ? A THR 197 A CME 198 1_555 ? ? ? ? ? ? ? 1.335 ? ? 
covale2 covale both ? A CME 169 C ? ? ? 1_555 A GLU 170 N ? ? A CME 198 A GLU 199 1_555 ? ? ? ? ? ? ? 1.326 ? ? 
# 
_struct_conn_type.id          covale 
_struct_conn_type.criteria    ? 
_struct_conn_type.reference   ? 
# 
_pdbx_modification_feature.ordinal                            1 
_pdbx_modification_feature.label_comp_id                      CME 
_pdbx_modification_feature.label_asym_id                      A 
_pdbx_modification_feature.label_seq_id                       169 
_pdbx_modification_feature.label_alt_id                       ? 
_pdbx_modification_feature.modified_residue_label_comp_id     . 
_pdbx_modification_feature.modified_residue_label_asym_id     . 
_pdbx_modification_feature.modified_residue_label_seq_id      . 
_pdbx_modification_feature.modified_residue_label_alt_id      . 
_pdbx_modification_feature.auth_comp_id                       CME 
_pdbx_modification_feature.auth_asym_id                       A 
_pdbx_modification_feature.auth_seq_id                        198 
_pdbx_modification_feature.PDB_ins_code                       ? 
_pdbx_modification_feature.symmetry                           1_555 
_pdbx_modification_feature.modified_residue_auth_comp_id      . 
_pdbx_modification_feature.modified_residue_auth_asym_id      . 
_pdbx_modification_feature.modified_residue_auth_seq_id       . 
_pdbx_modification_feature.modified_residue_PDB_ins_code      . 
_pdbx_modification_feature.modified_residue_symmetry          . 
_pdbx_modification_feature.comp_id_linking_atom               . 
_pdbx_modification_feature.modified_residue_id_linking_atom   . 
_pdbx_modification_feature.modified_residue_id                CYS 
_pdbx_modification_feature.ref_pcm_id                         1 
_pdbx_modification_feature.ref_comp_id                        CME 
_pdbx_modification_feature.type                               Beta-mercaptoethanol 
_pdbx_modification_feature.category                           'Named protein modification' 
# 
_struct_mon_prot_cis.pdbx_id                1 
_struct_mon_prot_cis.label_comp_id          GLY 
_struct_mon_prot_cis.label_seq_id           136 
_struct_mon_prot_cis.label_asym_id          A 
_struct_mon_prot_cis.label_alt_id           . 
_struct_mon_prot_cis.pdbx_PDB_ins_code      ? 
_struct_mon_prot_cis.auth_comp_id           GLY 
_struct_mon_prot_cis.auth_seq_id            165 
_struct_mon_prot_cis.auth_asym_id           A 
_struct_mon_prot_cis.pdbx_label_comp_id_2   PRO 
_struct_mon_prot_cis.pdbx_label_seq_id_2    137 
_struct_mon_prot_cis.pdbx_label_asym_id_2   A 
_struct_mon_prot_cis.pdbx_PDB_ins_code_2    ? 
_struct_mon_prot_cis.pdbx_auth_comp_id_2    PRO 
_struct_mon_prot_cis.pdbx_auth_seq_id_2     166 
_struct_mon_prot_cis.pdbx_auth_asym_id_2    A 
_struct_mon_prot_cis.pdbx_PDB_model_num     1 
_struct_mon_prot_cis.pdbx_omega_angle       3.05 
# 
_struct_sheet.id               AA1 
_struct_sheet.type             ? 
_struct_sheet.number_strands   9 
_struct_sheet.details          ? 
# 
loop_
_struct_sheet_order.sheet_id 
_struct_sheet_order.range_id_1 
_struct_sheet_order.range_id_2 
_struct_sheet_order.offset 
_struct_sheet_order.sense 
AA1 1 2 ? anti-parallel 
AA1 2 3 ? parallel      
AA1 3 4 ? anti-parallel 
AA1 4 5 ? parallel      
AA1 5 6 ? anti-parallel 
AA1 6 7 ? anti-parallel 
AA1 7 8 ? anti-parallel 
AA1 8 9 ? anti-parallel 
# 
loop_
_struct_sheet_range.sheet_id 
_struct_sheet_range.id 
_struct_sheet_range.beg_label_comp_id 
_struct_sheet_range.beg_label_asym_id 
_struct_sheet_range.beg_label_seq_id 
_struct_sheet_range.pdbx_beg_PDB_ins_code 
_struct_sheet_range.end_label_comp_id 
_struct_sheet_range.end_label_asym_id 
_struct_sheet_range.end_label_seq_id 
_struct_sheet_range.pdbx_end_PDB_ins_code 
_struct_sheet_range.beg_auth_comp_id 
_struct_sheet_range.beg_auth_asym_id 
_struct_sheet_range.beg_auth_seq_id 
_struct_sheet_range.end_auth_comp_id 
_struct_sheet_range.end_auth_asym_id 
_struct_sheet_range.end_auth_seq_id 
AA1 1 PRO A 50  ? TYR A 55  ? PRO A 79  TYR A 84  
AA1 2 LYS A 65  ? GLU A 69  ? LYS A 94  GLU A 98  
AA1 3 LEU A 80  ? HIS A 82  ? LEU A 109 HIS A 111 
AA1 4 GLY A 93  ? GLY A 99  ? GLY A 122 GLY A 128 
AA1 5 ARG A 162 ? THR A 168 ? ARG A 191 THR A 197 
AA1 6 ARG A 178 ? PRO A 190 ? ARG A 207 PRO A 219 
AA1 7 THR A 127 ? THR A 140 ? THR A 156 THR A 169 
AA1 8 GLU A 119 ? THR A 123 ? GLU A 148 THR A 152 
AA1 9 PRO A 50  ? TYR A 55  ? PRO A 79  TYR A 84  
# 
loop_
_pdbx_struct_sheet_hbond.sheet_id 
_pdbx_struct_sheet_hbond.range_id_1 
_pdbx_struct_sheet_hbond.range_id_2 
_pdbx_struct_sheet_hbond.range_1_label_atom_id 
_pdbx_struct_sheet_hbond.range_1_label_comp_id 
_pdbx_struct_sheet_hbond.range_1_label_asym_id 
_pdbx_struct_sheet_hbond.range_1_label_seq_id 
_pdbx_struct_sheet_hbond.range_1_PDB_ins_code 
_pdbx_struct_sheet_hbond.range_1_auth_atom_id 
_pdbx_struct_sheet_hbond.range_1_auth_comp_id 
_pdbx_struct_sheet_hbond.range_1_auth_asym_id 
_pdbx_struct_sheet_hbond.range_1_auth_seq_id 
_pdbx_struct_sheet_hbond.range_2_label_atom_id 
_pdbx_struct_sheet_hbond.range_2_label_comp_id 
_pdbx_struct_sheet_hbond.range_2_label_asym_id 
_pdbx_struct_sheet_hbond.range_2_label_seq_id 
_pdbx_struct_sheet_hbond.range_2_PDB_ins_code 
_pdbx_struct_sheet_hbond.range_2_auth_atom_id 
_pdbx_struct_sheet_hbond.range_2_auth_comp_id 
_pdbx_struct_sheet_hbond.range_2_auth_asym_id 
_pdbx_struct_sheet_hbond.range_2_auth_seq_id 
AA1 1 2 N MET A 54  ? N MET A 83  O LYS A 65  ? O LYS A 94  
AA1 2 3 N LEU A 68  ? N LEU A 97  O LEU A 80  ? O LEU A 109 
AA1 3 4 N GLY A 81  ? N GLY A 110 O ALA A 98  ? O ALA A 127 
AA1 4 5 N PHE A 95  ? N PHE A 124 O TYR A 163 ? O TYR A 192 
AA1 5 6 N LEU A 164 ? N LEU A 193 O ALA A 183 ? O ALA A 212 
AA1 6 7 O GLN A 189 ? O GLN A 218 N TRP A 128 ? N TRP A 157 
AA1 7 8 O PHE A 129 ? O PHE A 158 N LEU A 122 ? N LEU A 151 
AA1 8 9 O VAL A 121 ? O VAL A 150 N TYR A 55  ? N TYR A 84  
# 
loop_
_struct_site.id 
_struct_site.pdbx_evidence_code 
_struct_site.pdbx_auth_asym_id 
_struct_site.pdbx_auth_comp_id 
_struct_site.pdbx_auth_seq_id 
_struct_site.pdbx_auth_ins_code 
_struct_site.pdbx_num_residues 
_struct_site.details 
AC1 Software A GLY 301 ? 6 'binding site for residue GLY A 301' 
AC2 Software A SO4 302 ? 2 'binding site for residue SO4 A 302' 
AC3 Software A SO4 303 ? 6 'binding site for residue SO4 A 303' 
# 
loop_
_struct_site_gen.id 
_struct_site_gen.site_id 
_struct_site_gen.pdbx_num_res 
_struct_site_gen.label_comp_id 
_struct_site_gen.label_asym_id 
_struct_site_gen.label_seq_id 
_struct_site_gen.pdbx_auth_ins_code 
_struct_site_gen.auth_comp_id 
_struct_site_gen.auth_asym_id 
_struct_site_gen.auth_seq_id 
_struct_site_gen.label_atom_id 
_struct_site_gen.label_alt_id 
_struct_site_gen.symmetry 
_struct_site_gen.details 
1  AC1 6 HIS A 100 ? HIS A 129 . ? 1_555 ? 
2  AC1 6 ARG A 101 ? ARG A 130 . ? 1_555 ? 
3  AC1 6 ARG A 102 ? ARG A 131 . ? 1_555 ? 
4  AC1 6 THR A 103 ? THR A 132 . ? 1_555 ? 
5  AC1 6 CME A 169 ? CME A 198 . ? 1_555 ? 
6  AC1 6 GLU A 170 ? GLU A 199 . ? 1_555 ? 
7  AC2 2 SER A 176 ? SER A 205 . ? 1_555 ? 
8  AC2 2 HIS A 177 ? HIS A 206 . ? 1_555 ? 
9  AC3 6 GLY A 60  ? GLY A 89  . ? 2_564 ? 
10 AC3 6 PHE A 61  ? PHE A 90  . ? 2_564 ? 
11 AC3 6 LYS A 92  ? LYS A 121 . ? 1_555 ? 
12 AC3 6 ARG A 162 ? ARG A 191 . ? 1_555 ? 
13 AC3 6 HOH E .   ? HOH A 409 . ? 1_555 ? 
14 AC3 6 HOH E .   ? HOH A 433 . ? 1_555 ? 
# 
_pdbx_entry_details.entry_id                   5GO5 
_pdbx_entry_details.compound_details           ? 
_pdbx_entry_details.source_details             ? 
_pdbx_entry_details.nonpolymer_details         ? 
_pdbx_entry_details.sequence_details           ? 
_pdbx_entry_details.has_ligand_of_interest     ? 
_pdbx_entry_details.has_protein_modification   Y 
# 
_pdbx_struct_mod_residue.id               1 
_pdbx_struct_mod_residue.label_asym_id    A 
_pdbx_struct_mod_residue.label_comp_id    CME 
_pdbx_struct_mod_residue.label_seq_id     169 
_pdbx_struct_mod_residue.auth_asym_id     A 
_pdbx_struct_mod_residue.auth_comp_id     CME 
_pdbx_struct_mod_residue.auth_seq_id      198 
_pdbx_struct_mod_residue.PDB_ins_code     ? 
_pdbx_struct_mod_residue.parent_comp_id   CYS 
_pdbx_struct_mod_residue.details          'modified residue' 
# 
loop_
_pdbx_unobs_or_zero_occ_residues.id 
_pdbx_unobs_or_zero_occ_residues.PDB_model_num 
_pdbx_unobs_or_zero_occ_residues.polymer_flag 
_pdbx_unobs_or_zero_occ_residues.occupancy_flag 
_pdbx_unobs_or_zero_occ_residues.auth_asym_id 
_pdbx_unobs_or_zero_occ_residues.auth_comp_id 
_pdbx_unobs_or_zero_occ_residues.auth_seq_id 
_pdbx_unobs_or_zero_occ_residues.PDB_ins_code 
_pdbx_unobs_or_zero_occ_residues.label_asym_id 
_pdbx_unobs_or_zero_occ_residues.label_comp_id 
_pdbx_unobs_or_zero_occ_residues.label_seq_id 
1  1 Y 1 A MET 30  ? A MET 1   
2  1 Y 1 A GLY 31  ? A GLY 2   
3  1 Y 1 A SER 32  ? A SER 3   
4  1 Y 1 A SER 33  ? A SER 4   
5  1 Y 1 A HIS 34  ? A HIS 5   
6  1 Y 1 A HIS 35  ? A HIS 6   
7  1 Y 1 A HIS 36  ? A HIS 7   
8  1 Y 1 A HIS 37  ? A HIS 8   
9  1 Y 1 A HIS 38  ? A HIS 9   
10 1 Y 1 A HIS 39  ? A HIS 10  
11 1 Y 1 A SER 40  ? A SER 11  
12 1 Y 1 A SER 41  ? A SER 12  
13 1 Y 1 A GLY 42  ? A GLY 13  
14 1 Y 1 A LEU 43  ? A LEU 14  
15 1 Y 1 A VAL 44  ? A VAL 15  
16 1 Y 1 A PRO 45  ? A PRO 16  
17 1 Y 1 A ARG 46  ? A ARG 17  
18 1 Y 1 A GLY 47  ? A GLY 18  
19 1 Y 1 A SER 48  ? A SER 19  
20 1 Y 1 A HIS 49  ? A HIS 20  
21 1 Y 1 A MET 50  ? A MET 21  
22 1 Y 1 A LYS 51  ? A LYS 22  
23 1 Y 1 A GLY 52  ? A GLY 23  
24 1 Y 1 A THR 53  ? A THR 24  
25 1 Y 1 A VAL 54  ? A VAL 25  
26 1 Y 1 A ARG 55  ? A ARG 26  
27 1 Y 1 A PRO 56  ? A PRO 27  
28 1 Y 1 A THR 57  ? A THR 28  
29 1 Y 1 A ALA 58  ? A ALA 29  
30 1 Y 1 A ALA 59  ? A ALA 30  
31 1 Y 1 A PRO 60  ? A PRO 31  
32 1 Y 1 A GLY 61  ? A GLY 32  
33 1 Y 1 A ALA 62  ? A ALA 33  
34 1 Y 1 A SER 63  ? A SER 34  
35 1 Y 1 A ALA 64  ? A ALA 35  
36 1 Y 1 A ARG 65  ? A ARG 36  
37 1 Y 1 A THR 66  ? A THR 37  
38 1 Y 1 A SER 67  ? A SER 38  
39 1 Y 1 A PRO 68  ? A PRO 39  
40 1 Y 1 A GLU 69  ? A GLU 40  
41 1 Y 1 A LYS 70  ? A LYS 41  
42 1 Y 1 A PRO 71  ? A PRO 42  
43 1 Y 1 A ALA 72  ? A ALA 43  
44 1 Y 1 A PRO 73  ? A PRO 44  
45 1 Y 1 A GLU 201 ? A GLU 172 
46 1 Y 1 A TRP 202 ? A TRP 173 
47 1 Y 1 A GLY 203 ? A GLY 174 
48 1 Y 1 A HIS 204 ? A HIS 175 
49 1 Y 1 A ARG 230 ? A ARG 201 
# 
loop_
_chem_comp_atom.comp_id 
_chem_comp_atom.atom_id 
_chem_comp_atom.type_symbol 
_chem_comp_atom.pdbx_aromatic_flag 
_chem_comp_atom.pdbx_stereo_config 
_chem_comp_atom.pdbx_ordinal 
ALA N    N N N 1   
ALA CA   C N S 2   
ALA C    C N N 3   
ALA O    O N N 4   
ALA CB   C N N 5   
ALA OXT  O N N 6   
ALA H    H N N 7   
ALA H2   H N N 8   
ALA HA   H N N 9   
ALA HB1  H N N 10  
ALA HB2  H N N 11  
ALA HB3  H N N 12  
ALA HXT  H N N 13  
ARG N    N N N 14  
ARG CA   C N S 15  
ARG C    C N N 16  
ARG O    O N N 17  
ARG CB   C N N 18  
ARG CG   C N N 19  
ARG CD   C N N 20  
ARG NE   N N N 21  
ARG CZ   C N N 22  
ARG NH1  N N N 23  
ARG NH2  N N N 24  
ARG OXT  O N N 25  
ARG H    H N N 26  
ARG H2   H N N 27  
ARG HA   H N N 28  
ARG HB2  H N N 29  
ARG HB3  H N N 30  
ARG HG2  H N N 31  
ARG HG3  H N N 32  
ARG HD2  H N N 33  
ARG HD3  H N N 34  
ARG HE   H N N 35  
ARG HH11 H N N 36  
ARG HH12 H N N 37  
ARG HH21 H N N 38  
ARG HH22 H N N 39  
ARG HXT  H N N 40  
ASN N    N N N 41  
ASN CA   C N S 42  
ASN C    C N N 43  
ASN O    O N N 44  
ASN CB   C N N 45  
ASN CG   C N N 46  
ASN OD1  O N N 47  
ASN ND2  N N N 48  
ASN OXT  O N N 49  
ASN H    H N N 50  
ASN H2   H N N 51  
ASN HA   H N N 52  
ASN HB2  H N N 53  
ASN HB3  H N N 54  
ASN HD21 H N N 55  
ASN HD22 H N N 56  
ASN HXT  H N N 57  
ASP N    N N N 58  
ASP CA   C N S 59  
ASP C    C N N 60  
ASP O    O N N 61  
ASP CB   C N N 62  
ASP CG   C N N 63  
ASP OD1  O N N 64  
ASP OD2  O N N 65  
ASP OXT  O N N 66  
ASP H    H N N 67  
ASP H2   H N N 68  
ASP HA   H N N 69  
ASP HB2  H N N 70  
ASP HB3  H N N 71  
ASP HD2  H N N 72  
ASP HXT  H N N 73  
CME N    N N N 74  
CME CA   C N R 75  
CME CB   C N N 76  
CME SG   S N N 77  
CME SD   S N N 78  
CME CE   C N N 79  
CME CZ   C N N 80  
CME OH   O N N 81  
CME C    C N N 82  
CME O    O N N 83  
CME OXT  O N N 84  
CME H    H N N 85  
CME H2   H N N 86  
CME HA   H N N 87  
CME HB2  H N N 88  
CME HB3  H N N 89  
CME HE2  H N N 90  
CME HE3  H N N 91  
CME HZ2  H N N 92  
CME HZ3  H N N 93  
CME HH   H N N 94  
CME HXT  H N N 95  
GLN N    N N N 96  
GLN CA   C N S 97  
GLN C    C N N 98  
GLN O    O N N 99  
GLN CB   C N N 100 
GLN CG   C N N 101 
GLN CD   C N N 102 
GLN OE1  O N N 103 
GLN NE2  N N N 104 
GLN OXT  O N N 105 
GLN H    H N N 106 
GLN H2   H N N 107 
GLN HA   H N N 108 
GLN HB2  H N N 109 
GLN HB3  H N N 110 
GLN HG2  H N N 111 
GLN HG3  H N N 112 
GLN HE21 H N N 113 
GLN HE22 H N N 114 
GLN HXT  H N N 115 
GLU N    N N N 116 
GLU CA   C N S 117 
GLU C    C N N 118 
GLU O    O N N 119 
GLU CB   C N N 120 
GLU CG   C N N 121 
GLU CD   C N N 122 
GLU OE1  O N N 123 
GLU OE2  O N N 124 
GLU OXT  O N N 125 
GLU H    H N N 126 
GLU H2   H N N 127 
GLU HA   H N N 128 
GLU HB2  H N N 129 
GLU HB3  H N N 130 
GLU HG2  H N N 131 
GLU HG3  H N N 132 
GLU HE2  H N N 133 
GLU HXT  H N N 134 
GLY N    N N N 135 
GLY CA   C N N 136 
GLY C    C N N 137 
GLY O    O N N 138 
GLY OXT  O N N 139 
GLY H    H N N 140 
GLY H2   H N N 141 
GLY HA2  H N N 142 
GLY HA3  H N N 143 
GLY HXT  H N N 144 
HIS N    N N N 145 
HIS CA   C N S 146 
HIS C    C N N 147 
HIS O    O N N 148 
HIS CB   C N N 149 
HIS CG   C Y N 150 
HIS ND1  N Y N 151 
HIS CD2  C Y N 152 
HIS CE1  C Y N 153 
HIS NE2  N Y N 154 
HIS OXT  O N N 155 
HIS H    H N N 156 
HIS H2   H N N 157 
HIS HA   H N N 158 
HIS HB2  H N N 159 
HIS HB3  H N N 160 
HIS HD1  H N N 161 
HIS HD2  H N N 162 
HIS HE1  H N N 163 
HIS HE2  H N N 164 
HIS HXT  H N N 165 
HOH O    O N N 166 
HOH H1   H N N 167 
HOH H2   H N N 168 
ILE N    N N N 169 
ILE CA   C N S 170 
ILE C    C N N 171 
ILE O    O N N 172 
ILE CB   C N S 173 
ILE CG1  C N N 174 
ILE CG2  C N N 175 
ILE CD1  C N N 176 
ILE OXT  O N N 177 
ILE H    H N N 178 
ILE H2   H N N 179 
ILE HA   H N N 180 
ILE HB   H N N 181 
ILE HG12 H N N 182 
ILE HG13 H N N 183 
ILE HG21 H N N 184 
ILE HG22 H N N 185 
ILE HG23 H N N 186 
ILE HD11 H N N 187 
ILE HD12 H N N 188 
ILE HD13 H N N 189 
ILE HXT  H N N 190 
LEU N    N N N 191 
LEU CA   C N S 192 
LEU C    C N N 193 
LEU O    O N N 194 
LEU CB   C N N 195 
LEU CG   C N N 196 
LEU CD1  C N N 197 
LEU CD2  C N N 198 
LEU OXT  O N N 199 
LEU H    H N N 200 
LEU H2   H N N 201 
LEU HA   H N N 202 
LEU HB2  H N N 203 
LEU HB3  H N N 204 
LEU HG   H N N 205 
LEU HD11 H N N 206 
LEU HD12 H N N 207 
LEU HD13 H N N 208 
LEU HD21 H N N 209 
LEU HD22 H N N 210 
LEU HD23 H N N 211 
LEU HXT  H N N 212 
LYS N    N N N 213 
LYS CA   C N S 214 
LYS C    C N N 215 
LYS O    O N N 216 
LYS CB   C N N 217 
LYS CG   C N N 218 
LYS CD   C N N 219 
LYS CE   C N N 220 
LYS NZ   N N N 221 
LYS OXT  O N N 222 
LYS H    H N N 223 
LYS H2   H N N 224 
LYS HA   H N N 225 
LYS HB2  H N N 226 
LYS HB3  H N N 227 
LYS HG2  H N N 228 
LYS HG3  H N N 229 
LYS HD2  H N N 230 
LYS HD3  H N N 231 
LYS HE2  H N N 232 
LYS HE3  H N N 233 
LYS HZ1  H N N 234 
LYS HZ2  H N N 235 
LYS HZ3  H N N 236 
LYS HXT  H N N 237 
MET N    N N N 238 
MET CA   C N S 239 
MET C    C N N 240 
MET O    O N N 241 
MET CB   C N N 242 
MET CG   C N N 243 
MET SD   S N N 244 
MET CE   C N N 245 
MET OXT  O N N 246 
MET H    H N N 247 
MET H2   H N N 248 
MET HA   H N N 249 
MET HB2  H N N 250 
MET HB3  H N N 251 
MET HG2  H N N 252 
MET HG3  H N N 253 
MET HE1  H N N 254 
MET HE2  H N N 255 
MET HE3  H N N 256 
MET HXT  H N N 257 
PHE N    N N N 258 
PHE CA   C N S 259 
PHE C    C N N 260 
PHE O    O N N 261 
PHE CB   C N N 262 
PHE CG   C Y N 263 
PHE CD1  C Y N 264 
PHE CD2  C Y N 265 
PHE CE1  C Y N 266 
PHE CE2  C Y N 267 
PHE CZ   C Y N 268 
PHE OXT  O N N 269 
PHE H    H N N 270 
PHE H2   H N N 271 
PHE HA   H N N 272 
PHE HB2  H N N 273 
PHE HB3  H N N 274 
PHE HD1  H N N 275 
PHE HD2  H N N 276 
PHE HE1  H N N 277 
PHE HE2  H N N 278 
PHE HZ   H N N 279 
PHE HXT  H N N 280 
PRO N    N N N 281 
PRO CA   C N S 282 
PRO C    C N N 283 
PRO O    O N N 284 
PRO CB   C N N 285 
PRO CG   C N N 286 
PRO CD   C N N 287 
PRO OXT  O N N 288 
PRO H    H N N 289 
PRO HA   H N N 290 
PRO HB2  H N N 291 
PRO HB3  H N N 292 
PRO HG2  H N N 293 
PRO HG3  H N N 294 
PRO HD2  H N N 295 
PRO HD3  H N N 296 
PRO HXT  H N N 297 
SER N    N N N 298 
SER CA   C N S 299 
SER C    C N N 300 
SER O    O N N 301 
SER CB   C N N 302 
SER OG   O N N 303 
SER OXT  O N N 304 
SER H    H N N 305 
SER H2   H N N 306 
SER HA   H N N 307 
SER HB2  H N N 308 
SER HB3  H N N 309 
SER HG   H N N 310 
SER HXT  H N N 311 
SO4 S    S N N 312 
SO4 O1   O N N 313 
SO4 O2   O N N 314 
SO4 O3   O N N 315 
SO4 O4   O N N 316 
THR N    N N N 317 
THR CA   C N S 318 
THR C    C N N 319 
THR O    O N N 320 
THR CB   C N R 321 
THR OG1  O N N 322 
THR CG2  C N N 323 
THR OXT  O N N 324 
THR H    H N N 325 
THR H2   H N N 326 
THR HA   H N N 327 
THR HB   H N N 328 
THR HG1  H N N 329 
THR HG21 H N N 330 
THR HG22 H N N 331 
THR HG23 H N N 332 
THR HXT  H N N 333 
TRP N    N N N 334 
TRP CA   C N S 335 
TRP C    C N N 336 
TRP O    O N N 337 
TRP CB   C N N 338 
TRP CG   C Y N 339 
TRP CD1  C Y N 340 
TRP CD2  C Y N 341 
TRP NE1  N Y N 342 
TRP CE2  C Y N 343 
TRP CE3  C Y N 344 
TRP CZ2  C Y N 345 
TRP CZ3  C Y N 346 
TRP CH2  C Y N 347 
TRP OXT  O N N 348 
TRP H    H N N 349 
TRP H2   H N N 350 
TRP HA   H N N 351 
TRP HB2  H N N 352 
TRP HB3  H N N 353 
TRP HD1  H N N 354 
TRP HE1  H N N 355 
TRP HE3  H N N 356 
TRP HZ2  H N N 357 
TRP HZ3  H N N 358 
TRP HH2  H N N 359 
TRP HXT  H N N 360 
TYR N    N N N 361 
TYR CA   C N S 362 
TYR C    C N N 363 
TYR O    O N N 364 
TYR CB   C N N 365 
TYR CG   C Y N 366 
TYR CD1  C Y N 367 
TYR CD2  C Y N 368 
TYR CE1  C Y N 369 
TYR CE2  C Y N 370 
TYR CZ   C Y N 371 
TYR OH   O N N 372 
TYR OXT  O N N 373 
TYR H    H N N 374 
TYR H2   H N N 375 
TYR HA   H N N 376 
TYR HB2  H N N 377 
TYR HB3  H N N 378 
TYR HD1  H N N 379 
TYR HD2  H N N 380 
TYR HE1  H N N 381 
TYR HE2  H N N 382 
TYR HH   H N N 383 
TYR HXT  H N N 384 
VAL N    N N N 385 
VAL CA   C N S 386 
VAL C    C N N 387 
VAL O    O N N 388 
VAL CB   C N N 389 
VAL CG1  C N N 390 
VAL CG2  C N N 391 
VAL OXT  O N N 392 
VAL H    H N N 393 
VAL H2   H N N 394 
VAL HA   H N N 395 
VAL HB   H N N 396 
VAL HG11 H N N 397 
VAL HG12 H N N 398 
VAL HG13 H N N 399 
VAL HG21 H N N 400 
VAL HG22 H N N 401 
VAL HG23 H N N 402 
VAL HXT  H N N 403 
# 
loop_
_chem_comp_bond.comp_id 
_chem_comp_bond.atom_id_1 
_chem_comp_bond.atom_id_2 
_chem_comp_bond.value_order 
_chem_comp_bond.pdbx_aromatic_flag 
_chem_comp_bond.pdbx_stereo_config 
_chem_comp_bond.pdbx_ordinal 
ALA N   CA   sing N N 1   
ALA N   H    sing N N 2   
ALA N   H2   sing N N 3   
ALA CA  C    sing N N 4   
ALA CA  CB   sing N N 5   
ALA CA  HA   sing N N 6   
ALA C   O    doub N N 7   
ALA C   OXT  sing N N 8   
ALA CB  HB1  sing N N 9   
ALA CB  HB2  sing N N 10  
ALA CB  HB3  sing N N 11  
ALA OXT HXT  sing N N 12  
ARG N   CA   sing N N 13  
ARG N   H    sing N N 14  
ARG N   H2   sing N N 15  
ARG CA  C    sing N N 16  
ARG CA  CB   sing N N 17  
ARG CA  HA   sing N N 18  
ARG C   O    doub N N 19  
ARG C   OXT  sing N N 20  
ARG CB  CG   sing N N 21  
ARG CB  HB2  sing N N 22  
ARG CB  HB3  sing N N 23  
ARG CG  CD   sing N N 24  
ARG CG  HG2  sing N N 25  
ARG CG  HG3  sing N N 26  
ARG CD  NE   sing N N 27  
ARG CD  HD2  sing N N 28  
ARG CD  HD3  sing N N 29  
ARG NE  CZ   sing N N 30  
ARG NE  HE   sing N N 31  
ARG CZ  NH1  sing N N 32  
ARG CZ  NH2  doub N N 33  
ARG NH1 HH11 sing N N 34  
ARG NH1 HH12 sing N N 35  
ARG NH2 HH21 sing N N 36  
ARG NH2 HH22 sing N N 37  
ARG OXT HXT  sing N N 38  
ASN N   CA   sing N N 39  
ASN N   H    sing N N 40  
ASN N   H2   sing N N 41  
ASN CA  C    sing N N 42  
ASN CA  CB   sing N N 43  
ASN CA  HA   sing N N 44  
ASN C   O    doub N N 45  
ASN C   OXT  sing N N 46  
ASN CB  CG   sing N N 47  
ASN CB  HB2  sing N N 48  
ASN CB  HB3  sing N N 49  
ASN CG  OD1  doub N N 50  
ASN CG  ND2  sing N N 51  
ASN ND2 HD21 sing N N 52  
ASN ND2 HD22 sing N N 53  
ASN OXT HXT  sing N N 54  
ASP N   CA   sing N N 55  
ASP N   H    sing N N 56  
ASP N   H2   sing N N 57  
ASP CA  C    sing N N 58  
ASP CA  CB   sing N N 59  
ASP CA  HA   sing N N 60  
ASP C   O    doub N N 61  
ASP C   OXT  sing N N 62  
ASP CB  CG   sing N N 63  
ASP CB  HB2  sing N N 64  
ASP CB  HB3  sing N N 65  
ASP CG  OD1  doub N N 66  
ASP CG  OD2  sing N N 67  
ASP OD2 HD2  sing N N 68  
ASP OXT HXT  sing N N 69  
CME N   CA   sing N N 70  
CME N   H    sing N N 71  
CME N   H2   sing N N 72  
CME CA  CB   sing N N 73  
CME CA  C    sing N N 74  
CME CA  HA   sing N N 75  
CME CB  SG   sing N N 76  
CME CB  HB2  sing N N 77  
CME CB  HB3  sing N N 78  
CME SG  SD   sing N N 79  
CME SD  CE   sing N N 80  
CME CE  CZ   sing N N 81  
CME CE  HE2  sing N N 82  
CME CE  HE3  sing N N 83  
CME CZ  OH   sing N N 84  
CME CZ  HZ2  sing N N 85  
CME CZ  HZ3  sing N N 86  
CME OH  HH   sing N N 87  
CME C   O    doub N N 88  
CME C   OXT  sing N N 89  
CME OXT HXT  sing N N 90  
GLN N   CA   sing N N 91  
GLN N   H    sing N N 92  
GLN N   H2   sing N N 93  
GLN CA  C    sing N N 94  
GLN CA  CB   sing N N 95  
GLN CA  HA   sing N N 96  
GLN C   O    doub N N 97  
GLN C   OXT  sing N N 98  
GLN CB  CG   sing N N 99  
GLN CB  HB2  sing N N 100 
GLN CB  HB3  sing N N 101 
GLN CG  CD   sing N N 102 
GLN CG  HG2  sing N N 103 
GLN CG  HG3  sing N N 104 
GLN CD  OE1  doub N N 105 
GLN CD  NE2  sing N N 106 
GLN NE2 HE21 sing N N 107 
GLN NE2 HE22 sing N N 108 
GLN OXT HXT  sing N N 109 
GLU N   CA   sing N N 110 
GLU N   H    sing N N 111 
GLU N   H2   sing N N 112 
GLU CA  C    sing N N 113 
GLU CA  CB   sing N N 114 
GLU CA  HA   sing N N 115 
GLU C   O    doub N N 116 
GLU C   OXT  sing N N 117 
GLU CB  CG   sing N N 118 
GLU CB  HB2  sing N N 119 
GLU CB  HB3  sing N N 120 
GLU CG  CD   sing N N 121 
GLU CG  HG2  sing N N 122 
GLU CG  HG3  sing N N 123 
GLU CD  OE1  doub N N 124 
GLU CD  OE2  sing N N 125 
GLU OE2 HE2  sing N N 126 
GLU OXT HXT  sing N N 127 
GLY N   CA   sing N N 128 
GLY N   H    sing N N 129 
GLY N   H2   sing N N 130 
GLY CA  C    sing N N 131 
GLY CA  HA2  sing N N 132 
GLY CA  HA3  sing N N 133 
GLY C   O    doub N N 134 
GLY C   OXT  sing N N 135 
GLY OXT HXT  sing N N 136 
HIS N   CA   sing N N 137 
HIS N   H    sing N N 138 
HIS N   H2   sing N N 139 
HIS CA  C    sing N N 140 
HIS CA  CB   sing N N 141 
HIS CA  HA   sing N N 142 
HIS C   O    doub N N 143 
HIS C   OXT  sing N N 144 
HIS CB  CG   sing N N 145 
HIS CB  HB2  sing N N 146 
HIS CB  HB3  sing N N 147 
HIS CG  ND1  sing Y N 148 
HIS CG  CD2  doub Y N 149 
HIS ND1 CE1  doub Y N 150 
HIS ND1 HD1  sing N N 151 
HIS CD2 NE2  sing Y N 152 
HIS CD2 HD2  sing N N 153 
HIS CE1 NE2  sing Y N 154 
HIS CE1 HE1  sing N N 155 
HIS NE2 HE2  sing N N 156 
HIS OXT HXT  sing N N 157 
HOH O   H1   sing N N 158 
HOH O   H2   sing N N 159 
ILE N   CA   sing N N 160 
ILE N   H    sing N N 161 
ILE N   H2   sing N N 162 
ILE CA  C    sing N N 163 
ILE CA  CB   sing N N 164 
ILE CA  HA   sing N N 165 
ILE C   O    doub N N 166 
ILE C   OXT  sing N N 167 
ILE CB  CG1  sing N N 168 
ILE CB  CG2  sing N N 169 
ILE CB  HB   sing N N 170 
ILE CG1 CD1  sing N N 171 
ILE CG1 HG12 sing N N 172 
ILE CG1 HG13 sing N N 173 
ILE CG2 HG21 sing N N 174 
ILE CG2 HG22 sing N N 175 
ILE CG2 HG23 sing N N 176 
ILE CD1 HD11 sing N N 177 
ILE CD1 HD12 sing N N 178 
ILE CD1 HD13 sing N N 179 
ILE OXT HXT  sing N N 180 
LEU N   CA   sing N N 181 
LEU N   H    sing N N 182 
LEU N   H2   sing N N 183 
LEU CA  C    sing N N 184 
LEU CA  CB   sing N N 185 
LEU CA  HA   sing N N 186 
LEU C   O    doub N N 187 
LEU C   OXT  sing N N 188 
LEU CB  CG   sing N N 189 
LEU CB  HB2  sing N N 190 
LEU CB  HB3  sing N N 191 
LEU CG  CD1  sing N N 192 
LEU CG  CD2  sing N N 193 
LEU CG  HG   sing N N 194 
LEU CD1 HD11 sing N N 195 
LEU CD1 HD12 sing N N 196 
LEU CD1 HD13 sing N N 197 
LEU CD2 HD21 sing N N 198 
LEU CD2 HD22 sing N N 199 
LEU CD2 HD23 sing N N 200 
LEU OXT HXT  sing N N 201 
LYS N   CA   sing N N 202 
LYS N   H    sing N N 203 
LYS N   H2   sing N N 204 
LYS CA  C    sing N N 205 
LYS CA  CB   sing N N 206 
LYS CA  HA   sing N N 207 
LYS C   O    doub N N 208 
LYS C   OXT  sing N N 209 
LYS CB  CG   sing N N 210 
LYS CB  HB2  sing N N 211 
LYS CB  HB3  sing N N 212 
LYS CG  CD   sing N N 213 
LYS CG  HG2  sing N N 214 
LYS CG  HG3  sing N N 215 
LYS CD  CE   sing N N 216 
LYS CD  HD2  sing N N 217 
LYS CD  HD3  sing N N 218 
LYS CE  NZ   sing N N 219 
LYS CE  HE2  sing N N 220 
LYS CE  HE3  sing N N 221 
LYS NZ  HZ1  sing N N 222 
LYS NZ  HZ2  sing N N 223 
LYS NZ  HZ3  sing N N 224 
LYS OXT HXT  sing N N 225 
MET N   CA   sing N N 226 
MET N   H    sing N N 227 
MET N   H2   sing N N 228 
MET CA  C    sing N N 229 
MET CA  CB   sing N N 230 
MET CA  HA   sing N N 231 
MET C   O    doub N N 232 
MET C   OXT  sing N N 233 
MET CB  CG   sing N N 234 
MET CB  HB2  sing N N 235 
MET CB  HB3  sing N N 236 
MET CG  SD   sing N N 237 
MET CG  HG2  sing N N 238 
MET CG  HG3  sing N N 239 
MET SD  CE   sing N N 240 
MET CE  HE1  sing N N 241 
MET CE  HE2  sing N N 242 
MET CE  HE3  sing N N 243 
MET OXT HXT  sing N N 244 
PHE N   CA   sing N N 245 
PHE N   H    sing N N 246 
PHE N   H2   sing N N 247 
PHE CA  C    sing N N 248 
PHE CA  CB   sing N N 249 
PHE CA  HA   sing N N 250 
PHE C   O    doub N N 251 
PHE C   OXT  sing N N 252 
PHE CB  CG   sing N N 253 
PHE CB  HB2  sing N N 254 
PHE CB  HB3  sing N N 255 
PHE CG  CD1  doub Y N 256 
PHE CG  CD2  sing Y N 257 
PHE CD1 CE1  sing Y N 258 
PHE CD1 HD1  sing N N 259 
PHE CD2 CE2  doub Y N 260 
PHE CD2 HD2  sing N N 261 
PHE CE1 CZ   doub Y N 262 
PHE CE1 HE1  sing N N 263 
PHE CE2 CZ   sing Y N 264 
PHE CE2 HE2  sing N N 265 
PHE CZ  HZ   sing N N 266 
PHE OXT HXT  sing N N 267 
PRO N   CA   sing N N 268 
PRO N   CD   sing N N 269 
PRO N   H    sing N N 270 
PRO CA  C    sing N N 271 
PRO CA  CB   sing N N 272 
PRO CA  HA   sing N N 273 
PRO C   O    doub N N 274 
PRO C   OXT  sing N N 275 
PRO CB  CG   sing N N 276 
PRO CB  HB2  sing N N 277 
PRO CB  HB3  sing N N 278 
PRO CG  CD   sing N N 279 
PRO CG  HG2  sing N N 280 
PRO CG  HG3  sing N N 281 
PRO CD  HD2  sing N N 282 
PRO CD  HD3  sing N N 283 
PRO OXT HXT  sing N N 284 
SER N   CA   sing N N 285 
SER N   H    sing N N 286 
SER N   H2   sing N N 287 
SER CA  C    sing N N 288 
SER CA  CB   sing N N 289 
SER CA  HA   sing N N 290 
SER C   O    doub N N 291 
SER C   OXT  sing N N 292 
SER CB  OG   sing N N 293 
SER CB  HB2  sing N N 294 
SER CB  HB3  sing N N 295 
SER OG  HG   sing N N 296 
SER OXT HXT  sing N N 297 
SO4 S   O1   doub N N 298 
SO4 S   O2   doub N N 299 
SO4 S   O3   sing N N 300 
SO4 S   O4   sing N N 301 
THR N   CA   sing N N 302 
THR N   H    sing N N 303 
THR N   H2   sing N N 304 
THR CA  C    sing N N 305 
THR CA  CB   sing N N 306 
THR CA  HA   sing N N 307 
THR C   O    doub N N 308 
THR C   OXT  sing N N 309 
THR CB  OG1  sing N N 310 
THR CB  CG2  sing N N 311 
THR CB  HB   sing N N 312 
THR OG1 HG1  sing N N 313 
THR CG2 HG21 sing N N 314 
THR CG2 HG22 sing N N 315 
THR CG2 HG23 sing N N 316 
THR OXT HXT  sing N N 317 
TRP N   CA   sing N N 318 
TRP N   H    sing N N 319 
TRP N   H2   sing N N 320 
TRP CA  C    sing N N 321 
TRP CA  CB   sing N N 322 
TRP CA  HA   sing N N 323 
TRP C   O    doub N N 324 
TRP C   OXT  sing N N 325 
TRP CB  CG   sing N N 326 
TRP CB  HB2  sing N N 327 
TRP CB  HB3  sing N N 328 
TRP CG  CD1  doub Y N 329 
TRP CG  CD2  sing Y N 330 
TRP CD1 NE1  sing Y N 331 
TRP CD1 HD1  sing N N 332 
TRP CD2 CE2  doub Y N 333 
TRP CD2 CE3  sing Y N 334 
TRP NE1 CE2  sing Y N 335 
TRP NE1 HE1  sing N N 336 
TRP CE2 CZ2  sing Y N 337 
TRP CE3 CZ3  doub Y N 338 
TRP CE3 HE3  sing N N 339 
TRP CZ2 CH2  doub Y N 340 
TRP CZ2 HZ2  sing N N 341 
TRP CZ3 CH2  sing Y N 342 
TRP CZ3 HZ3  sing N N 343 
TRP CH2 HH2  sing N N 344 
TRP OXT HXT  sing N N 345 
TYR N   CA   sing N N 346 
TYR N   H    sing N N 347 
TYR N   H2   sing N N 348 
TYR CA  C    sing N N 349 
TYR CA  CB   sing N N 350 
TYR CA  HA   sing N N 351 
TYR C   O    doub N N 352 
TYR C   OXT  sing N N 353 
TYR CB  CG   sing N N 354 
TYR CB  HB2  sing N N 355 
TYR CB  HB3  sing N N 356 
TYR CG  CD1  doub Y N 357 
TYR CG  CD2  sing Y N 358 
TYR CD1 CE1  sing Y N 359 
TYR CD1 HD1  sing N N 360 
TYR CD2 CE2  doub Y N 361 
TYR CD2 HD2  sing N N 362 
TYR CE1 CZ   doub Y N 363 
TYR CE1 HE1  sing N N 364 
TYR CE2 CZ   sing Y N 365 
TYR CE2 HE2  sing N N 366 
TYR CZ  OH   sing N N 367 
TYR OH  HH   sing N N 368 
TYR OXT HXT  sing N N 369 
VAL N   CA   sing N N 370 
VAL N   H    sing N N 371 
VAL N   H2   sing N N 372 
VAL CA  C    sing N N 373 
VAL CA  CB   sing N N 374 
VAL CA  HA   sing N N 375 
VAL C   O    doub N N 376 
VAL C   OXT  sing N N 377 
VAL CB  CG1  sing N N 378 
VAL CB  CG2  sing N N 379 
VAL CB  HB   sing N N 380 
VAL CG1 HG11 sing N N 381 
VAL CG1 HG12 sing N N 382 
VAL CG1 HG13 sing N N 383 
VAL CG2 HG21 sing N N 384 
VAL CG2 HG22 sing N N 385 
VAL CG2 HG23 sing N N 386 
VAL OXT HXT  sing N N 387 
# 
_pdbx_initial_refinement_model.id               1 
_pdbx_initial_refinement_model.entity_id_list   ? 
_pdbx_initial_refinement_model.type             'experimental model' 
_pdbx_initial_refinement_model.source_name      PDB 
_pdbx_initial_refinement_model.accession_code   3RCC 
_pdbx_initial_refinement_model.details          ? 
# 
_atom_sites.entry_id                    5GO5 
_atom_sites.fract_transf_matrix[1][1]   0.01259234 
_atom_sites.fract_transf_matrix[1][2]   -0.00436585 
_atom_sites.fract_transf_matrix[1][3]   -0.00182588 
_atom_sites.fract_transf_matrix[2][1]   0.00386648 
_atom_sites.fract_transf_matrix[2][2]   -0.01176699 
_atom_sites.fract_transf_matrix[2][3]   0.00524830 
_atom_sites.fract_transf_matrix[3][1]   -0.00587774 
_atom_sites.fract_transf_matrix[3][2]   -0.00968380 
_atom_sites.fract_transf_matrix[3][3]   -0.01738143 
_atom_sites.fract_transf_vector[1]      -0.170083 
_atom_sites.fract_transf_vector[2]      0.274974 
_atom_sites.fract_transf_vector[3]      1.121477 
# 
loop_
_atom_type.symbol 
C 
N 
O 
S 
# 
loop_
_atom_site.group_PDB 
_atom_site.id 
_atom_site.type_symbol 
_atom_site.label_atom_id 
_atom_site.label_alt_id 
_atom_site.label_comp_id 
_atom_site.label_asym_id 
_atom_site.label_entity_id 
_atom_site.label_seq_id 
_atom_site.pdbx_PDB_ins_code 
_atom_site.Cartn_x 
_atom_site.Cartn_y 
_atom_site.Cartn_z 
_atom_site.occupancy 
_atom_site.B_iso_or_equiv 
_atom_site.pdbx_formal_charge 
_atom_site.auth_seq_id 
_atom_site.auth_comp_id 
_atom_site.auth_asym_id 
_atom_site.auth_atom_id 
_atom_site.pdbx_PDB_model_num 
ATOM   1    N N   . TYR A 1 45  ? 3.283   -16.207 0.797   1.00 28.52 ? 74  TYR A N   1 
ATOM   2    C CA  . TYR A 1 45  ? 2.345   -15.788 -0.304  1.00 25.76 ? 74  TYR A CA  1 
ATOM   3    C C   . TYR A 1 45  ? 2.715   -16.445 -1.616  1.00 24.77 ? 74  TYR A C   1 
ATOM   4    O O   . TYR A 1 45  ? 3.858   -16.701 -1.824  1.00 28.90 ? 74  TYR A O   1 
ATOM   5    C CB  . TYR A 1 45  ? 2.470   -14.316 -0.507  1.00 23.76 ? 74  TYR A CB  1 
ATOM   6    C CG  . TYR A 1 45  ? 2.008   -13.426 0.627   1.00 21.19 ? 74  TYR A CG  1 
ATOM   7    C CD1 . TYR A 1 45  ? 1.093   -13.836 1.588   1.00 20.37 ? 74  TYR A CD1 1 
ATOM   8    C CD2 . TYR A 1 45  ? 2.474   -12.117 0.682   1.00 20.20 ? 74  TYR A CD2 1 
ATOM   9    C CE1 . TYR A 1 45  ? 0.662   -12.968 2.587   1.00 19.55 ? 74  TYR A CE1 1 
ATOM   10   C CE2 . TYR A 1 45  ? 2.042   -11.249 1.673   1.00 18.72 ? 74  TYR A CE2 1 
ATOM   11   C CZ  . TYR A 1 45  ? 1.172   -11.670 2.614   1.00 18.47 ? 74  TYR A CZ  1 
ATOM   12   O OH  . TYR A 1 45  ? 0.719   -10.794 3.547   1.00 17.34 ? 74  TYR A OH  1 
ATOM   13   N N   . THR A 1 46  ? 1.760   -16.638 -2.512  1.00 22.60 ? 75  THR A N   1 
ATOM   14   C CA  . THR A 1 46  ? 2.011   -17.346 -3.800  1.00 21.90 ? 75  THR A CA  1 
ATOM   15   C C   . THR A 1 46  ? 2.076   -16.333 -4.929  1.00 19.35 ? 75  THR A C   1 
ATOM   16   O O   . THR A 1 46  ? 1.115   -15.596 -5.133  1.00 17.57 ? 75  THR A O   1 
ATOM   17   C CB  . THR A 1 46  ? 0.915   -18.379 -4.082  1.00 24.34 ? 75  THR A CB  1 
ATOM   18   O OG1 . THR A 1 46  ? 0.826   -19.255 -2.959  1.00 27.23 ? 75  THR A OG1 1 
ATOM   19   C CG2 . THR A 1 46  ? 1.247   -19.187 -5.352  1.00 26.43 ? 75  THR A CG2 1 
ATOM   20   N N   . TYR A 1 47  ? 3.183   -16.314 -5.663  1.00 18.58 ? 76  TYR A N   1 
ATOM   21   C CA  . TYR A 1 47  ? 3.381   -15.361 -6.731  1.00 17.97 ? 76  TYR A CA  1 
ATOM   22   C C   . TYR A 1 47  ? 2.188   -15.299 -7.655  1.00 17.61 ? 76  TYR A C   1 
ATOM   23   O O   . TYR A 1 47  ? 1.676   -16.344 -8.159  1.00 17.74 ? 76  TYR A O   1 
ATOM   24   C CB  . TYR A 1 47  ? 4.691   -15.598 -7.545  1.00 18.80 ? 76  TYR A CB  1 
ATOM   25   C CG  . TYR A 1 47  ? 4.877   -14.564 -8.626  1.00 17.77 ? 76  TYR A CG  1 
ATOM   26   C CD1 . TYR A 1 47  ? 4.284   -14.708 -9.848  1.00 19.30 ? 76  TYR A CD1 1 
ATOM   27   C CD2 . TYR A 1 47  ? 5.642   -13.412 -8.416  1.00 18.72 ? 76  TYR A CD2 1 
ATOM   28   C CE1 . TYR A 1 47  ? 4.409   -13.754 -10.831 1.00 19.93 ? 76  TYR A CE1 1 
ATOM   29   C CE2 . TYR A 1 47  ? 5.754   -12.449 -9.398  1.00 18.75 ? 76  TYR A CE2 1 
ATOM   30   C CZ  . TYR A 1 47  ? 5.122   -12.616 -10.593 1.00 19.97 ? 76  TYR A CZ  1 
ATOM   31   O OH  . TYR A 1 47  ? 5.219   -11.682 -11.589 1.00 23.90 ? 76  TYR A OH  1 
ATOM   32   N N   . GLY A 1 48  ? 1.720   -14.083 -7.865  1.00 15.71 ? 77  GLY A N   1 
ATOM   33   C CA  . GLY A 1 48  ? 0.645   -13.815 -8.788  1.00 16.47 ? 77  GLY A CA  1 
ATOM   34   C C   . GLY A 1 48  ? -0.765  -14.013 -8.300  1.00 16.28 ? 77  GLY A C   1 
ATOM   35   O O   . GLY A 1 48  ? -1.687  -13.745 -9.060  1.00 20.25 ? 77  GLY A O   1 
ATOM   36   N N   . LYS A 1 49  ? -0.933  -14.478 -7.062  1.00 16.16 ? 78  LYS A N   1 
ATOM   37   C CA  . LYS A 1 49  ? -2.245  -14.756 -6.496  1.00 16.94 ? 78  LYS A CA  1 
ATOM   38   C C   . LYS A 1 49  ? -2.638  -13.697 -5.489  1.00 15.98 ? 78  LYS A C   1 
ATOM   39   O O   . LYS A 1 49  ? -1.792  -13.150 -4.812  1.00 13.94 ? 78  LYS A O   1 
ATOM   40   C CB  . LYS A 1 49  ? -2.261  -16.100 -5.809  1.00 19.38 ? 78  LYS A CB  1 
ATOM   41   C CG  . LYS A 1 49  ? -1.871  -17.269 -6.728  1.00 22.51 ? 78  LYS A CG  1 
ATOM   42   C CD  . LYS A 1 49  ? -2.540  -17.174 -8.083  1.00 27.51 ? 78  LYS A CD  1 
ATOM   43   N N   . PRO A 1 50  ? -3.942  -13.427 -5.394  1.00 15.66 ? 79  PRO A N   1 
ATOM   44   C CA  . PRO A 1 50  ? -4.383  -12.472 -4.367  1.00 15.55 ? 79  PRO A CA  1 
ATOM   45   C C   . PRO A 1 50  ? -4.237  -13.018 -2.967  1.00 15.33 ? 79  PRO A C   1 
ATOM   46   O O   . PRO A 1 50  ? -4.492  -14.225 -2.704  1.00 16.22 ? 79  PRO A O   1 
ATOM   47   C CB  . PRO A 1 50  ? -5.861  -12.228 -4.715  1.00 16.98 ? 79  PRO A CB  1 
ATOM   48   C CG  . PRO A 1 50  ? -6.267  -13.447 -5.446  1.00 19.51 ? 79  PRO A CG  1 
ATOM   49   C CD  . PRO A 1 50  ? -5.060  -13.924 -6.216  1.00 17.69 ? 79  PRO A CD  1 
ATOM   50   N N   . PHE A 1 51  ? -3.900  -12.127 -2.043  1.00 12.68 ? 80  PHE A N   1 
ATOM   51   C CA  . PHE A 1 51  ? -3.804  -12.485 -0.665  1.00 12.55 ? 80  PHE A CA  1 
ATOM   52   C C   . PHE A 1 51  ? -4.501  -11.515 0.282   1.00 12.51 ? 80  PHE A C   1 
ATOM   53   O O   . PHE A 1 51  ? -4.599  -11.816 1.500   1.00 14.19 ? 80  PHE A O   1 
ATOM   54   C CB  . PHE A 1 51  ? -2.353  -12.702 -0.192  1.00 12.47 ? 80  PHE A CB  1 
ATOM   55   C CG  . PHE A 1 51  ? -1.526  -11.456 -0.190  1.00 11.80 ? 80  PHE A CG  1 
ATOM   56   C CD1 . PHE A 1 51  ? -0.809  -11.095 -1.323  1.00 12.50 ? 80  PHE A CD1 1 
ATOM   57   C CD2 . PHE A 1 51  ? -1.545  -10.577 0.891   1.00 12.20 ? 80  PHE A CD2 1 
ATOM   58   C CE1 . PHE A 1 51  ? -0.099  -9.931  -1.380  1.00 12.54 ? 80  PHE A CE1 1 
ATOM   59   C CE2 . PHE A 1 51  ? -0.818  -9.400  0.838   1.00 12.94 ? 80  PHE A CE2 1 
ATOM   60   C CZ  . PHE A 1 51  ? -0.076  -9.083  -0.298  1.00 12.93 ? 80  PHE A CZ  1 
ATOM   61   N N   . ALA A 1 52  ? -4.907  -10.349 -0.206  1.00 10.98 ? 81  ALA A N   1 
ATOM   62   C CA  . ALA A 1 52  ? -5.528  -9.377  0.631   1.00 11.30 ? 81  ALA A CA  1 
ATOM   63   C C   . ALA A 1 52  ? -6.372  -8.466  -0.188  1.00 11.52 ? 81  ALA A C   1 
ATOM   64   O O   . ALA A 1 52  ? -6.318  -8.460  -1.433  1.00 11.53 ? 81  ALA A O   1 
ATOM   65   C CB  . ALA A 1 52  ? -4.489  -8.575  1.448   1.00 11.11 ? 81  ALA A CB  1 
ATOM   66   N N   . VAL A 1 53  ? -7.212  -7.685  0.496   1.00 11.08 ? 82  VAL A N   1 
ATOM   67   C CA  . VAL A 1 53  ? -7.948  -6.616  -0.157  1.00 11.33 ? 82  VAL A CA  1 
ATOM   68   C C   . VAL A 1 53  ? -7.604  -5.303  0.552   1.00 11.39 ? 82  VAL A C   1 
ATOM   69   O O   . VAL A 1 53  ? -7.549  -5.285  1.804   1.00 11.99 ? 82  VAL A O   1 
ATOM   70   C CB  . VAL A 1 53  ? -9.490  -6.820  -0.091  1.00 12.07 ? 82  VAL A CB  1 
ATOM   71   C CG1 . VAL A 1 53  ? -10.222 -5.706  -0.772  1.00 13.15 ? 82  VAL A CG1 1 
ATOM   72   C CG2 . VAL A 1 53  ? -9.878  -8.164  -0.672  1.00 13.22 ? 82  VAL A CG2 1 
ATOM   73   N N   . MET A 1 54  ? -7.437  -4.248  -0.244  1.00 11.19 ? 83  MET A N   1 
ATOM   74   C CA  . MET A 1 54  ? -7.134  -2.918  0.245   1.00 10.86 ? 83  MET A CA  1 
ATOM   75   C C   . MET A 1 54  ? -8.316  -1.989  0.054   1.00 11.07 ? 83  MET A C   1 
ATOM   76   O O   . MET A 1 54  ? -8.946  -1.980  -0.994  1.00 11.37 ? 83  MET A O   1 
ATOM   77   C CB  . MET A 1 54  ? -5.893  -2.350  -0.448  1.00 11.45 ? 83  MET A CB  1 
ATOM   78   C CG  . MET A 1 54  ? -5.349  -1.058  0.169   1.00 11.44 ? 83  MET A CG  1 
ATOM   79   S SD  . MET A 1 54  ? -3.926  -0.353  -0.717  1.00 12.04 ? 83  MET A SD  1 
ATOM   80   C CE  . MET A 1 54  ? -2.682  -1.603  -0.449  1.00 12.47 ? 83  MET A CE  1 
ATOM   81   N N   . TYR A 1 55  ? -8.514  -1.139  1.055   1.00 11.58 ? 84  TYR A N   1 
ATOM   82   C CA  . TYR A 1 55  ? -9.466  -0.047  1.037   1.00 11.91 ? 84  TYR A CA  1 
ATOM   83   C C   . TYR A 1 55  ? -8.755  1.231   1.477   1.00 12.06 ? 84  TYR A C   1 
ATOM   84   O O   . TYR A 1 55  ? -7.965  1.202   2.413   1.00 12.39 ? 84  TYR A O   1 
ATOM   85   C CB  . TYR A 1 55  ? -10.590 -0.336  2.052   1.00 11.82 ? 84  TYR A CB  1 
ATOM   86   C CG  . TYR A 1 55  ? -11.339 -1.637  1.818   1.00 11.19 ? 84  TYR A CG  1 
ATOM   87   C CD1 . TYR A 1 55  ? -10.854 -2.870  2.281   1.00 11.74 ? 84  TYR A CD1 1 
ATOM   88   C CD2 . TYR A 1 55  ? -12.561 -1.650  1.064   1.00 12.05 ? 84  TYR A CD2 1 
ATOM   89   C CE1 . TYR A 1 55  ? -11.532 -4.062  2.026   1.00 11.67 ? 84  TYR A CE1 1 
ATOM   90   C CE2 . TYR A 1 55  ? -13.218 -2.822  0.834   1.00 12.62 ? 84  TYR A CE2 1 
ATOM   91   C CZ  . TYR A 1 55  ? -12.715 -4.034  1.281   1.00 12.15 ? 84  TYR A CZ  1 
ATOM   92   O OH  . TYR A 1 55  ? -13.372 -5.201  1.035   1.00 12.71 ? 84  TYR A OH  1 
ATOM   93   N N   . ILE A 1 56  ? -9.049  2.353   0.829   1.00 12.22 ? 85  ILE A N   1 
ATOM   94   C CA  . ILE A 1 56  ? -8.486  3.649   1.197   1.00 12.58 ? 85  ILE A CA  1 
ATOM   95   C C   . ILE A 1 56  ? -9.633  4.652   1.135   1.00 13.09 ? 85  ILE A C   1 
ATOM   96   O O   . ILE A 1 56  ? -9.996  5.058   0.053   1.00 14.52 ? 85  ILE A O   1 
ATOM   97   C CB  . ILE A 1 56  ? -7.361  4.067   0.272   1.00 13.44 ? 85  ILE A CB  1 
ATOM   98   C CG1 . ILE A 1 56  ? -6.238  3.003   0.274   1.00 13.23 ? 85  ILE A CG1 1 
ATOM   99   C CG2 . ILE A 1 56  ? -6.788  5.399   0.692   1.00 13.25 ? 85  ILE A CG2 1 
ATOM   100  C CD1 . ILE A 1 56  ? -5.135  3.280   -0.723  1.00 13.12 ? 85  ILE A CD1 1 
ATOM   101  N N   . PRO A 1 57  ? -10.178 5.003   2.287   1.00 14.24 ? 86  PRO A N   1 
ATOM   102  C CA  . PRO A 1 57  ? -11.356 5.907   2.298   1.00 16.30 ? 86  PRO A CA  1 
ATOM   103  C C   . PRO A 1 57  ? -11.158 7.198   1.469   1.00 16.65 ? 86  PRO A C   1 
ATOM   104  O O   . PRO A 1 57  ? -12.081 7.639   0.770   1.00 16.65 ? 86  PRO A O   1 
ATOM   105  C CB  . PRO A 1 57  ? -11.527 6.153   3.775   1.00 15.67 ? 86  PRO A CB  1 
ATOM   106  C CG  . PRO A 1 57  ? -11.179 4.855   4.424   1.00 16.13 ? 86  PRO A CG  1 
ATOM   107  C CD  . PRO A 1 57  ? -9.996  4.358   3.598   1.00 14.88 ? 86  PRO A CD  1 
ATOM   108  N N   . ARG A 1 58  ? -9.960  7.773   1.463   1.00 16.04 ? 87  ARG A N   1 
ATOM   109  C CA  . ARG A 1 58  ? -9.672  8.974   0.683   1.00 16.95 ? 87  ARG A CA  1 
ATOM   110  C C   . ARG A 1 58  ? -9.934  8.823   -0.790  1.00 18.74 ? 87  ARG A C   1 
ATOM   111  O O   . ARG A 1 58  ? -10.318 9.781   -1.464  1.00 19.82 ? 87  ARG A O   1 
ATOM   112  C CB  . ARG A 1 58  ? -8.233  9.460   0.877   1.00 17.61 ? 87  ARG A CB  1 
ATOM   113  C CG  . ARG A 1 58  ? -7.794  10.686  0.090   1.00 18.55 ? 87  ARG A CG  1 
ATOM   114  C CD  . ARG A 1 58  ? -8.529  11.958  0.527   1.00 20.67 ? 87  ARG A CD  1 
ATOM   115  N NE  . ARG A 1 58  ? -8.163  12.312  1.876   1.00 21.70 ? 87  ARG A NE  1 
ATOM   116  C CZ  . ARG A 1 58  ? -8.734  13.280  2.590   1.00 26.58 ? 87  ARG A CZ  1 
ATOM   117  N NH1 . ARG A 1 58  ? -9.738  14.002  2.065   1.00 26.77 ? 87  ARG A NH1 1 
ATOM   118  N NH2 . ARG A 1 58  ? -8.331  13.492  3.844   1.00 24.94 ? 87  ARG A NH2 1 
ATOM   119  N N   . LEU A 1 59  ? -9.719  7.620   -1.321  1.00 16.69 ? 88  LEU A N   1 
ATOM   120  C CA  . LEU A 1 59  ? -9.920  7.355   -2.704  1.00 17.27 ? 88  LEU A CA  1 
ATOM   121  C C   . LEU A 1 59  ? -11.384 6.953   -3.044  1.00 17.91 ? 88  LEU A C   1 
ATOM   122  O O   . LEU A 1 59  ? -11.676 6.704   -4.216  1.00 19.72 ? 88  LEU A O   1 
ATOM   123  C CB  . LEU A 1 59  ? -8.979  6.256   -3.161  1.00 18.00 ? 88  LEU A CB  1 
ATOM   124  C CG  . LEU A 1 59  ? -7.470  6.498   -2.918  1.00 17.55 ? 88  LEU A CG  1 
ATOM   125  C CD1 . LEU A 1 59  ? -6.651  5.349   -3.516  1.00 17.77 ? 88  LEU A CD1 1 
ATOM   126  C CD2 . LEU A 1 59  ? -7.019  7.840   -3.470  1.00 19.95 ? 88  LEU A CD2 1 
ATOM   127  N N   . GLY A 1 60  ? -12.247 6.894   -2.049  1.00 17.77 ? 89  GLY A N   1 
ATOM   128  C CA  . GLY A 1 60  ? -13.690 6.646   -2.242  1.00 18.74 ? 89  GLY A CA  1 
ATOM   129  C C   . GLY A 1 60  ? -14.183 5.525   -1.356  1.00 19.87 ? 89  GLY A C   1 
ATOM   130  O O   . GLY A 1 60  ? -13.494 4.519   -1.150  1.00 16.07 ? 89  GLY A O   1 
ATOM   131  N N   . PHE A 1 61  ? -15.428 5.615   -0.863  1.00 18.33 ? 90  PHE A N   1 
ATOM   132  C CA  . PHE A 1 61  ? -16.014 4.545   -0.057  1.00 18.80 ? 90  PHE A CA  1 
ATOM   133  C C   . PHE A 1 61  ? -16.027 3.216   -0.780  1.00 18.01 ? 90  PHE A C   1 
ATOM   134  O O   . PHE A 1 61  ? -15.897 2.173   -0.161  1.00 17.75 ? 90  PHE A O   1 
ATOM   135  C CB  . PHE A 1 61  ? -17.491 4.894   0.362   1.00 20.55 ? 90  PHE A CB  1 
ATOM   136  C CG  . PHE A 1 61  ? -18.147 3.853   1.222   1.00 23.05 ? 90  PHE A CG  1 
ATOM   137  C CD1 . PHE A 1 61  ? -17.787 3.701   2.556   1.00 23.24 ? 90  PHE A CD1 1 
ATOM   138  C CD2 . PHE A 1 61  ? -19.070 2.973   0.688   1.00 22.55 ? 90  PHE A CD2 1 
ATOM   139  C CE1 . PHE A 1 61  ? -18.391 2.747   3.355   1.00 24.43 ? 90  PHE A CE1 1 
ATOM   140  C CE2 . PHE A 1 61  ? -19.654 1.988   1.468   1.00 23.06 ? 90  PHE A CE2 1 
ATOM   141  C CZ  . PHE A 1 61  ? -19.321 1.868   2.807   1.00 25.77 ? 90  PHE A CZ  1 
ATOM   142  N N   . THR A 1 62  ? -16.284 3.230   -2.079  1.00 17.39 ? 91  THR A N   1 
ATOM   143  C CA  . THR A 1 62  ? -16.380 1.966   -2.807  1.00 17.79 ? 91  THR A CA  1 
ATOM   144  C C   . THR A 1 62  ? -15.030 1.539   -3.403  1.00 17.46 ? 91  THR A C   1 
ATOM   145  O O   . THR A 1 62  ? -14.963 0.566   -4.178  1.00 19.28 ? 91  THR A O   1 
ATOM   146  C CB  . THR A 1 62  ? -17.446 1.997   -3.909  1.00 18.88 ? 91  THR A CB  1 
ATOM   147  O OG1 . THR A 1 62  ? -17.082 2.932   -4.913  1.00 19.59 ? 91  THR A OG1 1 
ATOM   148  C CG2 . THR A 1 62  ? -18.803 2.344   -3.310  1.00 19.63 ? 91  THR A CG2 1 
ATOM   149  N N   . TRP A 1 63  ? -13.965 2.274   -3.112  1.00 14.84 ? 92  TRP A N   1 
ATOM   150  C CA  . TRP A 1 63  ? -12.652 1.862   -3.663  1.00 14.26 ? 92  TRP A CA  1 
ATOM   151  C C   . TRP A 1 63  ? -12.205 0.606   -2.910  1.00 13.90 ? 92  TRP A C   1 
ATOM   152  O O   . TRP A 1 63  ? -12.133 0.583   -1.679  1.00 13.33 ? 92  TRP A O   1 
ATOM   153  C CB  . TRP A 1 63  ? -11.657 2.979   -3.516  1.00 13.71 ? 92  TRP A CB  1 
ATOM   154  C CG  . TRP A 1 63  ? -10.361 2.811   -4.260  1.00 13.63 ? 92  TRP A CG  1 
ATOM   155  C CD1 . TRP A 1 63  ? -10.003 3.415   -5.415  1.00 14.15 ? 92  TRP A CD1 1 
ATOM   156  C CD2 . TRP A 1 63  ? -9.175  2.134   -3.760  1.00 12.94 ? 92  TRP A CD2 1 
ATOM   157  N NE1 . TRP A 1 63  ? -8.669  3.120   -5.707  1.00 14.95 ? 92  TRP A NE1 1 
ATOM   158  C CE2 . TRP A 1 63  ? -8.155  2.330   -4.711  1.00 14.02 ? 92  TRP A CE2 1 
ATOM   159  C CE3 . TRP A 1 63  ? -8.906  1.362   -2.625  1.00 13.35 ? 92  TRP A CE3 1 
ATOM   160  C CZ2 . TRP A 1 63  ? -6.847  1.818   -4.541  1.00 14.13 ? 92  TRP A CZ2 1 
ATOM   161  C CZ3 . TRP A 1 63  ? -7.616  0.834   -2.457  1.00 13.21 ? 92  TRP A CZ3 1 
ATOM   162  C CH2 . TRP A 1 63  ? -6.604  1.093   -3.405  1.00 13.08 ? 92  TRP A CH2 1 
ATOM   163  N N   . ASN A 1 64  ? -11.935 -0.459  -3.674  1.00 13.83 ? 93  ASN A N   1 
ATOM   164  C CA  . ASN A 1 64  ? -11.561 -1.743  -3.088  1.00 14.13 ? 93  ASN A CA  1 
ATOM   165  C C   . ASN A 1 64  ? -10.731 -2.492  -4.145  1.00 14.70 ? 93  ASN A C   1 
ATOM   166  O O   . ASN A 1 64  ? -11.187 -2.675  -5.266  1.00 14.34 ? 93  ASN A O   1 
ATOM   167  C CB  . ASN A 1 64  ? -12.783 -2.555  -2.617  1.00 15.50 ? 93  ASN A CB  1 
ATOM   168  C CG  . ASN A 1 64  ? -13.665 -3.063  -3.768  1.00 14.99 ? 93  ASN A CG  1 
ATOM   169  O OD1 . ASN A 1 64  ? -13.626 -4.236  -4.095  1.00 15.73 ? 93  ASN A OD1 1 
ATOM   170  N ND2 . ASN A 1 64  ? -14.391 -2.175  -4.403  1.00 15.65 ? 93  ASN A ND2 1 
ATOM   171  N N   . LYS A 1 65  ? -9.521  -2.899  -3.793  1.00 12.88 ? 94  LYS A N   1 
ATOM   172  C CA  . LYS A 1 65  ? -8.629  -3.529  -4.762  1.00 13.42 ? 94  LYS A CA  1 
ATOM   173  C C   . LYS A 1 65  ? -7.992  -4.749  -4.190  1.00 12.74 ? 94  LYS A C   1 
ATOM   174  O O   . LYS A 1 65  ? -7.559  -4.764  -3.002  1.00 12.52 ? 94  LYS A O   1 
ATOM   175  C CB  . LYS A 1 65  ? -7.513  -2.582  -5.200  1.00 14.05 ? 94  LYS A CB  1 
ATOM   176  C CG  . LYS A 1 65  ? -7.977  -1.231  -5.738  1.00 15.45 ? 94  LYS A CG  1 
ATOM   177  C CD  . LYS A 1 65  ? -8.758  -1.328  -7.024  1.00 16.29 ? 94  LYS A CD  1 
ATOM   178  C CE  . LYS A 1 65  ? -9.413  -0.007  -7.291  1.00 19.11 ? 94  LYS A CE  1 
ATOM   179  N NZ  . LYS A 1 65  ? -10.127 -0.078  -8.605  1.00 22.09 ? 94  LYS A NZ  1 
ATOM   180  N N   . PRO A 1 66  ? -7.891  -5.806  -5.005  1.00 12.41 ? 95  PRO A N   1 
ATOM   181  C CA  . PRO A 1 66  ? -7.165  -6.952  -4.574  1.00 12.38 ? 95  PRO A CA  1 
ATOM   182  C C   . PRO A 1 66  ? -5.654  -6.668  -4.605  1.00 12.20 ? 95  PRO A C   1 
ATOM   183  O O   . PRO A 1 66  ? -5.190  -5.914  -5.461  1.00 12.51 ? 95  PRO A O   1 
ATOM   184  C CB  . PRO A 1 66  ? -7.514  -8.009  -5.644  1.00 13.26 ? 95  PRO A CB  1 
ATOM   185  C CG  . PRO A 1 66  ? -7.677  -7.193  -6.870  1.00 13.41 ? 95  PRO A CG  1 
ATOM   186  C CD  . PRO A 1 66  ? -8.306  -5.918  -6.430  1.00 13.65 ? 95  PRO A CD  1 
ATOM   187  N N   . VAL A 1 67  ? -4.945  -7.243  -3.635  1.00 11.47 ? 96  VAL A N   1 
ATOM   188  C CA  . VAL A 1 67  ? -3.483  -7.168  -3.587  1.00 11.86 ? 96  VAL A CA  1 
ATOM   189  C C   . VAL A 1 67  ? -2.966  -8.559  -3.882  1.00 11.69 ? 96  VAL A C   1 
ATOM   190  O O   . VAL A 1 67  ? -3.284  -9.531  -3.207  1.00 11.87 ? 96  VAL A O   1 
ATOM   191  C CB  . VAL A 1 67  ? -2.951  -6.663  -2.256  1.00 12.57 ? 96  VAL A CB  1 
ATOM   192  C CG1 . VAL A 1 67  ? -1.438  -6.442  -2.360  1.00 13.14 ? 96  VAL A CG1 1 
ATOM   193  C CG2 . VAL A 1 67  ? -3.686  -5.381  -1.849  1.00 11.87 ? 96  VAL A CG2 1 
ATOM   194  N N   . LEU A 1 68  ? -2.123  -8.631  -4.912  1.00 11.33 ? 97  LEU A N   1 
ATOM   195  C CA  . LEU A 1 68  ? -1.557  -9.859  -5.391  1.00 12.76 ? 97  LEU A CA  1 
ATOM   196  C C   . LEU A 1 68  ? -0.078  -9.885  -5.054  1.00 12.82 ? 97  LEU A C   1 
ATOM   197  O O   . LEU A 1 68  ? 0.559   -8.845  -4.961  1.00 11.93 ? 97  LEU A O   1 
ATOM   198  C CB  . LEU A 1 68  ? -1.722  -9.957  -6.920  1.00 14.22 ? 97  LEU A CB  1 
ATOM   199  C CG  . LEU A 1 68  ? -3.124  -10.298 -7.428  1.00 16.12 ? 97  LEU A CG  1 
ATOM   200  C CD1 . LEU A 1 68  ? -4.052  -9.130  -7.219  1.00 18.98 ? 97  LEU A CD1 1 
ATOM   201  C CD2 . LEU A 1 68  ? -3.071  -10.636 -8.910  1.00 17.91 ? 97  LEU A CD2 1 
ATOM   202  N N   . GLU A 1 69  ? 0.476   -11.100 -4.923  1.00 12.30 ? 98  GLU A N   1 
ATOM   203  C CA  . GLU A 1 69  ? 1.890   -11.224 -4.651  1.00 12.88 ? 98  GLU A CA  1 
ATOM   204  C C   . GLU A 1 69  ? 2.718   -10.999 -5.895  1.00 13.55 ? 98  GLU A C   1 
ATOM   205  O O   . GLU A 1 69  ? 2.450   -11.615 -6.956  1.00 13.83 ? 98  GLU A O   1 
ATOM   206  C CB  . GLU A 1 69  ? 2.175   -12.602 -4.037  1.00 13.87 ? 98  GLU A CB  1 
ATOM   207  C CG  . GLU A 1 69  ? 3.647   -12.903 -3.773  1.00 14.78 ? 98  GLU A CG  1 
ATOM   208  C CD  . GLU A 1 69  ? 4.307   -12.035 -2.708  1.00 16.79 ? 98  GLU A CD  1 
ATOM   209  O OE1 . GLU A 1 69  ? 3.819   -10.917 -2.419  1.00 16.84 ? 98  GLU A OE1 1 
ATOM   210  O OE2 . GLU A 1 69  ? 5.322   -12.490 -2.129  1.00 17.55 ? 98  GLU A OE2 1 
ATOM   211  N N   . GLY A 1 70  ? 3.741   -10.165 -5.783  1.00 12.70 ? 99  GLY A N   1 
ATOM   212  C CA  . GLY A 1 70  ? 4.587   -9.875  -6.919  1.00 13.57 ? 99  GLY A CA  1 
ATOM   213  C C   . GLY A 1 70  ? 4.318   -8.583  -7.616  1.00 14.49 ? 99  GLY A C   1 
ATOM   214  O O   . GLY A 1 70  ? 3.260   -7.995  -7.463  1.00 13.19 ? 99  GLY A O   1 
ATOM   215  N N   . THR A 1 71  ? 5.281   -8.128  -8.412  1.00 14.21 ? 100 THR A N   1 
ATOM   216  C CA  . THR A 1 71  ? 5.165   -6.861  -9.111  1.00 14.52 ? 100 THR A CA  1 
ATOM   217  C C   . THR A 1 71  ? 5.494   -7.012  -10.592 1.00 16.22 ? 100 THR A C   1 
ATOM   218  O O   . THR A 1 71  ? 5.806   -6.015  -11.246 1.00 18.23 ? 100 THR A O   1 
ATOM   219  C CB  . THR A 1 71  ? 6.016   -5.751  -8.487  1.00 15.57 ? 100 THR A CB  1 
ATOM   220  O OG1 . THR A 1 71  ? 7.388   -6.187  -8.349  1.00 16.44 ? 100 THR A OG1 1 
ATOM   221  C CG2 . THR A 1 71  ? 5.477   -5.378  -7.088  1.00 14.65 ? 100 THR A CG2 1 
ATOM   222  N N   . GLY A 1 72  ? 5.383   -8.233  -11.108 1.00 17.47 ? 101 GLY A N   1 
ATOM   223  C CA  . GLY A 1 72  ? 5.573   -8.425  -12.542 1.00 17.83 ? 101 GLY A CA  1 
ATOM   224  C C   . GLY A 1 72  ? 4.532   -7.637  -13.331 1.00 18.97 ? 101 GLY A C   1 
ATOM   225  O O   . GLY A 1 72  ? 3.413   -7.329  -12.869 1.00 18.62 ? 101 GLY A O   1 
ATOM   226  N N   . THR A 1 73  ? 4.872   -7.320  -14.573 1.00 20.45 ? 102 THR A N   1 
ATOM   227  C CA  . THR A 1 73  ? 4.030   -6.449  -15.346 1.00 22.67 ? 102 THR A CA  1 
ATOM   228  C C   . THR A 1 73  ? 2.613   -7.036  -15.445 1.00 20.87 ? 102 THR A C   1 
ATOM   229  O O   . THR A 1 73  ? 1.620   -6.301  -15.415 1.00 22.56 ? 102 THR A O   1 
ATOM   230  C CB  . THR A 1 73  ? 4.617   -6.180  -16.759 1.00 24.63 ? 102 THR A CB  1 
ATOM   231  O OG1 . THR A 1 73  ? 4.670   -7.402  -17.449 1.00 28.16 ? 102 THR A OG1 1 
ATOM   232  C CG2 . THR A 1 73  ? 6.002   -5.624  -16.668 1.00 26.22 ? 102 THR A CG2 1 
ATOM   233  N N   . GLU A 1 74  ? 2.484   -8.362  -15.519 1.00 19.91 ? 103 GLU A N   1 
ATOM   234  C CA  . GLU A 1 74  ? 1.193   -9.004  -15.630 1.00 21.43 ? 103 GLU A CA  1 
ATOM   235  C C   . GLU A 1 74  ? 0.363   -8.979  -14.335 1.00 21.57 ? 103 GLU A C   1 
ATOM   236  O O   . GLU A 1 74  ? -0.858  -9.060  -14.394 1.00 23.88 ? 103 GLU A O   1 
ATOM   237  C CB  . GLU A 1 74  ? 1.334   -10.453 -16.107 1.00 23.38 ? 103 GLU A CB  1 
ATOM   238  C CG  . GLU A 1 74  ? 1.733   -11.487 -15.068 1.00 22.64 ? 103 GLU A CG  1 
ATOM   239  C CD  . GLU A 1 74  ? 3.145   -11.337 -14.447 1.00 22.60 ? 103 GLU A CD  1 
ATOM   240  O OE1 . GLU A 1 74  ? 3.993   -10.537 -14.919 1.00 22.19 ? 103 GLU A OE1 1 
ATOM   241  O OE2 . GLU A 1 74  ? 3.401   -12.056 -13.481 1.00 22.23 ? 103 GLU A OE2 1 
ATOM   242  N N   . VAL A 1 75  ? 1.044   -8.947  -13.187 1.00 18.79 ? 104 VAL A N   1 
ATOM   243  C CA  . VAL A 1 75  ? 0.345   -8.808  -11.907 1.00 18.38 ? 104 VAL A CA  1 
ATOM   244  C C   . VAL A 1 75  ? -0.356  -7.452  -11.815 1.00 18.02 ? 104 VAL A C   1 
ATOM   245  O O   . VAL A 1 75  ? -1.528  -7.391  -11.413 1.00 19.51 ? 104 VAL A O   1 
ATOM   246  C CB  . VAL A 1 75  ? 1.298   -8.982  -10.693 1.00 18.13 ? 104 VAL A CB  1 
ATOM   247  C CG1 . VAL A 1 75  ? 0.520   -8.803  -9.388  1.00 18.37 ? 104 VAL A CG1 1 
ATOM   248  C CG2 . VAL A 1 75  ? 1.946   -10.361 -10.726 1.00 20.21 ? 104 VAL A CG2 1 
ATOM   249  N N   . LEU A 1 76  ? 0.353   -6.402  -12.154 1.00 16.85 ? 105 LEU A N   1 
ATOM   250  C CA  . LEU A 1 76  ? -0.121  -5.034  -12.026 1.00 19.43 ? 105 LEU A CA  1 
ATOM   251  C C   . LEU A 1 76  ? -1.299  -4.752  -12.969 1.00 21.67 ? 105 LEU A C   1 
ATOM   252  O O   . LEU A 1 76  ? -2.036  -3.803  -12.748 1.00 22.40 ? 105 LEU A O   1 
ATOM   253  C CB  . LEU A 1 76  ? 1.019   -4.067  -12.191 1.00 21.54 ? 105 LEU A CB  1 
ATOM   254  C CG  . LEU A 1 76  ? 2.179   -4.208  -11.160 1.00 25.40 ? 105 LEU A CG  1 
ATOM   255  C CD1 . LEU A 1 76  ? 3.130   -3.034  -11.308 1.00 28.18 ? 105 LEU A CD1 1 
ATOM   256  C CD2 . LEU A 1 76  ? 1.683   -4.339  -9.726  1.00 28.21 ? 105 LEU A CD2 1 
ATOM   257  N N   . LYS A 1 77  ? -1.499  -5.581  -14.003 1.00 22.64 ? 106 LYS A N   1 
ATOM   258  C CA  . LYS A 1 77  ? -2.725  -5.481  -14.805 1.00 23.40 ? 106 LYS A CA  1 
ATOM   259  C C   . LYS A 1 77  ? -4.008  -5.988  -14.125 1.00 24.86 ? 106 LYS A C   1 
ATOM   260  O O   . LYS A 1 77  ? -5.119  -5.611  -14.543 1.00 26.79 ? 106 LYS A O   1 
ATOM   261  C CB  . LYS A 1 77  ? -2.526  -6.221  -16.161 1.00 26.93 ? 106 LYS A CB  1 
ATOM   262  C CG  . LYS A 1 77  ? -1.399  -5.644  -17.009 1.00 28.88 ? 106 LYS A CG  1 
ATOM   263  C CD  . LYS A 1 77  ? -1.256  -6.429  -18.341 1.00 34.69 ? 106 LYS A CD  1 
ATOM   264  C CE  . LYS A 1 77  ? -0.146  -5.869  -19.211 1.00 37.43 ? 106 LYS A CE  1 
ATOM   265  N N   . LYS A 1 78  ? -3.889  -6.816  -13.092 1.00 23.71 ? 107 LYS A N   1 
ATOM   266  C CA  . LYS A 1 78  ? -5.009  -7.427  -12.404 1.00 24.27 ? 107 LYS A CA  1 
ATOM   267  C C   . LYS A 1 78  ? -5.350  -6.760  -11.059 1.00 23.59 ? 107 LYS A C   1 
ATOM   268  O O   . LYS A 1 78  ? -6.391  -7.041  -10.480 1.00 24.00 ? 107 LYS A O   1 
ATOM   269  C CB  . LYS A 1 78  ? -4.701  -8.884  -12.088 1.00 27.79 ? 107 LYS A CB  1 
ATOM   270  C CG  . LYS A 1 78  ? -4.368  -9.730  -13.298 1.00 29.66 ? 107 LYS A CG  1 
ATOM   271  C CD  . LYS A 1 78  ? -4.037  -11.120 -12.808 1.00 31.91 ? 107 LYS A CD  1 
ATOM   272  C CE  . LYS A 1 78  ? -3.505  -11.999 -13.904 1.00 33.63 ? 107 LYS A CE  1 
ATOM   273  N NZ  . LYS A 1 78  ? -3.304  -13.328 -13.311 1.00 35.28 ? 107 LYS A NZ  1 
ATOM   274  N N   . GLY A 1 79  ? -4.439  -5.960  -10.532 1.00 19.68 ? 108 GLY A N   1 
ATOM   275  C CA  . GLY A 1 79  ? -4.651  -5.357  -9.216  1.00 19.22 ? 108 GLY A CA  1 
ATOM   276  C C   . GLY A 1 79  ? -3.371  -4.692  -8.720  1.00 16.10 ? 108 GLY A C   1 
ATOM   277  O O   . GLY A 1 79  ? -2.490  -4.373  -9.470  1.00 17.00 ? 108 GLY A O   1 
ATOM   278  N N   . LEU A 1 80  ? -3.311  -4.494  -7.431  1.00 14.37 ? 109 LEU A N   1 
ATOM   279  C CA  . LEU A 1 80  ? -2.114  -3.973  -6.812  1.00 13.22 ? 109 LEU A CA  1 
ATOM   280  C C   . LEU A 1 80  ? -1.145  -5.128  -6.597  1.00 13.88 ? 109 LEU A C   1 
ATOM   281  O O   . LEU A 1 80  ? -1.548  -6.256  -6.393  1.00 14.84 ? 109 LEU A O   1 
ATOM   282  C CB  . LEU A 1 80  ? -2.490  -3.395  -5.475  1.00 13.49 ? 109 LEU A CB  1 
ATOM   283  C CG  . LEU A 1 80  ? -3.550  -2.324  -5.592  1.00 13.15 ? 109 LEU A CG  1 
ATOM   284  C CD1 . LEU A 1 80  ? -3.868  -1.773  -4.234  1.00 13.45 ? 109 LEU A CD1 1 
ATOM   285  C CD2 . LEU A 1 80  ? -3.145  -1.171  -6.487  1.00 13.78 ? 109 LEU A CD2 1 
ATOM   286  N N   . GLY A 1 81  ? 0.149   -4.831  -6.604  1.00 11.52 ? 110 GLY A N   1 
ATOM   287  C CA  . GLY A 1 81  ? 1.164   -5.865  -6.440  1.00 11.46 ? 110 GLY A CA  1 
ATOM   288  C C   . GLY A 1 81  ? 2.068   -5.616  -5.239  1.00 11.38 ? 110 GLY A C   1 
ATOM   289  O O   . GLY A 1 81  ? 2.593   -4.498  -5.085  1.00 11.59 ? 110 GLY A O   1 
ATOM   290  N N   . HIS A 1 82  ? 2.242   -6.638  -4.417  1.00 11.07 ? 111 HIS A N   1 
ATOM   291  C CA  . HIS A 1 82  ? 3.147   -6.610  -3.291  1.00 11.28 ? 111 HIS A CA  1 
ATOM   292  C C   . HIS A 1 82  ? 4.565   -6.952  -3.733  1.00 11.65 ? 111 HIS A C   1 
ATOM   293  O O   . HIS A 1 82  ? 4.777   -7.996  -4.325  1.00 12.91 ? 111 HIS A O   1 
ATOM   294  C CB  . HIS A 1 82  ? 2.702   -7.592  -2.227  1.00 11.29 ? 111 HIS A CB  1 
ATOM   295  C CG  . HIS A 1 82  ? 3.641   -7.725  -1.087  1.00 11.51 ? 111 HIS A CG  1 
ATOM   296  N ND1 . HIS A 1 82  ? 4.253   -8.927  -0.787  1.00 11.61 ? 111 HIS A ND1 1 
ATOM   297  C CD2 . HIS A 1 82  ? 4.025   -6.848  -0.132  1.00 11.33 ? 111 HIS A CD2 1 
ATOM   298  C CE1 . HIS A 1 82  ? 5.014   -8.767  0.286   1.00 12.92 ? 111 HIS A CE1 1 
ATOM   299  N NE2 . HIS A 1 82  ? 4.867   -7.530  0.720   1.00 11.51 ? 111 HIS A NE2 1 
ATOM   300  N N   . TYR A 1 83  ? 5.518   -6.065  -3.423  1.00 11.59 ? 112 TYR A N   1 
ATOM   301  C CA  . TYR A 1 83  ? 6.929   -6.389  -3.631  1.00 11.51 ? 112 TYR A CA  1 
ATOM   302  C C   . TYR A 1 83  ? 7.307   -7.641  -2.832  1.00 11.59 ? 112 TYR A C   1 
ATOM   303  O O   . TYR A 1 83  ? 7.221   -7.673  -1.607  1.00 11.50 ? 112 TYR A O   1 
ATOM   304  C CB  . TYR A 1 83  ? 7.837   -5.209  -3.299  1.00 11.76 ? 112 TYR A CB  1 
ATOM   305  C CG  . TYR A 1 83  ? 7.750   -4.078  -4.271  1.00 12.82 ? 112 TYR A CG  1 
ATOM   306  C CD1 . TYR A 1 83  ? 6.819   -3.032  -4.108  1.00 13.34 ? 112 TYR A CD1 1 
ATOM   307  C CD2 . TYR A 1 83  ? 8.633   -4.009  -5.340  1.00 13.93 ? 112 TYR A CD2 1 
ATOM   308  C CE1 . TYR A 1 83  ? 6.761   -1.976  -4.999  1.00 13.82 ? 112 TYR A CE1 1 
ATOM   309  C CE2 . TYR A 1 83  ? 8.562   -2.999  -6.251  1.00 14.77 ? 112 TYR A CE2 1 
ATOM   310  C CZ  . TYR A 1 83  ? 7.648   -1.963  -6.068  1.00 14.88 ? 112 TYR A CZ  1 
ATOM   311  O OH  . TYR A 1 83  ? 7.640   -0.939  -6.951  1.00 17.18 ? 112 TYR A OH  1 
ATOM   312  N N   . ALA A 1 84  ? 7.736   -8.692  -3.546  1.00 11.97 ? 113 ALA A N   1 
ATOM   313  C CA  . ALA A 1 84  ? 7.796   -10.008 -2.941  1.00 13.41 ? 113 ALA A CA  1 
ATOM   314  C C   . ALA A 1 84  ? 8.950   -10.160 -1.951  1.00 13.75 ? 113 ALA A C   1 
ATOM   315  O O   . ALA A 1 84  ? 8.947   -11.050 -1.111  1.00 16.17 ? 113 ALA A O   1 
ATOM   316  C CB  . ALA A 1 84  ? 7.809   -11.093 -4.028  1.00 14.32 ? 113 ALA A CB  1 
ATOM   317  N N   . ASN A 1 85  ? 9.909   -9.268  -2.034  1.00 13.55 ? 114 ASN A N   1 
ATOM   318  C CA  . ASN A 1 85  ? 11.063  -9.212  -1.112  1.00 14.31 ? 114 ASN A CA  1 
ATOM   319  C C   . ASN A 1 85  ? 10.805  -8.383  0.150   1.00 14.70 ? 114 ASN A C   1 
ATOM   320  O O   . ASN A 1 85  ? 11.703  -8.214  0.964   1.00 16.59 ? 114 ASN A O   1 
ATOM   321  C CB  . ASN A 1 85  ? 12.271  -8.610  -1.821  1.00 15.60 ? 114 ASN A CB  1 
ATOM   322  C CG  . ASN A 1 85  ? 12.039  -7.210  -2.291  1.00 16.52 ? 114 ASN A CG  1 
ATOM   323  O OD1 . ASN A 1 85  ? 11.008  -6.914  -2.927  1.00 17.12 ? 114 ASN A OD1 1 
ATOM   324  N ND2 . ASN A 1 85  ? 12.961  -6.315  -1.996  1.00 19.28 ? 114 ASN A ND2 1 
ATOM   325  N N   . THR A 1 86  ? 9.598   -7.840  0.292   1.00 13.08 ? 115 THR A N   1 
ATOM   326  C CA  . THR A 1 86  ? 9.261   -6.993  1.450   1.00 11.98 ? 115 THR A CA  1 
ATOM   327  C C   . THR A 1 86  ? 8.340   -7.712  2.432   1.00 12.35 ? 115 THR A C   1 
ATOM   328  O O   . THR A 1 86  ? 7.801   -8.779  2.152   1.00 13.78 ? 115 THR A O   1 
ATOM   329  C CB  . THR A 1 86  ? 8.692   -5.627  1.006   1.00 11.91 ? 115 THR A CB  1 
ATOM   330  O OG1 . THR A 1 86  ? 7.350   -5.782  0.498   1.00 11.57 ? 115 THR A OG1 1 
ATOM   331  C CG2 . THR A 1 86  ? 9.600   -4.980  -0.043  1.00 11.62 ? 115 THR A CG2 1 
ATOM   332  N N   . ALA A 1 87  ? 8.157   -7.112  3.591   1.00 12.38 ? 116 ALA A N   1 
ATOM   333  C CA  . ALA A 1 87  ? 7.450   -7.731  4.683   1.00 12.58 ? 116 ALA A CA  1 
ATOM   334  C C   . ALA A 1 87  ? 6.038   -8.079  4.299   1.00 12.98 ? 116 ALA A C   1 
ATOM   335  O O   . ALA A 1 87  ? 5.425   -7.374  3.459   1.00 12.62 ? 116 ALA A O   1 
ATOM   336  C CB  . ALA A 1 87  ? 7.396   -6.778  5.850   1.00 13.18 ? 116 ALA A CB  1 
ATOM   337  N N   . ARG A 1 88  ? 5.523   -9.124  4.926   1.00 13.57 ? 117 ARG A N   1 
ATOM   338  C CA  . ARG A 1 88  ? 4.122   -9.485  4.786   1.00 14.03 ? 117 ARG A CA  1 
ATOM   339  C C   . ARG A 1 88  ? 3.220   -8.555  5.575   1.00 13.23 ? 117 ARG A C   1 
ATOM   340  O O   . ARG A 1 88  ? 3.638   -7.743  6.375   1.00 12.81 ? 117 ARG A O   1 
ATOM   341  C CB  . ARG A 1 88  ? 3.912   -10.951 5.161   1.00 18.51 ? 117 ARG A CB  1 
ATOM   342  C CG  . ARG A 1 88  ? 4.648   -11.852 4.175   1.00 22.36 ? 117 ARG A CG  1 
ATOM   343  C CD  . ARG A 1 88  ? 4.367   -13.319 4.374   1.00 26.23 ? 117 ARG A CD  1 
ATOM   344  N NE  . ARG A 1 88  ? 4.173   -13.690 5.765   1.00 28.56 ? 117 ARG A NE  1 
ATOM   345  N N   . LEU A 1 89  ? 1.923   -8.666  5.289   1.00 12.50 ? 118 LEU A N   1 
ATOM   346  C CA  . LEU A 1 89  ? 0.953   -7.762  5.848   1.00 12.63 ? 118 LEU A CA  1 
ATOM   347  C C   . LEU A 1 89  ? 0.997   -7.772  7.358   1.00 13.66 ? 118 LEU A C   1 
ATOM   348  O O   . LEU A 1 89  ? 0.967   -8.839  8.012   1.00 14.83 ? 118 LEU A O   1 
ATOM   349  C CB  . LEU A 1 89  ? -0.417  -8.123  5.276   1.00 13.44 ? 118 LEU A CB  1 
ATOM   350  C CG  . LEU A 1 89  ? -1.594  -7.302  5.711   1.00 13.23 ? 118 LEU A CG  1 
ATOM   351  C CD1 . LEU A 1 89  ? -1.423  -5.847  5.439   1.00 13.09 ? 118 LEU A CD1 1 
ATOM   352  C CD2 . LEU A 1 89  ? -2.802  -7.870  5.004   1.00 13.61 ? 118 LEU A CD2 1 
ATOM   353  N N   . GLY A 1 90  ? 1.139   -6.579  7.940   1.00 13.43 ? 119 GLY A N   1 
ATOM   354  C CA  . GLY A 1 90  ? 1.170   -6.377  9.370   1.00 13.41 ? 119 GLY A CA  1 
ATOM   355  C C   . GLY A 1 90  ? 2.486   -6.643  10.057  1.00 14.66 ? 119 GLY A C   1 
ATOM   356  O O   . GLY A 1 90  ? 2.621   -6.406  11.252  1.00 15.60 ? 119 GLY A O   1 
ATOM   357  N N   . GLN A 1 91  ? 3.496   -7.080  9.309   1.00 14.15 ? 120 GLN A N   1 
ATOM   358  C CA  . GLN A 1 91  ? 4.744   -7.543  9.917   1.00 15.40 ? 120 GLN A CA  1 
ATOM   359  C C   . GLN A 1 91  ? 5.754   -6.412  10.070  1.00 14.67 ? 120 GLN A C   1 
ATOM   360  O O   . GLN A 1 91  ? 5.649   -5.343  9.444   1.00 13.72 ? 120 GLN A O   1 
ATOM   361  C CB  . GLN A 1 91  ? 5.354   -8.670  9.077   1.00 17.63 ? 120 GLN A CB  1 
ATOM   362  C CG  . GLN A 1 91  ? 4.453   -9.877  8.911   1.00 22.00 ? 120 GLN A CG  1 
ATOM   363  C CD  . GLN A 1 91  ? 3.919   -10.399 10.231  1.00 29.63 ? 120 GLN A CD  1 
ATOM   364  O OE1 . GLN A 1 91  ? 4.696   -10.758 11.115  1.00 37.64 ? 120 GLN A OE1 1 
ATOM   365  N NE2 . GLN A 1 91  ? 2.594   -10.413 10.387  1.00 36.61 ? 120 GLN A NE2 1 
ATOM   366  N N   . LYS A 1 92  ? 6.744   -6.641  10.929  1.00 14.14 ? 121 LYS A N   1 
ATOM   367  C CA  . LYS A 1 92  ? 7.827   -5.715  11.072  1.00 14.75 ? 121 LYS A CA  1 
ATOM   368  C C   . LYS A 1 92  ? 8.586   -5.633  9.765   1.00 13.98 ? 121 LYS A C   1 
ATOM   369  O O   . LYS A 1 92  ? 8.861   -6.673  9.129   1.00 14.91 ? 121 LYS A O   1 
ATOM   370  C CB  . LYS A 1 92  ? 8.764   -6.130  12.209  1.00 17.65 ? 121 LYS A CB  1 
ATOM   371  C CG  . LYS A 1 92  ? 8.118   -6.001  13.575  1.00 20.04 ? 121 LYS A CG  1 
ATOM   372  C CD  . LYS A 1 92  ? 9.082   -6.437  14.667  1.00 24.47 ? 121 LYS A CD  1 
ATOM   373  C CE  . LYS A 1 92  ? 8.343   -6.550  15.984  1.00 27.82 ? 121 LYS A CE  1 
ATOM   374  N NZ  . LYS A 1 92  ? 9.199   -7.287  16.958  1.00 33.10 ? 121 LYS A NZ  1 
ATOM   375  N N   . GLY A 1 93  ? 8.907   -4.409  9.374   1.00 12.28 ? 122 GLY A N   1 
ATOM   376  C CA  . GLY A 1 93  ? 9.530   -4.132  8.083   1.00 12.13 ? 122 GLY A CA  1 
ATOM   377  C C   . GLY A 1 93  ? 8.669   -3.150  7.352   1.00 11.89 ? 122 GLY A C   1 
ATOM   378  O O   . GLY A 1 93  ? 8.106   -2.214  7.975   1.00 12.23 ? 122 GLY A O   1 
ATOM   379  N N   . ASN A 1 94  ? 8.593   -3.316  6.037   1.00 11.14 ? 123 ASN A N   1 
ATOM   380  C CA  . ASN A 1 94  ? 7.902   -2.372  5.166   1.00 11.25 ? 123 ASN A CA  1 
ATOM   381  C C   . ASN A 1 94  ? 7.116   -3.174  4.133   1.00 11.25 ? 123 ASN A C   1 
ATOM   382  O O   . ASN A 1 94  ? 7.686   -3.702  3.192   1.00 13.00 ? 123 ASN A O   1 
ATOM   383  C CB  . ASN A 1 94  ? 8.902   -1.445  4.522   1.00 11.59 ? 123 ASN A CB  1 
ATOM   384  C CG  . ASN A 1 94  ? 8.256   -0.371  3.697   1.00 13.30 ? 123 ASN A CG  1 
ATOM   385  O OD1 . ASN A 1 94  ? 7.017   -0.273  3.618   1.00 12.87 ? 123 ASN A OD1 1 
ATOM   386  N ND2 . ASN A 1 94  ? 9.089   0.451   3.043   1.00 12.86 ? 123 ASN A ND2 1 
ATOM   387  N N   . PHE A 1 95  ? 5.795   -3.239  4.317   1.00 10.35 ? 124 PHE A N   1 
ATOM   388  C CA  . PHE A 1 95  ? 4.878   -3.925  3.397   1.00 10.51 ? 124 PHE A CA  1 
ATOM   389  C C   . PHE A 1 95  ? 4.636   -2.991  2.214   1.00 10.36 ? 124 PHE A C   1 
ATOM   390  O O   . PHE A 1 95  ? 3.913   -2.033  2.322   1.00 10.73 ? 124 PHE A O   1 
ATOM   391  C CB  . PHE A 1 95  ? 3.589   -4.256  4.140   1.00 10.80 ? 124 PHE A CB  1 
ATOM   392  C CG  . PHE A 1 95  ? 2.470   -4.817  3.292   1.00 10.60 ? 124 PHE A CG  1 
ATOM   393  C CD1 . PHE A 1 95  ? 2.420   -6.155  2.952   1.00 10.97 ? 124 PHE A CD1 1 
ATOM   394  C CD2 . PHE A 1 95  ? 1.432   -4.002  2.868   1.00 11.82 ? 124 PHE A CD2 1 
ATOM   395  C CE1 . PHE A 1 95  ? 1.373   -6.654  2.177   1.00 11.29 ? 124 PHE A CE1 1 
ATOM   396  C CE2 . PHE A 1 95  ? 0.410   -4.504  2.108   1.00 11.87 ? 124 PHE A CE2 1 
ATOM   397  C CZ  . PHE A 1 95  ? 0.372   -5.839  1.769   1.00 11.52 ? 124 PHE A CZ  1 
ATOM   398  N N   . ALA A 1 96  ? 5.276   -3.291  1.090   1.00 10.07 ? 125 ALA A N   1 
ATOM   399  C CA  . ALA A 1 96  ? 5.293   -2.356  -0.018  1.00 10.95 ? 125 ALA A CA  1 
ATOM   400  C C   . ALA A 1 96  ? 4.438   -2.844  -1.162  1.00 10.55 ? 125 ALA A C   1 
ATOM   401  O O   . ALA A 1 96  ? 4.510   -4.006  -1.563  1.00 10.26 ? 125 ALA A O   1 
ATOM   402  C CB  . ALA A 1 96  ? 6.707   -2.149  -0.485  1.00 11.56 ? 125 ALA A CB  1 
ATOM   403  N N   . VAL A 1 97  ? 3.650   -1.926  -1.711  1.00 10.13 ? 126 VAL A N   1 
ATOM   404  C CA  . VAL A 1 97  ? 2.631   -2.234  -2.732  1.00 11.46 ? 126 VAL A CA  1 
ATOM   405  C C   . VAL A 1 97  ? 2.690   -1.215  -3.859  1.00 11.73 ? 126 VAL A C   1 
ATOM   406  O O   . VAL A 1 97  ? 2.776   0.009   -3.601  1.00 12.09 ? 126 VAL A O   1 
ATOM   407  C CB  . VAL A 1 97  ? 1.223   -2.248  -2.131  1.00 11.88 ? 126 VAL A CB  1 
ATOM   408  C CG1 . VAL A 1 97  ? 0.155   -2.467  -3.195  1.00 12.19 ? 126 VAL A CG1 1 
ATOM   409  C CG2 . VAL A 1 97  ? 1.123   -3.281  -1.046  1.00 12.52 ? 126 VAL A CG2 1 
ATOM   410  N N   . ALA A 1 98  ? 2.673   -1.733  -5.094  1.00 11.22 ? 127 ALA A N   1 
ATOM   411  C CA  . ALA A 1 98  ? 2.668   -0.928  -6.302  1.00 11.88 ? 127 ALA A CA  1 
ATOM   412  C C   . ALA A 1 98  ? 1.303   -0.933  -6.972  1.00 11.93 ? 127 ALA A C   1 
ATOM   413  O O   . ALA A 1 98  ? 0.629   -1.949  -6.975  1.00 13.05 ? 127 ALA A O   1 
ATOM   414  C CB  . ALA A 1 98  ? 3.674   -1.490  -7.253  1.00 12.66 ? 127 ALA A CB  1 
ATOM   415  N N   . GLY A 1 99  ? 0.966   0.173   -7.621  1.00 12.62 ? 128 GLY A N   1 
ATOM   416  C CA  . GLY A 1 99  ? -0.245  0.210   -8.465  1.00 13.38 ? 128 GLY A CA  1 
ATOM   417  C C   . GLY A 1 99  ? -0.134  1.245   -9.555  1.00 15.04 ? 128 GLY A C   1 
ATOM   418  O O   . GLY A 1 99  ? 0.602   2.239   -9.440  1.00 15.49 ? 128 GLY A O   1 
ATOM   419  N N   . HIS A 1 100 ? -0.897  1.009   -10.610 1.00 15.74 ? 129 HIS A N   1 
ATOM   420  C CA  . HIS A 1 100 ? -0.912  1.937   -11.739 1.00 17.93 ? 129 HIS A CA  1 
ATOM   421  C C   . HIS A 1 100 ? -1.809  3.131   -11.446 1.00 17.23 ? 129 HIS A C   1 
ATOM   422  O O   . HIS A 1 100 ? -2.901  2.990   -10.870 1.00 16.61 ? 129 HIS A O   1 
ATOM   423  C CB  . HIS A 1 100 ? -1.440  1.230   -12.982 1.00 17.87 ? 129 HIS A CB  1 
ATOM   424  C CG  . HIS A 1 100 ? -0.468  0.293   -13.597 1.00 20.13 ? 129 HIS A CG  1 
ATOM   425  N ND1 . HIS A 1 100 ? 0.779   0.700   -14.025 1.00 21.91 ? 129 HIS A ND1 1 
ATOM   426  C CD2 . HIS A 1 100 ? -0.562  -1.024  -13.884 1.00 21.25 ? 129 HIS A CD2 1 
ATOM   427  C CE1 . HIS A 1 100 ? 1.417   -0.338  -14.536 1.00 23.50 ? 129 HIS A CE1 1 
ATOM   428  N NE2 . HIS A 1 100 ? 0.625   -1.393  -14.465 1.00 23.55 ? 129 HIS A NE2 1 
ATOM   429  N N   . ARG A 1 101 ? -1.346  4.297   -11.884 1.00 19.21 ? 130 ARG A N   1 
ATOM   430  C CA  . ARG A 1 101 ? -2.071  5.546   -11.762 1.00 21.72 ? 130 ARG A CA  1 
ATOM   431  C C   . ARG A 1 101 ? -2.949  5.828   -13.001 1.00 24.71 ? 130 ARG A C   1 
ATOM   432  O O   . ARG A 1 101 ? -4.057  6.332   -12.878 1.00 23.96 ? 130 ARG A O   1 
ATOM   433  C CB  . ARG A 1 101 ? -1.082  6.666   -11.509 1.00 23.97 ? 130 ARG A CB  1 
ATOM   434  C CG  . ARG A 1 101 ? -1.730  8.013   -11.391 1.00 27.29 ? 130 ARG A CG  1 
ATOM   435  C CD  . ARG A 1 101 ? -0.799  9.051   -10.879 1.00 29.02 ? 130 ARG A CD  1 
ATOM   436  N NE  . ARG A 1 101 ? -1.479  10.340  -10.972 1.00 32.12 ? 130 ARG A NE  1 
ATOM   437  C CZ  . ARG A 1 101 ? -0.919  11.507  -10.710 1.00 30.97 ? 130 ARG A CZ  1 
ATOM   438  N NH1 . ARG A 1 101 ? 0.340   11.572  -10.319 1.00 30.95 ? 130 ARG A NH1 1 
ATOM   439  N NH2 . ARG A 1 101 ? -1.641  12.620  -10.861 1.00 36.88 ? 130 ARG A NH2 1 
ATOM   440  N N   . ARG A 1 102 ? -2.448  5.496   -14.179 1.00 27.76 ? 131 ARG A N   1 
ATOM   441  C CA  . ARG A 1 102 ? -3.091  5.916   -15.455 1.00 34.21 ? 131 ARG A CA  1 
ATOM   442  C C   . ARG A 1 102 ? -3.349  4.794   -16.443 1.00 33.41 ? 131 ARG A C   1 
ATOM   443  O O   . ARG A 1 102 ? -3.861  5.063   -17.536 1.00 37.22 ? 131 ARG A O   1 
ATOM   444  C CB  . ARG A 1 102 ? -2.230  6.959   -16.163 1.00 37.87 ? 131 ARG A CB  1 
ATOM   445  C CG  . ARG A 1 102 ? -1.533  7.964   -15.272 1.00 44.71 ? 131 ARG A CG  1 
ATOM   446  C CD  . ARG A 1 102 ? -0.459  8.694   -16.070 1.00 49.31 ? 131 ARG A CD  1 
ATOM   447  N NE  . ARG A 1 102 ? 0.491   9.407   -15.211 1.00 56.24 ? 131 ARG A NE  1 
ATOM   448  C CZ  . ARG A 1 102 ? 0.236   10.548  -14.567 1.00 52.86 ? 131 ARG A CZ  1 
ATOM   449  N NH1 . ARG A 1 102 ? 1.194   11.104  -13.834 1.00 52.80 ? 131 ARG A NH1 1 
ATOM   450  N NH2 . ARG A 1 102 ? -0.959  11.138  -14.647 1.00 51.83 ? 131 ARG A NH2 1 
ATOM   451  N N   . THR A 1 103 ? -3.046  3.543   -16.086 1.00 31.96 ? 132 THR A N   1 
ATOM   452  C CA  . THR A 1 103 ? -3.344  2.402   -16.939 1.00 31.80 ? 132 THR A CA  1 
ATOM   453  C C   . THR A 1 103 ? -4.053  1.336   -16.131 1.00 33.43 ? 132 THR A C   1 
ATOM   454  O O   . THR A 1 103 ? -4.077  1.400   -14.884 1.00 24.97 ? 132 THR A O   1 
ATOM   455  C CB  . THR A 1 103 ? -2.063  1.818   -17.583 1.00 37.08 ? 132 THR A CB  1 
ATOM   456  O OG1 . THR A 1 103 ? -1.056  1.580   -16.587 1.00 34.30 ? 132 THR A OG1 1 
ATOM   457  C CG2 . THR A 1 103 ? -1.502  2.771   -18.629 1.00 38.22 ? 132 THR A CG2 1 
ATOM   458  N N   . TYR A 1 104 ? -4.669  0.390   -16.845 1.00 29.86 ? 133 TYR A N   1 
ATOM   459  C CA  . TYR A 1 104 ? -5.230  -0.838  -16.263 1.00 31.65 ? 133 TYR A CA  1 
ATOM   460  C C   . TYR A 1 104 ? -6.151  -0.622  -15.072 1.00 31.43 ? 133 TYR A C   1 
ATOM   461  O O   . TYR A 1 104 ? -5.981  -1.210  -13.987 1.00 29.91 ? 133 TYR A O   1 
ATOM   462  C CB  . TYR A 1 104 ? -4.091  -1.832  -15.936 1.00 32.89 ? 133 TYR A CB  1 
ATOM   463  C CG  . TYR A 1 104 ? -3.385  -2.215  -17.191 1.00 34.36 ? 133 TYR A CG  1 
ATOM   464  C CD1 . TYR A 1 104 ? -3.993  -3.082  -18.094 1.00 37.90 ? 133 TYR A CD1 1 
ATOM   465  C CD2 . TYR A 1 104 ? -2.152  -1.665  -17.524 1.00 36.09 ? 133 TYR A CD2 1 
ATOM   466  C CE1 . TYR A 1 104 ? -3.374  -3.420  -19.284 1.00 39.37 ? 133 TYR A CE1 1 
ATOM   467  C CE2 . TYR A 1 104 ? -1.526  -1.997  -18.722 1.00 39.39 ? 133 TYR A CE2 1 
ATOM   468  C CZ  . TYR A 1 104 ? -2.154  -2.872  -19.590 1.00 40.05 ? 133 TYR A CZ  1 
ATOM   469  O OH  . TYR A 1 104 ? -1.558  -3.232  -20.769 1.00 49.62 ? 133 TYR A OH  1 
ATOM   470  N N   . GLY A 1 105 ? -7.165  0.215   -15.279 1.00 27.83 ? 134 GLY A N   1 
ATOM   471  C CA  . GLY A 1 105 ? -8.127  0.452   -14.231 1.00 26.46 ? 134 GLY A CA  1 
ATOM   472  C C   . GLY A 1 105 ? -7.768  1.634   -13.358 1.00 24.25 ? 134 GLY A C   1 
ATOM   473  O O   . GLY A 1 105 ? -8.591  2.027   -12.554 1.00 24.89 ? 134 GLY A O   1 
ATOM   474  N N   . ASP A 1 106 ? -6.567  2.208   -13.548 1.00 23.82 ? 135 ASP A N   1 
ATOM   475  C CA  . ASP A 1 106 ? -6.121  3.401   -12.845 1.00 24.45 ? 135 ASP A CA  1 
ATOM   476  C C   . ASP A 1 106 ? -6.417  3.312   -11.339 1.00 19.95 ? 135 ASP A C   1 
ATOM   477  O O   . ASP A 1 106 ? -6.994  4.245   -10.764 1.00 18.28 ? 135 ASP A O   1 
ATOM   478  C CB  . ASP A 1 106 ? -6.850  4.645   -13.418 1.00 26.14 ? 135 ASP A CB  1 
ATOM   479  C CG  . ASP A 1 106 ? -6.702  4.804   -14.949 1.00 29.31 ? 135 ASP A CG  1 
ATOM   480  O OD1 . ASP A 1 106 ? -6.000  4.028   -15.606 1.00 30.52 ? 135 ASP A OD1 1 
ATOM   481  O OD2 . ASP A 1 106 ? -7.306  5.751   -15.480 1.00 38.20 ? 135 ASP A OD2 1 
ATOM   482  N N   . PRO A 1 107 ? -6.037  2.195   -10.685 1.00 19.50 ? 136 PRO A N   1 
ATOM   483  C CA  . PRO A 1 107 ? -6.397  2.177   -9.236  1.00 18.55 ? 136 PRO A CA  1 
ATOM   484  C C   . PRO A 1 107 ? -5.858  3.337   -8.411  1.00 16.38 ? 136 PRO A C   1 
ATOM   485  O O   . PRO A 1 107 ? -6.490  3.757   -7.439  1.00 16.62 ? 136 PRO A O   1 
ATOM   486  C CB  . PRO A 1 107 ? -5.795  0.851   -8.744  1.00 17.99 ? 136 PRO A CB  1 
ATOM   487  C CG  . PRO A 1 107 ? -4.704  0.503   -9.733  1.00 18.91 ? 136 PRO A CG  1 
ATOM   488  C CD  . PRO A 1 107 ? -5.248  1.000   -11.058 1.00 18.83 ? 136 PRO A CD  1 
ATOM   489  N N   . PHE A 1 108 ? -4.701  3.867   -8.785  1.00 14.67 ? 137 PHE A N   1 
ATOM   490  C CA  . PHE A 1 108 ? -4.075  4.975   -8.061  1.00 14.81 ? 137 PHE A CA  1 
ATOM   491  C C   . PHE A 1 108 ? -4.234  6.320   -8.749  1.00 15.92 ? 137 PHE A C   1 
ATOM   492  O O   . PHE A 1 108 ? -3.482  7.265   -8.499  1.00 16.94 ? 137 PHE A O   1 
ATOM   493  C CB  . PHE A 1 108 ? -2.584  4.669   -7.788  1.00 14.67 ? 137 PHE A CB  1 
ATOM   494  C CG  . PHE A 1 108 ? -2.337  3.678   -6.657  1.00 14.24 ? 137 PHE A CG  1 
ATOM   495  C CD1 . PHE A 1 108 ? -3.292  3.391   -5.676  1.00 14.48 ? 137 PHE A CD1 1 
ATOM   496  C CD2 . PHE A 1 108 ? -1.081  3.135   -6.503  1.00 13.83 ? 137 PHE A CD2 1 
ATOM   497  C CE1 . PHE A 1 108 ? -3.018  2.510   -4.616  1.00 13.94 ? 137 PHE A CE1 1 
ATOM   498  C CE2 . PHE A 1 108 ? -0.777  2.288   -5.435  1.00 13.81 ? 137 PHE A CE2 1 
ATOM   499  C CZ  . PHE A 1 108 ? -1.752  1.932   -4.509  1.00 14.13 ? 137 PHE A CZ  1 
ATOM   500  N N   . LYS A 1 109 ? -5.278  6.427   -9.564  1.00 18.10 ? 138 LYS A N   1 
ATOM   501  C CA  . LYS A 1 109 ? -5.623  7.708   -10.226 1.00 20.32 ? 138 LYS A CA  1 
ATOM   502  C C   . LYS A 1 109 ? -5.568  8.913   -9.312  1.00 20.64 ? 138 LYS A C   1 
ATOM   503  O O   . LYS A 1 109 ? -5.008  9.944   -9.688  1.00 23.51 ? 138 LYS A O   1 
ATOM   504  C CB  . LYS A 1 109 ? -7.055  7.578   -10.782 1.00 23.23 ? 138 LYS A CB  1 
ATOM   505  C CG  . LYS A 1 109 ? -7.633  8.836   -11.435 1.00 27.01 ? 138 LYS A CG  1 
ATOM   506  C CD  . LYS A 1 109 ? -9.051  8.566   -11.914 1.00 29.42 ? 138 LYS A CD  1 
ATOM   507  N N   . ASP A 1 110 ? -6.173  8.808   -8.140  1.00 20.24 ? 139 ASP A N   1 
ATOM   508  C CA  . ASP A 1 110 ? -6.316  9.930   -7.199  1.00 21.42 ? 139 ASP A CA  1 
ATOM   509  C C   . ASP A 1 110 ? -5.250  9.934   -6.084  1.00 19.23 ? 139 ASP A C   1 
ATOM   510  O O   . ASP A 1 110 ? -5.427  10.565  -5.056  1.00 18.75 ? 139 ASP A O   1 
ATOM   511  C CB  . ASP A 1 110 ? -7.713  9.923   -6.583  1.00 22.75 ? 139 ASP A CB  1 
ATOM   512  C CG  . ASP A 1 110 ? -8.814  10.280  -7.598  1.00 27.02 ? 139 ASP A CG  1 
ATOM   513  O OD1 . ASP A 1 110 ? -8.581  11.140  -8.439  1.00 30.15 ? 139 ASP A OD1 1 
ATOM   514  O OD2 . ASP A 1 110 ? -9.893  9.667   -7.568  1.00 29.90 ? 139 ASP A OD2 1 
ATOM   515  N N   . PHE A 1 111 ? -4.103  9.320   -6.357  1.00 19.34 ? 140 PHE A N   1 
ATOM   516  C CA  . PHE A 1 111 ? -2.981  9.263   -5.402  1.00 17.53 ? 140 PHE A CA  1 
ATOM   517  C C   . PHE A 1 111 ? -2.590  10.627  -4.859  1.00 17.86 ? 140 PHE A C   1 
ATOM   518  O O   . PHE A 1 111 ? -2.322  10.773  -3.684  1.00 17.11 ? 140 PHE A O   1 
ATOM   519  C CB  . PHE A 1 111 ? -1.804  8.585   -6.090  1.00 17.83 ? 140 PHE A CB  1 
ATOM   520  C CG  . PHE A 1 111 ? -0.812  7.960   -5.156  1.00 16.21 ? 140 PHE A CG  1 
ATOM   521  C CD1 . PHE A 1 111 ? 0.210   8.693   -4.578  1.00 15.67 ? 140 PHE A CD1 1 
ATOM   522  C CD2 . PHE A 1 111 ? -0.899  6.598   -4.866  1.00 16.02 ? 140 PHE A CD2 1 
ATOM   523  C CE1 . PHE A 1 111 ? 1.174   8.074   -3.773  1.00 15.43 ? 140 PHE A CE1 1 
ATOM   524  C CE2 . PHE A 1 111 ? 0.053   5.988   -4.036  1.00 14.48 ? 140 PHE A CE2 1 
ATOM   525  C CZ  . PHE A 1 111 ? 1.106   6.712   -3.530  1.00 14.96 ? 140 PHE A CZ  1 
ATOM   526  N N   . PRO A 1 112 ? -2.592  11.673  -5.712  1.00 18.88 ? 141 PRO A N   1 
ATOM   527  C CA  . PRO A 1 112 ? -2.221  12.970  -5.167  1.00 20.02 ? 141 PRO A CA  1 
ATOM   528  C C   . PRO A 1 112 ? -3.116  13.528  -4.054  1.00 19.96 ? 141 PRO A C   1 
ATOM   529  O O   . PRO A 1 112 ? -2.668  14.409  -3.302  1.00 22.01 ? 141 PRO A O   1 
ATOM   530  C CB  . PRO A 1 112 ? -2.259  13.879  -6.410  1.00 21.18 ? 141 PRO A CB  1 
ATOM   531  C CG  . PRO A 1 112 ? -1.987  12.996  -7.539  1.00 21.31 ? 141 PRO A CG  1 
ATOM   532  C CD  . PRO A 1 112 ? -2.733  11.732  -7.183  1.00 20.81 ? 141 PRO A CD  1 
ATOM   533  N N   . LYS A 1 113 ? -4.330  13.006  -3.907  1.00 20.50 ? 142 LYS A N   1 
ATOM   534  C CA  . LYS A 1 113 ? -5.244  13.389  -2.845  1.00 20.73 ? 142 LYS A CA  1 
ATOM   535  C C   . LYS A 1 113 ? -4.939  12.805  -1.480  1.00 17.60 ? 142 LYS A C   1 
ATOM   536  O O   . LYS A 1 113 ? -5.524  13.228  -0.457  1.00 17.49 ? 142 LYS A O   1 
ATOM   537  C CB  . LYS A 1 113 ? -6.658  12.999  -3.198  1.00 23.45 ? 142 LYS A CB  1 
ATOM   538  C CG  . LYS A 1 113 ? -7.233  13.734  -4.395  1.00 26.48 ? 142 LYS A CG  1 
ATOM   539  C CD  . LYS A 1 113 ? -8.619  13.215  -4.734  1.00 30.51 ? 142 LYS A CD  1 
ATOM   540  C CE  . LYS A 1 113 ? -9.596  13.238  -3.555  1.00 35.62 ? 142 LYS A CE  1 
ATOM   541  N N   . LEU A 1 114 ? -4.038  11.804  -1.437  1.00 17.62 ? 143 LEU A N   1 
ATOM   542  C CA  . LEU A 1 114 ? -3.670  11.241  -0.153  1.00 16.34 ? 143 LEU A CA  1 
ATOM   543  C C   . LEU A 1 114 ? -2.965  12.266  0.744   1.00 17.85 ? 143 LEU A C   1 
ATOM   544  O O   . LEU A 1 114 ? -2.207  13.100  0.252   1.00 18.90 ? 143 LEU A O   1 
ATOM   545  C CB  . LEU A 1 114 ? -2.767  10.000  -0.337  1.00 15.44 ? 143 LEU A CB  1 
ATOM   546  C CG  . LEU A 1 114 ? -3.385  8.831   -1.079  1.00 16.57 ? 143 LEU A CG  1 
ATOM   547  C CD1 . LEU A 1 114 ? -2.335  7.806   -1.459  1.00 15.54 ? 143 LEU A CD1 1 
ATOM   548  C CD2 . LEU A 1 114 ? -4.527  8.245   -0.253  1.00 16.30 ? 143 LEU A CD2 1 
ATOM   549  N N   . ARG A 1 115 ? -3.251  12.210  2.032   1.00 18.18 ? 144 ARG A N   1 
ATOM   550  C CA  . ARG A 1 115 ? -2.750  13.177  2.991   1.00 21.82 ? 144 ARG A CA  1 
ATOM   551  C C   . ARG A 1 115 ? -2.239  12.464  4.215   1.00 19.64 ? 144 ARG A C   1 
ATOM   552  O O   . ARG A 1 115 ? -2.687  11.359  4.581   1.00 18.16 ? 144 ARG A O   1 
ATOM   553  C CB  . ARG A 1 115 ? -3.859  14.115  3.452   1.00 24.24 ? 144 ARG A CB  1 
ATOM   554  C CG  . ARG A 1 115 ? -4.663  14.817  2.380   1.00 29.48 ? 144 ARG A CG  1 
ATOM   555  C CD  . ARG A 1 115 ? -5.856  15.454  3.038   1.00 35.32 ? 144 ARG A CD  1 
ATOM   556  N NE  . ARG A 1 115 ? -6.742  16.116  2.086   1.00 42.36 ? 144 ARG A NE  1 
ATOM   557  C CZ  . ARG A 1 115 ? -7.792  16.868  2.427   1.00 45.40 ? 144 ARG A CZ  1 
ATOM   558  N NH1 . ARG A 1 115 ? -8.133  17.054  3.716   1.00 48.52 ? 144 ARG A NH1 1 
ATOM   559  N NH2 . ARG A 1 115 ? -8.518  17.438  1.467   1.00 48.69 ? 144 ARG A NH2 1 
ATOM   560  N N   . HIS A 1 116 ? -1.354  13.143  4.948   1.00 19.13 ? 145 HIS A N   1 
ATOM   561  C CA  . HIS A 1 116 ? -1.000  12.653  6.281   1.00 19.08 ? 145 HIS A CA  1 
ATOM   562  C C   . HIS A 1 116 ? -2.243  12.383  7.119   1.00 18.96 ? 145 HIS A C   1 
ATOM   563  O O   . HIS A 1 116 ? -3.185  13.209  7.159   1.00 19.64 ? 145 HIS A O   1 
ATOM   564  C CB  . HIS A 1 116 ? -0.113  13.662  7.028   1.00 21.63 ? 145 HIS A CB  1 
ATOM   565  C CG  . HIS A 1 116 ? 1.184   13.967  6.331   1.00 27.64 ? 145 HIS A CG  1 
ATOM   566  N ND1 . HIS A 1 116 ? 2.129   14.815  6.875   1.00 31.74 ? 145 HIS A ND1 1 
ATOM   567  C CD2 . HIS A 1 116 ? 1.702   13.539  5.145   1.00 28.90 ? 145 HIS A CD2 1 
ATOM   568  C CE1 . HIS A 1 116 ? 3.153   14.928  6.044   1.00 30.11 ? 145 HIS A CE1 1 
ATOM   569  N NE2 . HIS A 1 116 ? 2.913   14.179  4.983   1.00 31.81 ? 145 HIS A NE2 1 
ATOM   570  N N   . GLY A 1 117 ? -2.260  11.238  7.789   1.00 16.01 ? 146 GLY A N   1 
ATOM   571  C CA  . GLY A 1 117 ? -3.344  10.840  8.654   1.00 16.13 ? 146 GLY A CA  1 
ATOM   572  C C   . GLY A 1 117 ? -4.400  10.014  7.958   1.00 15.92 ? 146 GLY A C   1 
ATOM   573  O O   . GLY A 1 117 ? -5.200  9.413   8.644   1.00 17.68 ? 146 GLY A O   1 
ATOM   574  N N   . ASP A 1 118 ? -4.383  9.981   6.627   1.00 15.66 ? 147 ASP A N   1 
ATOM   575  C CA  . ASP A 1 118 ? -5.290  9.114   5.865   1.00 15.59 ? 147 ASP A CA  1 
ATOM   576  C C   . ASP A 1 118 ? -4.974  7.640   6.146   1.00 15.55 ? 147 ASP A C   1 
ATOM   577  O O   . ASP A 1 118 ? -3.816  7.264   6.254   1.00 14.75 ? 147 ASP A O   1 
ATOM   578  C CB  . ASP A 1 118 ? -5.219  9.398   4.403   1.00 15.00 ? 147 ASP A CB  1 
ATOM   579  C CG  . ASP A 1 118 ? -5.980  10.653  3.994   1.00 17.27 ? 147 ASP A CG  1 
ATOM   580  O OD1 . ASP A 1 118 ? -6.753  11.227  4.802   1.00 20.16 ? 147 ASP A OD1 1 
ATOM   581  O OD2 . ASP A 1 118 ? -5.816  11.041  2.847   1.00 19.71 ? 147 ASP A OD2 1 
ATOM   582  N N   . GLU A 1 119 ? -6.029  6.838   6.251   1.00 14.26 ? 148 GLU A N   1 
ATOM   583  C CA  . GLU A 1 119 ? -5.942  5.437   6.566   1.00 14.59 ? 148 GLU A CA  1 
ATOM   584  C C   . GLU A 1 119 ? -5.871  4.598   5.295   1.00 13.45 ? 148 GLU A C   1 
ATOM   585  O O   . GLU A 1 119 ? -6.525  4.896   4.268   1.00 13.81 ? 148 GLU A O   1 
ATOM   586  C CB  . GLU A 1 119 ? -7.141  5.004   7.393   1.00 18.02 ? 148 GLU A CB  1 
ATOM   587  C CG  . GLU A 1 119 ? -7.232  5.717   8.739   1.00 22.06 ? 148 GLU A CG  1 
ATOM   588  C CD  . GLU A 1 119 ? -8.681  6.099   9.088   1.00 28.58 ? 148 GLU A CD  1 
ATOM   589  O OE1 . GLU A 1 119 ? -9.513  6.408   8.186   1.00 36.91 ? 148 GLU A OE1 1 
ATOM   590  O OE2 . GLU A 1 119 ? -9.015  6.048   10.274  1.00 33.13 ? 148 GLU A OE2 1 
ATOM   591  N N   . VAL A 1 120 ? -5.092  3.533   5.390   1.00 12.73 ? 149 VAL A N   1 
ATOM   592  C CA  . VAL A 1 120 ? -4.986  2.480   4.381   1.00 12.55 ? 149 VAL A CA  1 
ATOM   593  C C   . VAL A 1 120 ? -5.278  1.181   5.097   1.00 12.17 ? 149 VAL A C   1 
ATOM   594  O O   . VAL A 1 120 ? -4.585  0.830   6.032   1.00 11.51 ? 149 VAL A O   1 
ATOM   595  C CB  . VAL A 1 120 ? -3.569  2.459   3.739   1.00 12.06 ? 149 VAL A CB  1 
ATOM   596  C CG1 . VAL A 1 120 ? -3.449  1.333   2.748   1.00 12.30 ? 149 VAL A CG1 1 
ATOM   597  C CG2 . VAL A 1 120 ? -3.222  3.816   3.109   1.00 12.98 ? 149 VAL A CG2 1 
ATOM   598  N N   . VAL A 1 121 ? -6.358  0.506   4.699   1.00 10.57 ? 150 VAL A N   1 
ATOM   599  C CA  . VAL A 1 121 ? -6.914  -0.595  5.436   1.00 11.90 ? 150 VAL A CA  1 
ATOM   600  C C   . VAL A 1 121 ? -6.852  -1.849  4.595   1.00 11.93 ? 150 VAL A C   1 
ATOM   601  O O   . VAL A 1 121 ? -7.246  -1.797  3.421   1.00 12.85 ? 150 VAL A O   1 
ATOM   602  C CB  . VAL A 1 121 ? -8.382  -0.333  5.815   1.00 12.68 ? 150 VAL A CB  1 
ATOM   603  C CG1 . VAL A 1 121 ? -8.961  -1.484  6.612   1.00 13.92 ? 150 VAL A CG1 1 
ATOM   604  C CG2 . VAL A 1 121 ? -8.464  0.945   6.661   1.00 14.37 ? 150 VAL A CG2 1 
ATOM   605  N N   . LEU A 1 122 ? -6.337  -2.939  5.165   1.00 11.04 ? 151 LEU A N   1 
ATOM   606  C CA  . LEU A 1 122 ? -6.337  -4.218  4.493   1.00 11.93 ? 151 LEU A CA  1 
ATOM   607  C C   . LEU A 1 122 ? -6.950  -5.306  5.312   1.00 12.95 ? 151 LEU A C   1 
ATOM   608  O O   . LEU A 1 122 ? -6.864  -5.308  6.552   1.00 12.46 ? 151 LEU A O   1 
ATOM   609  C CB  . LEU A 1 122 ? -4.935  -4.676  4.115   1.00 12.16 ? 151 LEU A CB  1 
ATOM   610  C CG  . LEU A 1 122 ? -4.234  -3.776  3.098   1.00 11.93 ? 151 LEU A CG  1 
ATOM   611  C CD1 . LEU A 1 122 ? -3.341  -2.736  3.746   1.00 12.77 ? 151 LEU A CD1 1 
ATOM   612  C CD2 . LEU A 1 122 ? -3.458  -4.567  2.048   1.00 12.22 ? 151 LEU A CD2 1 
ATOM   613  N N   . THR A 1 123 ? -7.550  -6.260  4.611   1.00 12.11 ? 152 THR A N   1 
ATOM   614  C CA  . THR A 1 123 ? -7.971  -7.497  5.218   1.00 12.90 ? 152 THR A CA  1 
ATOM   615  C C   . THR A 1 123 ? -7.287  -8.672  4.526   1.00 12.66 ? 152 THR A C   1 
ATOM   616  O O   . THR A 1 123 ? -7.151  -8.675  3.288   1.00 13.23 ? 152 THR A O   1 
ATOM   617  C CB  . THR A 1 123 ? -9.511  -7.702  5.240   1.00 13.46 ? 152 THR A CB  1 
ATOM   618  O OG1 . THR A 1 123 ? -9.793  -9.022  5.715   1.00 15.63 ? 152 THR A OG1 1 
ATOM   619  C CG2 . THR A 1 123 ? -10.148 -7.481  3.877   1.00 13.57 ? 152 THR A CG2 1 
ATOM   620  N N   . ASP A 1 124 ? -6.858  -9.629  5.324   1.00 13.11 ? 153 ASP A N   1 
ATOM   621  C CA  . ASP A 1 124 ? -6.367  -10.939 4.809   1.00 15.03 ? 153 ASP A CA  1 
ATOM   622  C C   . ASP A 1 124 ? -7.415  -12.038 4.953   1.00 17.00 ? 153 ASP A C   1 
ATOM   623  O O   . ASP A 1 124 ? -7.093  -13.216 4.766   1.00 17.42 ? 153 ASP A O   1 
ATOM   624  C CB  . ASP A 1 124 ? -5.059  -11.363 5.463   1.00 16.48 ? 153 ASP A CB  1 
ATOM   625  C CG  . ASP A 1 124 ? -5.171  -11.569 6.957   1.00 16.80 ? 153 ASP A CG  1 
ATOM   626  O OD1 . ASP A 1 124 ? -6.276  -11.464 7.487   1.00 16.71 ? 153 ASP A OD1 1 
ATOM   627  O OD2 . ASP A 1 124 ? -4.116  -11.732 7.626   1.00 20.70 ? 153 ASP A OD2 1 
ATOM   628  N N   . GLY A 1 125 ? -8.624  -11.670 5.339   1.00 16.27 ? 154 GLY A N   1 
ATOM   629  C CA  . GLY A 1 125 ? -9.670  -12.642 5.582   1.00 17.89 ? 154 GLY A CA  1 
ATOM   630  C C   . GLY A 1 125 ? -9.835  -13.032 7.033   1.00 19.14 ? 154 GLY A C   1 
ATOM   631  O O   . GLY A 1 125 ? -10.892 -13.588 7.422   1.00 20.54 ? 154 GLY A O   1 
ATOM   632  N N   . THR A 1 126 ? -8.808  -12.772 7.821   1.00 17.76 ? 155 THR A N   1 
ATOM   633  C CA  . THR A 1 126 ? -8.805  -13.062 9.281   1.00 18.17 ? 155 THR A CA  1 
ATOM   634  C C   . THR A 1 126 ? -8.766  -11.782 10.102  1.00 17.48 ? 155 THR A C   1 
ATOM   635  O O   . THR A 1 126 ? -9.476  -11.659 11.130  1.00 16.19 ? 155 THR A O   1 
ATOM   636  C CB  . THR A 1 126 ? -7.629  -13.940 9.623   1.00 20.48 ? 155 THR A CB  1 
ATOM   637  O OG1 . THR A 1 126 ? -7.837  -15.206 8.999   1.00 23.09 ? 155 THR A OG1 1 
ATOM   638  C CG2 . THR A 1 126 ? -7.473  -14.167 11.121  1.00 20.83 ? 155 THR A CG2 1 
ATOM   639  N N   . THR A 1 127 ? -7.902  -10.870 9.680   1.00 16.22 ? 156 THR A N   1 
ATOM   640  C CA  . THR A 1 127 ? -7.618  -9.630  10.410  1.00 14.61 ? 156 THR A CA  1 
ATOM   641  C C   . THR A 1 127 ? -7.741  -8.399  9.529   1.00 14.04 ? 156 THR A C   1 
ATOM   642  O O   . THR A 1 127 ? -7.359  -8.426  8.354   1.00 14.20 ? 156 THR A O   1 
ATOM   643  C CB  . THR A 1 127 ? -6.183  -9.698  10.978  1.00 15.48 ? 156 THR A CB  1 
ATOM   644  O OG1 . THR A 1 127 ? -6.022  -10.893 11.781  1.00 16.63 ? 156 THR A OG1 1 
ATOM   645  C CG2 . THR A 1 127 ? -5.779  -8.492  11.786  1.00 15.76 ? 156 THR A CG2 1 
ATOM   646  N N   . TRP A 1 128 ? -8.256  -7.324  10.117  1.00 12.78 ? 157 TRP A N   1 
ATOM   647  C CA  . TRP A 1 128 ? -8.247  -6.026  9.542   1.00 12.78 ? 157 TRP A CA  1 
ATOM   648  C C   . TRP A 1 128 ? -7.054  -5.262  10.078  1.00 13.48 ? 157 TRP A C   1 
ATOM   649  O O   . TRP A 1 128 ? -6.919  -5.117  11.277  1.00 13.98 ? 157 TRP A O   1 
ATOM   650  C CB  . TRP A 1 128 ? -9.460  -5.225  9.969   1.00 13.17 ? 157 TRP A CB  1 
ATOM   651  C CG  . TRP A 1 128 ? -10.756 -5.650  9.293   1.00 13.40 ? 157 TRP A CG  1 
ATOM   652  C CD1 . TRP A 1 128 ? -11.778 -6.337  9.852   1.00 14.86 ? 157 TRP A CD1 1 
ATOM   653  C CD2 . TRP A 1 128 ? -11.140 -5.357  7.953   1.00 14.29 ? 157 TRP A CD2 1 
ATOM   654  N NE1 . TRP A 1 128 ? -12.807 -6.503  8.930   1.00 15.15 ? 157 TRP A NE1 1 
ATOM   655  C CE2 . TRP A 1 128 ? -12.434 -5.897  7.758   1.00 14.59 ? 157 TRP A CE2 1 
ATOM   656  C CE3 . TRP A 1 128 ? -10.526 -4.674  6.908   1.00 13.75 ? 157 TRP A CE3 1 
ATOM   657  C CZ2 . TRP A 1 128 ? -13.103 -5.787  6.554   1.00 14.71 ? 157 TRP A CZ2 1 
ATOM   658  C CZ3 . TRP A 1 128 ? -11.206 -4.540  5.725   1.00 14.36 ? 157 TRP A CZ3 1 
ATOM   659  C CH2 . TRP A 1 128 ? -12.466 -5.104  5.557   1.00 14.05 ? 157 TRP A CH2 1 
ATOM   660  N N   . PHE A 1 129 ? -6.246  -4.728  9.172   1.00 11.52 ? 158 PHE A N   1 
ATOM   661  C CA  . PHE A 1 129 ? -5.057  -3.947  9.506   1.00 12.25 ? 158 PHE A CA  1 
ATOM   662  C C   . PHE A 1 129 ? -5.322  -2.526  9.095   1.00 11.86 ? 158 PHE A C   1 
ATOM   663  O O   . PHE A 1 129 ? -5.590  -2.267  7.909   1.00 12.69 ? 158 PHE A O   1 
ATOM   664  C CB  . PHE A 1 129 ? -3.849  -4.489  8.710   1.00 11.13 ? 158 PHE A CB  1 
ATOM   665  C CG  . PHE A 1 129 ? -3.501  -5.919  9.003   1.00 11.66 ? 158 PHE A CG  1 
ATOM   666  C CD1 . PHE A 1 129 ? -4.158  -6.964  8.349   1.00 12.47 ? 158 PHE A CD1 1 
ATOM   667  C CD2 . PHE A 1 129 ? -2.539  -6.231  9.972   1.00 12.76 ? 158 PHE A CD2 1 
ATOM   668  C CE1 . PHE A 1 129 ? -3.834  -8.297  8.625   1.00 13.41 ? 158 PHE A CE1 1 
ATOM   669  C CE2 . PHE A 1 129 ? -2.199  -7.568  10.238  1.00 13.63 ? 158 PHE A CE2 1 
ATOM   670  C CZ  . PHE A 1 129 ? -2.853  -8.586  9.567   1.00 13.49 ? 158 PHE A CZ  1 
ATOM   671  N N   . THR A 1 130 ? -5.183  -1.574  10.024  1.00 11.47 ? 159 THR A N   1 
ATOM   672  C CA  . THR A 1 130 ? -5.305  -0.175  9.698   1.00 11.28 ? 159 THR A CA  1 
ATOM   673  C C   . THR A 1 130 ? -3.955  0.484   9.787   1.00 11.76 ? 159 THR A C   1 
ATOM   674  O O   . THR A 1 130 ? -3.404  0.577   10.887  1.00 11.67 ? 159 THR A O   1 
ATOM   675  C CB  . THR A 1 130 ? -6.269  0.566   10.649  1.00 12.54 ? 159 THR A CB  1 
ATOM   676  O OG1 . THR A 1 130 ? -7.566  -0.033  10.541  1.00 13.04 ? 159 THR A OG1 1 
ATOM   677  C CG2 . THR A 1 130 ? -6.390  2.003   10.292  1.00 13.51 ? 159 THR A CG2 1 
ATOM   678  N N   . TYR A 1 131 ? -3.454  0.950   8.637   1.00 10.78 ? 160 TYR A N   1 
ATOM   679  C CA  . TYR A 1 131 ? -2.263  1.754   8.572   1.00 11.39 ? 160 TYR A CA  1 
ATOM   680  C C   . TYR A 1 131 ? -2.618  3.228   8.455   1.00 11.63 ? 160 TYR A C   1 
ATOM   681  O O   . TYR A 1 131 ? -3.667  3.576   7.894   1.00 11.67 ? 160 TYR A O   1 
ATOM   682  C CB  . TYR A 1 131 ? -1.403  1.337   7.386   1.00 10.68 ? 160 TYR A CB  1 
ATOM   683  C CG  . TYR A 1 131 ? -0.743  -0.008  7.478   1.00 9.86  ? 160 TYR A CG  1 
ATOM   684  C CD1 . TYR A 1 131 ? -1.408  -1.181  7.118   1.00 10.67 ? 160 TYR A CD1 1 
ATOM   685  C CD2 . TYR A 1 131 ? 0.595   -0.140  7.925   1.00 10.92 ? 160 TYR A CD2 1 
ATOM   686  C CE1 . TYR A 1 131 ? -0.774  -2.430  7.163   1.00 11.52 ? 160 TYR A CE1 1 
ATOM   687  C CE2 . TYR A 1 131 ? 1.223   -1.382  7.962   1.00 10.64 ? 160 TYR A CE2 1 
ATOM   688  C CZ  . TYR A 1 131 ? 0.544   -2.524  7.592   1.00 10.42 ? 160 TYR A CZ  1 
ATOM   689  O OH  . TYR A 1 131 ? 1.245   -3.722  7.637   1.00 11.33 ? 160 TYR A OH  1 
ATOM   690  N N   . VAL A 1 132 ? -1.744  4.094   8.936   1.00 12.17 ? 161 VAL A N   1 
ATOM   691  C CA  . VAL A 1 132 ? -1.960  5.546   8.848   1.00 13.28 ? 161 VAL A CA  1 
ATOM   692  C C   . VAL A 1 132 ? -0.792  6.218   8.153   1.00 12.61 ? 161 VAL A C   1 
ATOM   693  O O   . VAL A 1 132 ? 0.341   6.010   8.535   1.00 12.62 ? 161 VAL A O   1 
ATOM   694  C CB  . VAL A 1 132 ? -2.156  6.137   10.237  1.00 14.48 ? 161 VAL A CB  1 
ATOM   695  C CG1 . VAL A 1 132 ? -2.243  7.677   10.150  1.00 16.42 ? 161 VAL A CG1 1 
ATOM   696  C CG2 . VAL A 1 132 ? -3.432  5.578   10.826  1.00 15.49 ? 161 VAL A CG2 1 
ATOM   697  N N   . ILE A 1 133 ? -1.085  7.010   7.142   1.00 13.36 ? 162 ILE A N   1 
ATOM   698  C CA  . ILE A 1 133 ? -0.065  7.700   6.351   1.00 13.28 ? 162 ILE A CA  1 
ATOM   699  C C   . ILE A 1 133 ? 0.682   8.750   7.157   1.00 14.81 ? 162 ILE A C   1 
ATOM   700  O O   . ILE A 1 133 ? 0.058   9.616   7.806   1.00 14.95 ? 162 ILE A O   1 
ATOM   701  C CB  . ILE A 1 133 ? -0.659  8.315   5.074   1.00 13.53 ? 162 ILE A CB  1 
ATOM   702  C CG1 . ILE A 1 133 ? -1.121  7.197   4.137   1.00 13.50 ? 162 ILE A CG1 1 
ATOM   703  C CG2 . ILE A 1 133 ? 0.358   9.214   4.388   1.00 13.89 ? 162 ILE A CG2 1 
ATOM   704  C CD1 . ILE A 1 133 ? -1.816  7.648   2.876   1.00 14.15 ? 162 ILE A CD1 1 
ATOM   705  N N   . ASP A 1 134 ? 2.009   8.664   7.149   1.00 13.55 ? 163 ASP A N   1 
ATOM   706  C CA  . ASP A 1 134 ? 2.836   9.675   7.850   1.00 15.02 ? 163 ASP A CA  1 
ATOM   707  C C   . ASP A 1 134 ? 3.542   10.633  6.921   1.00 15.72 ? 163 ASP A C   1 
ATOM   708  O O   . ASP A 1 134 ? 3.806   11.799  7.297   1.00 16.36 ? 163 ASP A O   1 
ATOM   709  C CB  . ASP A 1 134 ? 3.870   8.994   8.686   1.00 15.37 ? 163 ASP A CB  1 
ATOM   710  C CG  . ASP A 1 134 ? 3.281   8.194   9.800   1.00 17.39 ? 163 ASP A CG  1 
ATOM   711  O OD1 . ASP A 1 134 ? 2.566   8.759   10.645  1.00 19.96 ? 163 ASP A OD1 1 
ATOM   712  O OD2 . ASP A 1 134 ? 3.477   6.964   9.818   1.00 16.80 ? 163 ASP A OD2 1 
ATOM   713  N N   . THR A 1 135 ? 3.930   10.159  5.748   1.00 15.08 ? 164 THR A N   1 
ATOM   714  C CA  . THR A 1 135 ? 4.776   10.922  4.824   1.00 16.24 ? 164 THR A CA  1 
ATOM   715  C C   . THR A 1 135 ? 4.306   10.748  3.398   1.00 17.00 ? 164 THR A C   1 
ATOM   716  O O   . THR A 1 135 ? 3.923   9.660   2.997   1.00 16.45 ? 164 THR A O   1 
ATOM   717  C CB  . THR A 1 135 ? 6.231   10.472  4.986   1.00 16.93 ? 164 THR A CB  1 
ATOM   718  O OG1 . THR A 1 135 ? 6.564   10.580  6.357   1.00 18.82 ? 164 THR A OG1 1 
ATOM   719  C CG2 . THR A 1 135 ? 7.187   11.329  4.153   1.00 18.88 ? 164 THR A CG2 1 
ATOM   720  N N   . GLY A 1 136 ? 4.324   11.853  2.644   1.00 16.69 ? 165 GLY A N   1 
ATOM   721  C CA  . GLY A 1 136 ? 3.992   11.877  1.237   1.00 17.49 ? 165 GLY A CA  1 
ATOM   722  C C   . GLY A 1 136 ? 2.626   12.516  1.017   1.00 18.98 ? 165 GLY A C   1 
ATOM   723  O O   . GLY A 1 136 ? 1.981   12.954  2.004   1.00 20.59 ? 165 GLY A O   1 
ATOM   724  N N   . PRO A 1 137 ? 2.150   12.547  -0.229  1.00 20.27 ? 166 PRO A N   1 
ATOM   725  C CA  . PRO A 1 137 ? 2.815   11.959  -1.377  1.00 19.29 ? 166 PRO A CA  1 
ATOM   726  C C   . PRO A 1 137 ? 4.118   12.640  -1.749  1.00 20.87 ? 166 PRO A C   1 
ATOM   727  O O   . PRO A 1 137 ? 4.195   13.891  -1.779  1.00 20.25 ? 166 PRO A O   1 
ATOM   728  C CB  . PRO A 1 137 ? 1.804   12.108  -2.504  1.00 19.89 ? 166 PRO A CB  1 
ATOM   729  C CG  . PRO A 1 137 ? 0.520   12.209  -1.838  1.00 21.97 ? 166 PRO A CG  1 
ATOM   730  C CD  . PRO A 1 137 ? 0.785   12.950  -0.569  1.00 21.55 ? 166 PRO A CD  1 
ATOM   731  N N   . TYR A 1 138 ? 5.117   11.817  -2.037  1.00 17.93 ? 167 TYR A N   1 
ATOM   732  C CA  . TYR A 1 138 ? 6.484   12.239  -2.284  1.00 19.00 ? 167 TYR A CA  1 
ATOM   733  C C   . TYR A 1 138 ? 6.819   11.895  -3.713  1.00 20.91 ? 167 TYR A C   1 
ATOM   734  O O   . TYR A 1 138 ? 6.673   10.752  -4.137  1.00 17.72 ? 167 TYR A O   1 
ATOM   735  C CB  . TYR A 1 138 ? 7.430   11.579  -1.280  1.00 20.17 ? 167 TYR A CB  1 
ATOM   736  C CG  . TYR A 1 138 ? 8.897   11.766  -1.619  1.00 23.38 ? 167 TYR A CG  1 
ATOM   737  C CD1 . TYR A 1 138 ? 9.534   13.001  -1.443  1.00 28.57 ? 167 TYR A CD1 1 
ATOM   738  C CD2 . TYR A 1 138 ? 9.645   10.724  -2.156  1.00 25.58 ? 167 TYR A CD2 1 
ATOM   739  C CE1 . TYR A 1 138 ? 10.880  13.172  -1.789  1.00 30.01 ? 167 TYR A CE1 1 
ATOM   740  C CE2 . TYR A 1 138 ? 10.994  10.897  -2.485  1.00 29.62 ? 167 TYR A CE2 1 
ATOM   741  C CZ  . TYR A 1 138 ? 11.589  12.125  -2.317  1.00 30.91 ? 167 TYR A CZ  1 
ATOM   742  O OH  . TYR A 1 138 ? 12.936  12.247  -2.664  1.00 38.11 ? 167 TYR A OH  1 
ATOM   743  N N   . LYS A 1 139 ? 7.310   12.894  -4.461  1.00 19.80 ? 168 LYS A N   1 
ATOM   744  C CA  . LYS A 1 139 ? 7.601   12.722  -5.849  1.00 22.72 ? 168 LYS A CA  1 
ATOM   745  C C   . LYS A 1 139 ? 9.023   12.210  -6.001  1.00 23.39 ? 168 LYS A C   1 
ATOM   746  O O   . LYS A 1 139 ? 9.982   12.792  -5.468  1.00 24.82 ? 168 LYS A O   1 
ATOM   747  C CB  . LYS A 1 139 ? 7.399   14.058  -6.581  1.00 26.00 ? 168 LYS A CB  1 
ATOM   748  C CG  . LYS A 1 139 ? 7.426   13.987  -8.086  1.00 31.53 ? 168 LYS A CG  1 
ATOM   749  C CD  . LYS A 1 139 ? 7.141   15.370  -8.708  1.00 35.07 ? 168 LYS A CD  1 
ATOM   750  C CE  . LYS A 1 139 ? 5.658   15.685  -8.781  1.00 39.53 ? 168 LYS A CE  1 
ATOM   751  N N   . THR A 1 140 ? 9.182   11.107  -6.699  1.00 22.01 ? 169 THR A N   1 
ATOM   752  C CA  . THR A 1 140 ? 10.514  10.644  -6.979  1.00 24.07 ? 169 THR A CA  1 
ATOM   753  C C   . THR A 1 140 ? 10.674  9.974   -8.321  1.00 23.34 ? 169 THR A C   1 
ATOM   754  O O   . THR A 1 140 ? 9.783   10.023  -9.139  1.00 25.40 ? 169 THR A O   1 
ATOM   755  C CB  . THR A 1 140 ? 11.040  9.771   -5.849  1.00 25.10 ? 169 THR A CB  1 
ATOM   756  O OG1 . THR A 1 140 ? 12.459  9.606   -6.026  1.00 28.73 ? 169 THR A OG1 1 
ATOM   757  C CG2 . THR A 1 140 ? 10.279  8.412   -5.778  1.00 24.74 ? 169 THR A CG2 1 
ATOM   758  N N   . VAL A 1 141 ? 11.862  9.446   -8.558  1.00 26.42 ? 170 VAL A N   1 
ATOM   759  C CA  . VAL A 1 141 ? 12.163  8.839   -9.840  1.00 27.01 ? 170 VAL A CA  1 
ATOM   760  C C   . VAL A 1 141 ? 12.015  7.324   -9.788  1.00 24.71 ? 170 VAL A C   1 
ATOM   761  O O   . VAL A 1 141 ? 12.180  6.696   -8.731  1.00 23.39 ? 170 VAL A O   1 
ATOM   762  C CB  . VAL A 1 141 ? 13.547  9.268   -10.392 1.00 29.58 ? 170 VAL A CB  1 
ATOM   763  C CG1 . VAL A 1 141 ? 13.518  10.749  -10.751 1.00 32.88 ? 170 VAL A CG1 1 
ATOM   764  C CG2 . VAL A 1 141 ? 14.676  8.945   -9.427  1.00 29.64 ? 170 VAL A CG2 1 
ATOM   765  N N   . PRO A 1 142 ? 11.698  6.713   -10.938 1.00 25.18 ? 171 PRO A N   1 
ATOM   766  C CA  . PRO A 1 142 ? 11.573  5.259   -11.013 1.00 27.60 ? 171 PRO A CA  1 
ATOM   767  C C   . PRO A 1 142 ? 12.733  4.429   -10.485 1.00 28.34 ? 171 PRO A C   1 
ATOM   768  O O   . PRO A 1 142 ? 12.501  3.333   -9.997  1.00 32.93 ? 171 PRO A O   1 
ATOM   769  C CB  . PRO A 1 142 ? 11.383  4.996   -12.510 1.00 29.04 ? 171 PRO A CB  1 
ATOM   770  C CG  . PRO A 1 142 ? 10.865  6.260   -13.063 1.00 29.07 ? 171 PRO A CG  1 
ATOM   771  C CD  . PRO A 1 142 ? 11.416  7.366   -12.239 1.00 29.42 ? 171 PRO A CD  1 
ATOM   772  N N   . THR A 1 143 ? 13.965  4.935   -10.573 1.00 25.83 ? 172 THR A N   1 
ATOM   773  C CA  . THR A 1 143 ? 15.151  4.235   -10.104 1.00 27.77 ? 172 THR A CA  1 
ATOM   774  C C   . THR A 1 143 ? 15.390  4.314   -8.590  1.00 27.61 ? 172 THR A C   1 
ATOM   775  O O   . THR A 1 143 ? 16.322  3.675   -8.084  1.00 29.02 ? 172 THR A O   1 
ATOM   776  C CB  . THR A 1 143 ? 16.400  4.817   -10.805 1.00 29.04 ? 172 THR A CB  1 
ATOM   777  O OG1 . THR A 1 143 ? 16.387  6.227   -10.643 1.00 31.03 ? 172 THR A OG1 1 
ATOM   778  C CG2 . THR A 1 143 ? 16.388  4.491   -12.268 1.00 32.48 ? 172 THR A CG2 1 
ATOM   779  N N   . ASP A 1 144 ? 14.576  5.096   -7.866  1.00 24.94 ? 173 ASP A N   1 
ATOM   780  C CA  . ASP A 1 144 ? 14.747  5.284   -6.432  1.00 26.35 ? 173 ASP A CA  1 
ATOM   781  C C   . ASP A 1 144 ? 14.137  4.083   -5.727  1.00 27.54 ? 173 ASP A C   1 
ATOM   782  O O   . ASP A 1 144 ? 12.992  4.134   -5.286  1.00 25.93 ? 173 ASP A O   1 
ATOM   783  C CB  . ASP A 1 144 ? 14.070  6.590   -5.996  1.00 25.79 ? 173 ASP A CB  1 
ATOM   784  C CG  . ASP A 1 144 ? 14.331  6.951   -4.539  1.00 28.46 ? 173 ASP A CG  1 
ATOM   785  O OD1 . ASP A 1 144 ? 14.987  6.171   -3.825  1.00 28.80 ? 173 ASP A OD1 1 
ATOM   786  O OD2 . ASP A 1 144 ? 13.833  8.013   -4.124  1.00 30.24 ? 173 ASP A OD2 1 
ATOM   787  N N   . VAL A 1 145 ? 14.914  3.008   -5.644  1.00 24.87 ? 174 VAL A N   1 
ATOM   788  C CA  . VAL A 1 145 ? 14.458  1.725   -5.091  1.00 25.03 ? 174 VAL A CA  1 
ATOM   789  C C   . VAL A 1 145 ? 14.456  1.683   -3.569  1.00 24.13 ? 174 VAL A C   1 
ATOM   790  O O   . VAL A 1 145 ? 13.823  0.803   -2.989  1.00 24.85 ? 174 VAL A O   1 
ATOM   791  C CB  . VAL A 1 145 ? 15.288  0.516   -5.607  1.00 26.99 ? 174 VAL A CB  1 
ATOM   792  C CG1 . VAL A 1 145 ? 15.141  0.379   -7.111  1.00 29.54 ? 174 VAL A CG1 1 
ATOM   793  C CG2 . VAL A 1 145 ? 16.763  0.635   -5.188  1.00 27.78 ? 174 VAL A CG2 1 
ATOM   794  N N   . GLU A 1 146 ? 15.158  2.612   -2.922  1.00 21.07 ? 175 GLU A N   1 
ATOM   795  C CA  . GLU A 1 146 ? 15.272  2.621   -1.460  1.00 23.19 ? 175 GLU A CA  1 
ATOM   796  C C   . GLU A 1 146 ? 13.945  2.916   -0.762  1.00 20.03 ? 175 GLU A C   1 
ATOM   797  O O   . GLU A 1 146 ? 13.803  2.661   0.442   1.00 19.45 ? 175 GLU A O   1 
ATOM   798  C CB  . GLU A 1 146 ? 16.303  3.646   -0.975  1.00 28.51 ? 175 GLU A CB  1 
ATOM   799  C CG  . GLU A 1 146 ? 17.737  3.313   -1.373  1.00 35.71 ? 175 GLU A CG  1 
ATOM   800  C CD  . GLU A 1 146 ? 18.793  4.109   -0.583  1.00 42.84 ? 175 GLU A CD  1 
ATOM   801  O OE1 . GLU A 1 146 ? 19.952  3.635   -0.545  1.00 54.40 ? 175 GLU A OE1 1 
ATOM   802  O OE2 . GLU A 1 146 ? 18.486  5.191   0.002   1.00 48.87 ? 175 GLU A OE2 1 
ATOM   803  N N   . VAL A 1 147 ? 12.957  3.425   -1.500  1.00 18.06 ? 176 VAL A N   1 
ATOM   804  C CA  . VAL A 1 147 ? 11.669  3.738   -0.905  1.00 16.93 ? 176 VAL A CA  1 
ATOM   805  C C   . VAL A 1 147 ? 10.954  2.539   -0.316  1.00 15.25 ? 176 VAL A C   1 
ATOM   806  O O   . VAL A 1 147 ? 10.082  2.740   0.544   1.00 14.35 ? 176 VAL A O   1 
ATOM   807  C CB  . VAL A 1 147 ? 10.719  4.481   -1.878  1.00 19.29 ? 176 VAL A CB  1 
ATOM   808  C CG1 . VAL A 1 147 ? 11.356  5.799   -2.319  1.00 21.17 ? 176 VAL A CG1 1 
ATOM   809  C CG2 . VAL A 1 147 ? 10.334  3.613   -3.052  1.00 19.50 ? 176 VAL A CG2 1 
ATOM   810  N N   . ILE A 1 148 ? 11.302  1.324   -0.745  1.00 14.05 ? 177 ILE A N   1 
ATOM   811  C CA  . ILE A 1 148 ? 10.688  0.092   -0.225  1.00 14.82 ? 177 ILE A CA  1 
ATOM   812  C C   . ILE A 1 148 ? 11.553  -0.657  0.742   1.00 14.74 ? 177 ILE A C   1 
ATOM   813  O O   . ILE A 1 148 ? 11.186  -1.752  1.130   1.00 16.71 ? 177 ILE A O   1 
ATOM   814  C CB  . ILE A 1 148 ? 10.203  -0.860  -1.345  1.00 16.81 ? 177 ILE A CB  1 
ATOM   815  C CG1 . ILE A 1 148 ? 11.408  -1.454  -2.105  1.00 19.94 ? 177 ILE A CG1 1 
ATOM   816  C CG2 . ILE A 1 148 ? 9.214   -0.111  -2.227  1.00 17.31 ? 177 ILE A CG2 1 
ATOM   817  C CD1 . ILE A 1 148 ? 11.043  -2.602  -3.039  1.00 20.19 ? 177 ILE A CD1 1 
ATOM   818  N N   . ASP A 1 149 ? 12.655  -0.055  1.208   1.00 13.89 ? 178 ASP A N   1 
ATOM   819  C CA  . ASP A 1 149 ? 13.487  -0.724  2.200   1.00 13.81 ? 178 ASP A CA  1 
ATOM   820  C C   . ASP A 1 149 ? 12.769  -0.813  3.564   1.00 13.70 ? 178 ASP A C   1 
ATOM   821  O O   . ASP A 1 149 ? 11.756  -0.122  3.809   1.00 13.52 ? 178 ASP A O   1 
ATOM   822  C CB  . ASP A 1 149 ? 14.800  0.070   2.397   1.00 15.65 ? 178 ASP A CB  1 
ATOM   823  C CG  . ASP A 1 149 ? 15.749  -0.055  1.238   1.00 19.51 ? 178 ASP A CG  1 
ATOM   824  O OD1 . ASP A 1 149 ? 15.675  -1.046  0.494   1.00 21.50 ? 178 ASP A OD1 1 
ATOM   825  O OD2 . ASP A 1 149 ? 16.591  0.824   1.153   1.00 19.86 ? 178 ASP A OD2 1 
ATOM   826  N N   . PRO A 1 150 ? 13.289  -1.646  4.474   1.00 13.59 ? 179 PRO A N   1 
ATOM   827  C CA  . PRO A 1 150 ? 12.600  -1.783  5.726   1.00 14.51 ? 179 PRO A CA  1 
ATOM   828  C C   . PRO A 1 150 ? 12.437  -0.510  6.513   1.00 14.65 ? 179 PRO A C   1 
ATOM   829  O O   . PRO A 1 150 ? 11.423  -0.366  7.181   1.00 15.51 ? 179 PRO A O   1 
ATOM   830  C CB  . PRO A 1 150 ? 13.465  -2.812  6.495   1.00 15.15 ? 179 PRO A CB  1 
ATOM   831  C CG  . PRO A 1 150 ? 14.017  -3.643  5.436   1.00 15.21 ? 179 PRO A CG  1 
ATOM   832  C CD  . PRO A 1 150 ? 14.329  -2.684  4.332   1.00 15.42 ? 179 PRO A CD  1 
ATOM   833  N N   . VAL A 1 151 ? 13.450  0.358   6.515   1.00 14.05 ? 180 VAL A N   1 
ATOM   834  C CA  . VAL A 1 151 ? 13.410  1.684   7.120   1.00 15.34 ? 180 VAL A CA  1 
ATOM   835  C C   . VAL A 1 151 ? 13.855  2.683   6.075   1.00 15.62 ? 180 VAL A C   1 
ATOM   836  O O   . VAL A 1 151 ? 15.037  3.052   6.017   1.00 15.50 ? 180 VAL A O   1 
ATOM   837  C CB  . VAL A 1 151 ? 14.243  1.801   8.438   1.00 15.62 ? 180 VAL A CB  1 
ATOM   838  C CG1 . VAL A 1 151 ? 14.000  3.150   9.082   1.00 15.27 ? 180 VAL A CG1 1 
ATOM   839  C CG2 . VAL A 1 151 ? 13.876  0.706   9.389   1.00 16.69 ? 180 VAL A CG2 1 
ATOM   840  N N   . PRO A 1 152 ? 12.933  3.161   5.218   1.00 15.11 ? 181 PRO A N   1 
ATOM   841  C CA  . PRO A 1 152 ? 13.384  3.999   4.097   1.00 16.55 ? 181 PRO A CA  1 
ATOM   842  C C   . PRO A 1 152 ? 13.866  5.375   4.524   1.00 19.69 ? 181 PRO A C   1 
ATOM   843  O O   . PRO A 1 152 ? 13.199  6.040   5.309   1.00 19.04 ? 181 PRO A O   1 
ATOM   844  C CB  . PRO A 1 152 ? 12.120  4.189   3.247   1.00 16.91 ? 181 PRO A CB  1 
ATOM   845  C CG  . PRO A 1 152 ? 11.205  3.135   3.689   1.00 15.41 ? 181 PRO A CG  1 
ATOM   846  C CD  . PRO A 1 152 ? 11.492  2.838   5.130   1.00 14.97 ? 181 PRO A CD  1 
ATOM   847  N N   . ARG A 1 153 ? 15.030  5.790   4.024   1.00 23.26 ? 182 ARG A N   1 
ATOM   848  C CA  . ARG A 1 153 ? 15.592  7.111   4.353   1.00 28.27 ? 182 ARG A CA  1 
ATOM   849  C C   . ARG A 1 153 ? 14.616  8.279   4.177   1.00 25.80 ? 182 ARG A C   1 
ATOM   850  O O   . ARG A 1 153 ? 14.513  9.172   5.036   1.00 25.26 ? 182 ARG A O   1 
ATOM   851  C CB  . ARG A 1 153 ? 16.849  7.355   3.497   1.00 33.46 ? 182 ARG A CB  1 
ATOM   852  C CG  . ARG A 1 153 ? 17.393  8.781   3.524   1.00 41.37 ? 182 ARG A CG  1 
ATOM   853  C CD  . ARG A 1 153 ? 18.792  8.804   2.924   1.00 45.63 ? 182 ARG A CD  1 
ATOM   854  N NE  . ARG A 1 153 ? 18.767  8.491   1.489   1.00 49.48 ? 182 ARG A NE  1 
ATOM   855  C CZ  . ARG A 1 153 ? 18.552  9.375   0.507   1.00 55.63 ? 182 ARG A CZ  1 
ATOM   856  N NH1 . ARG A 1 153 ? 18.330  10.668  0.757   1.00 56.12 ? 182 ARG A NH1 1 
ATOM   857  N NH2 . ARG A 1 153 ? 18.562  8.957   -0.754  1.00 57.66 ? 182 ARG A NH2 1 
ATOM   858  N N   . LYS A 1 154 ? 13.856  8.252   3.091   1.00 22.57 ? 183 LYS A N   1 
ATOM   859  C CA  . LYS A 1 154 ? 12.953  9.353   2.808   1.00 21.94 ? 183 LYS A CA  1 
ATOM   860  C C   . LYS A 1 154 ? 11.610  9.296   3.552   1.00 21.76 ? 183 LYS A C   1 
ATOM   861  O O   . LYS A 1 154 ? 10.834  10.272  3.533   1.00 20.24 ? 183 LYS A O   1 
ATOM   862  C CB  . LYS A 1 154 ? 12.742  9.472   1.305   1.00 26.77 ? 183 LYS A CB  1 
ATOM   863  C CG  . LYS A 1 154 ? 14.058  9.747   0.586   1.00 28.93 ? 183 LYS A CG  1 
ATOM   864  C CD  . LYS A 1 154 ? 13.876  9.768   -0.904  1.00 32.40 ? 183 LYS A CD  1 
ATOM   865  C CE  . LYS A 1 154 ? 15.147  10.200  -1.624  1.00 33.69 ? 183 LYS A CE  1 
ATOM   866  N NZ  . LYS A 1 154 ? 14.834  10.315  -3.057  1.00 34.01 ? 183 LYS A NZ  1 
ATOM   867  N N   . SER A 1 155 ? 11.344  8.193   4.239   1.00 18.51 ? 184 SER A N   1 
ATOM   868  C CA  . SER A 1 155 ? 10.090  8.113   4.995   1.00 18.25 ? 184 SER A CA  1 
ATOM   869  C C   . SER A 1 155 ? 10.036  9.019   6.206   1.00 19.71 ? 184 SER A C   1 
ATOM   870  O O   . SER A 1 155 ? 8.948   9.265   6.730   1.00 21.12 ? 184 SER A O   1 
ATOM   871  C CB  . SER A 1 155 ? 9.848   6.687   5.436   1.00 17.09 ? 184 SER A CB  1 
ATOM   872  O OG  . SER A 1 155 ? 10.848  6.265   6.382   1.00 15.64 ? 184 SER A OG  1 
ATOM   873  N N   . GLY A 1 156 ? 11.204  9.395   6.743   1.00 19.97 ? 185 GLY A N   1 
ATOM   874  C CA  . GLY A 1 156 ? 11.244  10.047  8.029   1.00 20.26 ? 185 GLY A CA  1 
ATOM   875  C C   . GLY A 1 156 ? 11.300  9.119   9.213   1.00 19.47 ? 185 GLY A C   1 
ATOM   876  O O   . GLY A 1 156 ? 11.533  9.585   10.330  1.00 19.29 ? 185 GLY A O   1 
ATOM   877  N N   . TYR A 1 157 ? 11.097  7.806   9.021   1.00 16.71 ? 186 TYR A N   1 
ATOM   878  C CA  . TYR A 1 157 ? 11.146  6.917   10.130  1.00 15.47 ? 186 TYR A CA  1 
ATOM   879  C C   . TYR A 1 157 ? 12.633  6.727   10.475  1.00 18.10 ? 186 TYR A C   1 
ATOM   880  O O   . TYR A 1 157 ? 13.504  6.718   9.594   1.00 20.65 ? 186 TYR A O   1 
ATOM   881  C CB  . TYR A 1 157 ? 10.557  5.537   9.811   1.00 15.57 ? 186 TYR A CB  1 
ATOM   882  C CG  . TYR A 1 157 ? 9.081   5.585   9.378   1.00 14.61 ? 186 TYR A CG  1 
ATOM   883  C CD1 . TYR A 1 157 ? 8.129   6.260   10.140  1.00 15.74 ? 186 TYR A CD1 1 
ATOM   884  C CD2 . TYR A 1 157 ? 8.650   4.934   8.235   1.00 14.16 ? 186 TYR A CD2 1 
ATOM   885  C CE1 . TYR A 1 157 ? 6.802   6.310   9.728   1.00 15.39 ? 186 TYR A CE1 1 
ATOM   886  C CE2 . TYR A 1 157 ? 7.323   4.958   7.846   1.00 14.50 ? 186 TYR A CE2 1 
ATOM   887  C CZ  . TYR A 1 157 ? 6.419   5.650   8.587   1.00 15.28 ? 186 TYR A CZ  1 
ATOM   888  O OH  . TYR A 1 157 ? 5.081   5.666   8.191   1.00 14.65 ? 186 TYR A OH  1 
ATOM   889  N N   . GLU A 1 158 ? 12.864  6.578   11.747  1.00 18.03 ? 187 GLU A N   1 
ATOM   890  C CA  . GLU A 1 158 ? 14.236  6.524   12.273  1.00 18.90 ? 187 GLU A CA  1 
ATOM   891  C C   . GLU A 1 158 ? 14.469  5.285   13.085  1.00 17.21 ? 187 GLU A C   1 
ATOM   892  O O   . GLU A 1 158 ? 15.366  5.247   13.927  1.00 14.86 ? 187 GLU A O   1 
ATOM   893  C CB  . GLU A 1 158 ? 14.426  7.748   13.152  1.00 20.67 ? 187 GLU A CB  1 
ATOM   894  C CG  . GLU A 1 158 ? 14.635  9.040   12.371  1.00 24.31 ? 187 GLU A CG  1 
ATOM   895  C CD  . GLU A 1 158 ? 16.029  9.157   11.740  1.00 26.32 ? 187 GLU A CD  1 
ATOM   896  O OE1 . GLU A 1 158 ? 17.032  9.340   12.493  1.00 25.64 ? 187 GLU A OE1 1 
ATOM   897  O OE2 . GLU A 1 158 ? 16.130  9.074   10.499  1.00 27.60 ? 187 GLU A OE2 1 
ATOM   898  N N   . ARG A 1 159 ? 13.646  4.269   12.867  1.00 15.96 ? 188 ARG A N   1 
ATOM   899  C CA  . ARG A 1 159 ? 13.676  3.028   13.624  1.00 16.01 ? 188 ARG A CA  1 
ATOM   900  C C   . ARG A 1 159 ? 12.813  2.018   12.907  1.00 16.02 ? 188 ARG A C   1 
ATOM   901  O O   . ARG A 1 159 ? 12.004  2.421   12.067  1.00 15.44 ? 188 ARG A O   1 
ATOM   902  C CB  . ARG A 1 159 ? 13.131  3.223   15.043  1.00 18.29 ? 188 ARG A CB  1 
ATOM   903  C CG  . ARG A 1 159 ? 11.672  3.701   15.078  1.00 21.84 ? 188 ARG A CG  1 
ATOM   904  C CD  . ARG A 1 159 ? 11.256  4.045   16.496  1.00 26.95 ? 188 ARG A CD  1 
ATOM   905  N NE  . ARG A 1 159 ? 12.000  5.244   16.900  1.00 33.14 ? 188 ARG A NE  1 
ATOM   906  C CZ  . ARG A 1 159 ? 12.808  5.366   17.956  1.00 34.67 ? 188 ARG A CZ  1 
ATOM   907  N NH1 . ARG A 1 159 ? 13.002  4.376   18.835  1.00 40.14 ? 188 ARG A NH1 1 
ATOM   908  N NH2 . ARG A 1 159 ? 13.404  6.530   18.151  1.00 37.77 ? 188 ARG A NH2 1 
ATOM   909  N N   . GLU A 1 160 ? 13.000  0.747   13.254  1.00 16.76 ? 189 GLU A N   1 
ATOM   910  C CA  . GLU A 1 160 ? 12.156  -0.361  12.783  1.00 18.00 ? 189 GLU A CA  1 
ATOM   911  C C   . GLU A 1 160 ? 10.734  -0.123  13.238  1.00 14.95 ? 189 GLU A C   1 
ATOM   912  O O   . GLU A 1 160 ? 10.496  0.355   14.350  1.00 15.74 ? 189 GLU A O   1 
ATOM   913  C CB  . GLU A 1 160 ? 12.642  -1.686  13.360  1.00 20.90 ? 189 GLU A CB  1 
ATOM   914  C CG  . GLU A 1 160 ? 11.666  -2.846  13.134  1.00 27.67 ? 189 GLU A CG  1 
ATOM   915  C CD  . GLU A 1 160 ? 12.191  -4.235  13.479  1.00 29.49 ? 189 GLU A CD  1 
ATOM   916  O OE1 . GLU A 1 160 ? 12.487  -5.000  12.560  1.00 35.72 ? 189 GLU A OE1 1 
ATOM   917  O OE2 . GLU A 1 160 ? 12.245  -4.577  14.665  1.00 36.81 ? 189 GLU A OE2 1 
ATOM   918  N N   . GLY A 1 161 ? 9.760   -0.440  12.370  1.00 14.40 ? 190 GLY A N   1 
ATOM   919  C CA  . GLY A 1 161 ? 8.377   -0.465  12.760  1.00 13.37 ? 190 GLY A CA  1 
ATOM   920  C C   . GLY A 1 161 ? 7.626   -1.396  11.856  1.00 13.22 ? 190 GLY A C   1 
ATOM   921  O O   . GLY A 1 161 ? 8.259   -2.208  11.198  1.00 13.42 ? 190 GLY A O   1 
ATOM   922  N N   . ARG A 1 162 ? 6.303   -1.284  11.844  1.00 11.88 ? 191 ARG A N   1 
ATOM   923  C CA  . ARG A 1 162 ? 5.442   -2.051  10.962  1.00 11.85 ? 191 ARG A CA  1 
ATOM   924  C C   . ARG A 1 162 ? 4.901   -1.058  9.942   1.00 11.60 ? 191 ARG A C   1 
ATOM   925  O O   . ARG A 1 162 ? 3.870   -0.376  10.171  1.00 13.04 ? 191 ARG A O   1 
ATOM   926  C CB  . ARG A 1 162 ? 4.320   -2.759  11.730  1.00 12.67 ? 191 ARG A CB  1 
ATOM   927  C CG  . ARG A 1 162 ? 4.842   -3.726  12.795  1.00 13.83 ? 191 ARG A CG  1 
ATOM   928  C CD  . ARG A 1 162 ? 3.709   -4.159  13.724  1.00 15.64 ? 191 ARG A CD  1 
ATOM   929  N NE  . ARG A 1 162 ? 4.261   -5.025  14.793  1.00 17.56 ? 191 ARG A NE  1 
ATOM   930  C CZ  . ARG A 1 162 ? 4.472   -6.324  14.671  1.00 18.65 ? 191 ARG A CZ  1 
ATOM   931  N NH1 . ARG A 1 162 ? 4.136   -7.000  13.579  1.00 19.04 ? 191 ARG A NH1 1 
ATOM   932  N NH2 . ARG A 1 162 ? 4.958   -7.003  15.703  1.00 21.00 ? 191 ARG A NH2 1 
ATOM   933  N N   . TYR A 1 163 ? 5.641   -0.937  8.837   1.00 10.90 ? 192 TYR A N   1 
ATOM   934  C CA  . TYR A 1 163 ? 5.333   0.086   7.864   1.00 10.62 ? 192 TYR A CA  1 
ATOM   935  C C   . TYR A 1 163 ? 4.649   -0.477  6.627   1.00 9.88  ? 192 TYR A C   1 
ATOM   936  O O   . TYR A 1 163 ? 4.682   -1.688  6.343   1.00 9.62  ? 192 TYR A O   1 
ATOM   937  C CB  . TYR A 1 163 ? 6.584   0.878   7.457   1.00 11.10 ? 192 TYR A CB  1 
ATOM   938  C CG  . TYR A 1 163 ? 7.344   1.423   8.632   1.00 11.33 ? 192 TYR A CG  1 
ATOM   939  C CD1 . TYR A 1 163 ? 6.692   2.164   9.642   1.00 10.94 ? 192 TYR A CD1 1 
ATOM   940  C CD2 . TYR A 1 163 ? 8.702   1.257   8.749   1.00 11.87 ? 192 TYR A CD2 1 
ATOM   941  C CE1 . TYR A 1 163 ? 7.377   2.656   10.735  1.00 11.62 ? 192 TYR A CE1 1 
ATOM   942  C CE2 . TYR A 1 163 ? 9.390   1.781   9.842   1.00 12.33 ? 192 TYR A CE2 1 
ATOM   943  C CZ  . TYR A 1 163 ? 8.735   2.480   10.823  1.00 12.46 ? 192 TYR A CZ  1 
ATOM   944  O OH  . TYR A 1 163 ? 9.390   2.982   11.952  1.00 13.32 ? 192 TYR A OH  1 
ATOM   945  N N   . LEU A 1 164 ? 4.046   0.439   5.884   1.00 10.34 ? 193 LEU A N   1 
ATOM   946  C CA  . LEU A 1 164 ? 3.451   0.178   4.581   1.00 10.84 ? 193 LEU A CA  1 
ATOM   947  C C   . LEU A 1 164 ? 3.888   1.298   3.647   1.00 11.27 ? 193 LEU A C   1 
ATOM   948  O O   . LEU A 1 164 ? 3.959   2.480   4.046   1.00 11.07 ? 193 LEU A O   1 
ATOM   949  C CB  . LEU A 1 164 ? 1.913   0.095   4.691   1.00 11.13 ? 193 LEU A CB  1 
ATOM   950  C CG  . LEU A 1 164 ? 1.092   0.113   3.414   1.00 11.74 ? 193 LEU A CG  1 
ATOM   951  C CD1 . LEU A 1 164 ? -0.221  -0.660  3.633   1.00 11.84 ? 193 LEU A CD1 1 
ATOM   952  C CD2 . LEU A 1 164 ? 0.812   1.498   2.930   1.00 12.19 ? 193 LEU A CD2 1 
ATOM   953  N N   . THR A 1 165 ? 4.161   0.935   2.394   1.00 10.16 ? 194 THR A N   1 
ATOM   954  C CA  . THR A 1 165 ? 4.497   1.876   1.359   1.00 11.08 ? 194 THR A CA  1 
ATOM   955  C C   . THR A 1 165 ? 3.583   1.616   0.180   1.00 10.70 ? 194 THR A C   1 
ATOM   956  O O   . THR A 1 165 ? 3.369   0.473   -0.187  1.00 10.32 ? 194 THR A O   1 
ATOM   957  C CB  . THR A 1 165 ? 5.940   1.727   0.918   1.00 11.96 ? 194 THR A CB  1 
ATOM   958  O OG1 . THR A 1 165 ? 6.768   1.814   2.068   1.00 12.68 ? 194 THR A OG1 1 
ATOM   959  C CG2 . THR A 1 165 ? 6.363   2.819   -0.072  1.00 12.64 ? 194 THR A CG2 1 
ATOM   960  N N   . LEU A 1 166 ? 3.051   2.699   -0.398  1.00 11.04 ? 195 LEU A N   1 
ATOM   961  C CA  . LEU A 1 166 ? 2.396   2.643   -1.707  1.00 11.66 ? 195 LEU A CA  1 
ATOM   962  C C   . LEU A 1 166 ? 3.214   3.446   -2.676  1.00 12.10 ? 195 LEU A C   1 
ATOM   963  O O   . LEU A 1 166 ? 3.646   4.553   -2.351  1.00 13.08 ? 195 LEU A O   1 
ATOM   964  C CB  . LEU A 1 166 ? 0.982   3.247   -1.669  1.00 11.61 ? 195 LEU A CB  1 
ATOM   965  C CG  . LEU A 1 166 ? 0.023   2.750   -0.598  1.00 11.62 ? 195 LEU A CG  1 
ATOM   966  C CD1 . LEU A 1 166 ? -1.333  3.453   -0.729  1.00 11.76 ? 195 LEU A CD1 1 
ATOM   967  C CD2 . LEU A 1 166 ? -0.140  1.232   -0.626  1.00 11.89 ? 195 LEU A CD2 1 
ATOM   968  N N   . THR A 1 167 ? 3.378   2.897   -3.857  1.00 12.91 ? 196 THR A N   1 
ATOM   969  C CA  . THR A 1 167 ? 4.016   3.585   -4.996  1.00 13.56 ? 196 THR A CA  1 
ATOM   970  C C   . THR A 1 167 ? 3.189   3.482   -6.245  1.00 14.17 ? 196 THR A C   1 
ATOM   971  O O   . THR A 1 167 ? 2.540   2.481   -6.482  1.00 12.90 ? 196 THR A O   1 
ATOM   972  C CB  . THR A 1 167 ? 5.422   3.046   -5.286  1.00 15.06 ? 196 THR A CB  1 
ATOM   973  O OG1 . THR A 1 167 ? 6.055   3.878   -6.292  1.00 16.78 ? 196 THR A OG1 1 
ATOM   974  C CG2 . THR A 1 167 ? 5.440   1.638   -5.764  1.00 14.72 ? 196 THR A CG2 1 
ATOM   975  N N   . THR A 1 168 ? 3.232   4.549   -7.050  1.00 15.25 ? 197 THR A N   1 
ATOM   976  C CA  . THR A 1 168 ? 2.720   4.492   -8.387  1.00 16.94 ? 197 THR A CA  1 
ATOM   977  C C   . THR A 1 168 ? 3.804   3.912   -9.297  1.00 19.30 ? 197 THR A C   1 
ATOM   978  O O   . THR A 1 168 ? 4.948   3.683   -8.855  1.00 18.81 ? 197 THR A O   1 
ATOM   979  C CB  . THR A 1 168 ? 2.239   5.888   -8.866  1.00 16.86 ? 197 THR A CB  1 
ATOM   980  O OG1 . THR A 1 168 ? 3.355   6.782   -8.912  1.00 17.84 ? 197 THR A OG1 1 
ATOM   981  C CG2 . THR A 1 168 ? 1.185   6.438   -7.930  1.00 17.68 ? 197 THR A CG2 1 
HETATM 982  N N   . CME A 1 169 ? 3.472   3.649   -10.563 1.00 20.77 ? 198 CME A N   1 
HETATM 983  C CA  . CME A 1 169 ? 4.343   2.798   -11.426 1.00 23.17 ? 198 CME A CA  1 
HETATM 984  C CB  . CME A 1 169 ? 3.567   1.514   -11.663 1.00 23.50 ? 198 CME A CB  1 
HETATM 985  S SG  . CME A 1 169 ? 3.701   0.542   -10.193 1.00 25.39 ? 198 CME A SG  1 
HETATM 986  S SD  . CME A 1 169 ? 5.694   0.452   -9.705  0.70 25.35 ? 198 CME A SD  1 
HETATM 987  C CE  . CME A 1 169 ? 6.277   -0.691  -10.908 0.70 29.55 ? 198 CME A CE  1 
HETATM 988  C CZ  . CME A 1 169 ? 6.451   -2.035  -10.214 0.70 31.07 ? 198 CME A CZ  1 
HETATM 989  O OH  . CME A 1 169 ? 6.712   -2.981  -11.249 0.70 35.56 ? 198 CME A OH  1 
HETATM 990  C C   . CME A 1 169 ? 4.885   3.382   -12.715 1.00 25.73 ? 198 CME A C   1 
HETATM 991  O O   . CME A 1 169 ? 5.285   2.632   -13.602 1.00 25.51 ? 198 CME A O   1 
ATOM   992  N N   . GLU A 1 170 ? 4.988   4.702   -12.778 1.00 28.27 ? 199 GLU A N   1 
ATOM   993  C CA  . GLU A 1 170 ? 5.557   5.375   -13.955 1.00 29.34 ? 199 GLU A CA  1 
ATOM   994  C C   . GLU A 1 170 ? 6.894   4.713   -14.285 1.00 30.26 ? 199 GLU A C   1 
ATOM   995  O O   . GLU A 1 170 ? 7.715   4.515   -13.388 1.00 28.33 ? 199 GLU A O   1 
ATOM   996  C CB  . GLU A 1 170 ? 5.734   6.882   -13.712 1.00 28.80 ? 199 GLU A CB  1 
ATOM   997  C CG  . GLU A 1 170 ? 4.418   7.655   -13.677 1.00 28.24 ? 199 GLU A CG  1 
ATOM   998  C CD  . GLU A 1 170 ? 3.704   7.597   -12.337 1.00 29.99 ? 199 GLU A CD  1 
ATOM   999  O OE1 . GLU A 1 170 ? 4.198   6.890   -11.413 1.00 27.78 ? 199 GLU A OE1 1 
ATOM   1000 O OE2 . GLU A 1 170 ? 2.654   8.257   -12.199 1.00 34.11 ? 199 GLU A OE2 1 
ATOM   1001 N N   . PRO A 1 171 ? 7.112   4.348   -15.568 1.00 33.69 ? 200 PRO A N   1 
ATOM   1002 C CA  . PRO A 1 171 ? 8.293   3.541   -15.943 1.00 37.19 ? 200 PRO A CA  1 
ATOM   1003 C C   . PRO A 1 171 ? 9.634   4.287   -15.921 1.00 38.63 ? 200 PRO A C   1 
ATOM   1004 O O   . PRO A 1 171 ? 9.679   5.469   -16.270 1.00 39.91 ? 200 PRO A O   1 
ATOM   1005 C CB  . PRO A 1 171 ? 7.963   3.079   -17.380 1.00 36.10 ? 200 PRO A CB  1 
ATOM   1006 C CG  . PRO A 1 171 ? 6.994   4.086   -17.898 1.00 38.52 ? 200 PRO A CG  1 
ATOM   1007 C CD  . PRO A 1 171 ? 6.166   4.500   -16.701 1.00 37.03 ? 200 PRO A CD  1 
ATOM   1008 N N   . SER A 1 176 ? 8.700   10.376  -16.517 1.00 42.82 ? 205 SER A N   1 
ATOM   1009 C CA  . SER A 1 176 ? 7.806   10.903  -15.509 1.00 40.93 ? 205 SER A CA  1 
ATOM   1010 C C   . SER A 1 176 ? 8.129   10.339  -14.114 1.00 39.45 ? 205 SER A C   1 
ATOM   1011 O O   . SER A 1 176 ? 8.893   9.385   -13.953 1.00 38.77 ? 205 SER A O   1 
ATOM   1012 C CB  . SER A 1 176 ? 6.332   10.698  -15.895 1.00 42.91 ? 205 SER A CB  1 
ATOM   1013 O OG  . SER A 1 176 ? 6.079   9.411   -16.443 1.00 49.73 ? 205 SER A OG  1 
ATOM   1014 N N   . HIS A 1 177 ? 7.568   10.986  -13.107 1.00 36.46 ? 206 HIS A N   1 
ATOM   1015 C CA  . HIS A 1 177 ? 7.937   10.722  -11.717 1.00 32.33 ? 206 HIS A CA  1 
ATOM   1016 C C   . HIS A 1 177 ? 6.912   9.799   -11.078 1.00 27.59 ? 206 HIS A C   1 
ATOM   1017 O O   . HIS A 1 177 ? 5.768   9.702   -11.530 1.00 27.40 ? 206 HIS A O   1 
ATOM   1018 C CB  . HIS A 1 177 ? 8.070   12.036  -10.964 1.00 35.54 ? 206 HIS A CB  1 
ATOM   1019 C CG  . HIS A 1 177 ? 9.275   12.823  -11.387 1.00 41.77 ? 206 HIS A CG  1 
ATOM   1020 N ND1 . HIS A 1 177 ? 9.308   13.547  -12.561 1.00 45.82 ? 206 HIS A ND1 1 
ATOM   1021 C CD2 . HIS A 1 177 ? 10.507  12.945  -10.834 1.00 44.73 ? 206 HIS A CD2 1 
ATOM   1022 C CE1 . HIS A 1 177 ? 10.495  14.113  -12.695 1.00 47.70 ? 206 HIS A CE1 1 
ATOM   1023 N NE2 . HIS A 1 177 ? 11.244  13.758  -11.665 1.00 46.32 ? 206 HIS A NE2 1 
ATOM   1024 N N   . ARG A 1 178 ? 7.348   9.081   -10.048 1.00 23.26 ? 207 ARG A N   1 
ATOM   1025 C CA  . ARG A 1 178 ? 6.394   8.306   -9.234  1.00 20.42 ? 207 ARG A CA  1 
ATOM   1026 C C   . ARG A 1 178 ? 6.059   9.083   -7.994  1.00 19.61 ? 207 ARG A C   1 
ATOM   1027 O O   . ARG A 1 178 ? 6.811   9.934   -7.568  1.00 20.04 ? 207 ARG A O   1 
ATOM   1028 C CB  . ARG A 1 178 ? 7.028   6.983   -8.820  1.00 19.39 ? 207 ARG A CB  1 
ATOM   1029 C CG  . ARG A 1 178 ? 7.372   6.115   -9.986  1.00 19.69 ? 207 ARG A CG  1 
ATOM   1030 C CD  . ARG A 1 178 ? 8.006   4.838   -9.518  1.00 18.94 ? 207 ARG A CD  1 
ATOM   1031 N NE  . ARG A 1 178 ? 8.124   3.913   -10.651 1.00 20.54 ? 207 ARG A NE  1 
ATOM   1032 C CZ  . ARG A 1 178 ? 8.604   2.688   -10.559 1.00 21.71 ? 207 ARG A CZ  1 
ATOM   1033 N NH1 . ARG A 1 178 ? 8.965   2.197   -9.379  1.00 21.40 ? 207 ARG A NH1 1 
ATOM   1034 N NH2 . ARG A 1 178 ? 8.705   1.938   -11.655 1.00 23.16 ? 207 ARG A NH2 1 
ATOM   1035 N N   . LEU A 1 179 ? 4.935   8.727   -7.371  1.00 17.33 ? 208 LEU A N   1 
ATOM   1036 C CA  . LEU A 1 179 ? 4.566   9.210   -6.114  1.00 16.41 ? 208 LEU A CA  1 
ATOM   1037 C C   . LEU A 1 179 ? 4.545   8.077   -5.088  1.00 14.74 ? 208 LEU A C   1 
ATOM   1038 O O   . LEU A 1 179 ? 4.149   6.949   -5.423  1.00 14.67 ? 208 LEU A O   1 
ATOM   1039 C CB  . LEU A 1 179 ? 3.187   9.819   -6.154  1.00 18.04 ? 208 LEU A CB  1 
ATOM   1040 C CG  . LEU A 1 179 ? 3.051   11.093  -7.012  1.00 19.77 ? 208 LEU A CG  1 
ATOM   1041 C CD1 . LEU A 1 179 ? 1.599   11.526  -6.983  1.00 21.73 ? 208 LEU A CD1 1 
ATOM   1042 C CD2 . LEU A 1 179 ? 3.929   12.180  -6.458  1.00 21.61 ? 208 LEU A CD2 1 
ATOM   1043 N N   . ILE A 1 180 ? 4.960   8.415   -3.877  1.00 14.14 ? 209 ILE A N   1 
ATOM   1044 C CA  . ILE A 1 180 ? 5.128   7.443   -2.790  1.00 13.80 ? 209 ILE A CA  1 
ATOM   1045 C C   . ILE A 1 180 ? 4.416   7.985   -1.571  1.00 13.39 ? 209 ILE A C   1 
ATOM   1046 O O   . ILE A 1 180 ? 4.497   9.192   -1.247  1.00 14.29 ? 209 ILE A O   1 
ATOM   1047 C CB  . ILE A 1 180 ? 6.609   7.224   -2.366  1.00 14.20 ? 209 ILE A CB  1 
ATOM   1048 C CG1 . ILE A 1 180 ? 7.600   7.166   -3.549  1.00 15.42 ? 209 ILE A CG1 1 
ATOM   1049 C CG2 . ILE A 1 180 ? 6.765   6.025   -1.410  1.00 15.16 ? 209 ILE A CG2 1 
ATOM   1050 C CD1 . ILE A 1 180 ? 7.455   5.939   -4.394  1.00 16.22 ? 209 ILE A CD1 1 
ATOM   1051 N N   . VAL A 1 181 ? 3.755   7.098   -0.821  1.00 12.47 ? 210 VAL A N   1 
ATOM   1052 C CA  . VAL A 1 181 ? 3.405   7.410   0.577   1.00 12.71 ? 210 VAL A CA  1 
ATOM   1053 C C   . VAL A 1 181 ? 3.917   6.304   1.508   1.00 11.89 ? 210 VAL A C   1 
ATOM   1054 O O   . VAL A 1 181 ? 4.009   5.136   1.111   1.00 11.46 ? 210 VAL A O   1 
ATOM   1055 C CB  . VAL A 1 181 ? 1.890   7.603   0.838   1.00 13.24 ? 210 VAL A CB  1 
ATOM   1056 C CG1 . VAL A 1 181 ? 1.378   8.834   0.126   1.00 13.78 ? 210 VAL A CG1 1 
ATOM   1057 C CG2 . VAL A 1 181 ? 1.103   6.383   0.439   1.00 12.92 ? 210 VAL A CG2 1 
ATOM   1058 N N   . TRP A 1 182 ? 4.232   6.698   2.735   1.00 12.08 ? 211 TRP A N   1 
ATOM   1059 C CA  . TRP A 1 182 ? 4.614   5.797   3.778   1.00 11.05 ? 211 TRP A CA  1 
ATOM   1060 C C   . TRP A 1 182 ? 3.668   5.902   4.948   1.00 11.20 ? 211 TRP A C   1 
ATOM   1061 O O   . TRP A 1 182 ? 3.300   7.000   5.354   1.00 11.12 ? 211 TRP A O   1 
ATOM   1062 C CB  . TRP A 1 182 ? 6.043   6.066   4.280   1.00 12.18 ? 211 TRP A CB  1 
ATOM   1063 C CG  . TRP A 1 182 ? 7.117   5.855   3.275   1.00 12.31 ? 211 TRP A CG  1 
ATOM   1064 C CD1 . TRP A 1 182 ? 7.725   4.692   2.965   1.00 12.67 ? 211 TRP A CD1 1 
ATOM   1065 C CD2 . TRP A 1 182 ? 7.707   6.863   2.432   1.00 13.03 ? 211 TRP A CD2 1 
ATOM   1066 N NE1 . TRP A 1 182 ? 8.697   4.903   1.979   1.00 13.56 ? 211 TRP A NE1 1 
ATOM   1067 C CE2 . TRP A 1 182 ? 8.721   6.232   1.674   1.00 13.13 ? 211 TRP A CE2 1 
ATOM   1068 C CE3 . TRP A 1 182 ? 7.511   8.253   2.281   1.00 13.92 ? 211 TRP A CE3 1 
ATOM   1069 C CZ2 . TRP A 1 182 ? 9.498   6.927   0.745   1.00 14.90 ? 211 TRP A CZ2 1 
ATOM   1070 C CZ3 . TRP A 1 182 ? 8.288   8.946   1.331   1.00 15.35 ? 211 TRP A CZ3 1 
ATOM   1071 C CH2 . TRP A 1 182 ? 9.273   8.281   0.602   1.00 14.73 ? 211 TRP A CH2 1 
ATOM   1072 N N   . ALA A 1 183 ? 3.365   4.759   5.545   1.00 10.61 ? 212 ALA A N   1 
ATOM   1073 C CA  . ALA A 1 183 ? 2.419   4.642   6.627   1.00 10.99 ? 212 ALA A CA  1 
ATOM   1074 C C   . ALA A 1 183 ? 2.929   3.688   7.707   1.00 11.59 ? 212 ALA A C   1 
ATOM   1075 O O   . ALA A 1 183 ? 3.745   2.799   7.432   1.00 10.76 ? 212 ALA A O   1 
ATOM   1076 C CB  . ALA A 1 183 ? 1.098   4.145   6.069   1.00 11.59 ? 212 ALA A CB  1 
ATOM   1077 N N   . HIS A 1 184 ? 2.359   3.775   8.902   1.00 11.00 ? 213 HIS A N   1 
ATOM   1078 C CA  . HIS A 1 184 ? 2.644   2.824   9.959   1.00 11.70 ? 213 HIS A CA  1 
ATOM   1079 C C   . HIS A 1 184 ? 1.350   2.140   10.454  1.00 10.93 ? 213 HIS A C   1 
ATOM   1080 O O   . HIS A 1 184 ? 0.246   2.679   10.316  1.00 11.92 ? 213 HIS A O   1 
ATOM   1081 C CB  . HIS A 1 184 ? 3.340   3.479   11.154  1.00 12.80 ? 213 HIS A CB  1 
ATOM   1082 C CG  . HIS A 1 184 ? 2.416   4.304   11.984  1.00 14.05 ? 213 HIS A CG  1 
ATOM   1083 N ND1 . HIS A 1 184 ? 2.108   5.615   11.683  1.00 17.21 ? 213 HIS A ND1 1 
ATOM   1084 C CD2 . HIS A 1 184 ? 1.660   3.978   13.055  1.00 16.31 ? 213 HIS A CD2 1 
ATOM   1085 C CE1 . HIS A 1 184 ? 1.211   6.064   12.549  1.00 17.70 ? 213 HIS A CE1 1 
ATOM   1086 N NE2 . HIS A 1 184 ? 0.935   5.095   13.395  1.00 17.60 ? 213 HIS A NE2 1 
ATOM   1087 N N   . LEU A 1 185 ? 1.509   0.945   10.995  1.00 11.29 ? 214 LEU A N   1 
ATOM   1088 C CA  . LEU A 1 185 ? 0.372   0.161   11.464  1.00 11.42 ? 214 LEU A CA  1 
ATOM   1089 C C   . LEU A 1 185 ? -0.166  0.786   12.748  1.00 11.98 ? 214 LEU A C   1 
ATOM   1090 O O   . LEU A 1 185 ? 0.559   0.898   13.745  1.00 12.83 ? 214 LEU A O   1 
ATOM   1091 C CB  . LEU A 1 185 ? 0.758   -1.286  11.687  1.00 12.31 ? 214 LEU A CB  1 
ATOM   1092 C CG  . LEU A 1 185 ? -0.403  -2.216  12.075  1.00 12.61 ? 214 LEU A CG  1 
ATOM   1093 C CD1 . LEU A 1 185 ? -1.463  -2.276  10.973  1.00 12.32 ? 214 LEU A CD1 1 
ATOM   1094 C CD2 . LEU A 1 185 ? 0.130   -3.582  12.490  1.00 14.53 ? 214 LEU A CD2 1 
ATOM   1095 N N   . ASP A 1 186 ? -1.423  1.221   12.717  1.00 12.23 ? 215 ASP A N   1 
ATOM   1096 C CA  . ASP A 1 186 ? -2.066  1.827   13.888  1.00 14.52 ? 215 ASP A CA  1 
ATOM   1097 C C   . ASP A 1 186 ? -2.840  0.844   14.709  1.00 15.51 ? 215 ASP A C   1 
ATOM   1098 O O   . ASP A 1 186 ? -2.803  0.902   15.943  1.00 15.85 ? 215 ASP A O   1 
ATOM   1099 C CB  . ASP A 1 186 ? -2.980  2.957   13.437  1.00 16.40 ? 215 ASP A CB  1 
ATOM   1100 C CG  . ASP A 1 186 ? -3.702  3.654   14.620  1.00 21.42 ? 215 ASP A CG  1 
ATOM   1101 O OD1 . ASP A 1 186 ? -3.045  4.331   15.384  1.00 26.26 ? 215 ASP A OD1 1 
ATOM   1102 O OD2 . ASP A 1 186 ? -4.895  3.418   14.792  1.00 26.44 ? 215 ASP A OD2 1 
ATOM   1103 N N   . SER A 1 187 ? -3.566  -0.058  14.058  1.00 13.91 ? 216 SER A N   1 
ATOM   1104 C CA  . SER A 1 187 ? -4.455  -0.956  14.770  1.00 15.89 ? 216 SER A CA  1 
ATOM   1105 C C   . SER A 1 187 ? -4.731  -2.214  13.975  1.00 14.77 ? 216 SER A C   1 
ATOM   1106 O O   . SER A 1 187 ? -4.515  -2.258  12.766  1.00 13.28 ? 216 SER A O   1 
ATOM   1107 C CB  . SER A 1 187 ? -5.720  -0.219  15.167  1.00 19.45 ? 216 SER A CB  1 
ATOM   1108 O OG  . SER A 1 187 ? -6.382  0.281   14.064  1.00 22.27 ? 216 SER A OG  1 
ATOM   1109 N N   . THR A 1 188 ? -5.149  -3.232  14.703  1.00 14.04 ? 217 THR A N   1 
ATOM   1110 C CA  . THR A 1 188 ? -5.638  -4.481  14.131  1.00 14.32 ? 217 THR A CA  1 
ATOM   1111 C C   . THR A 1 188 ? -6.951  -4.835  14.821  1.00 14.97 ? 217 THR A C   1 
ATOM   1112 O O   . THR A 1 188 ? -7.169  -4.470  15.976  1.00 15.76 ? 217 THR A O   1 
ATOM   1113 C CB  . THR A 1 188 ? -4.668  -5.657  14.345  1.00 16.47 ? 217 THR A CB  1 
ATOM   1114 O OG1 . THR A 1 188 ? -4.365  -5.814  15.773  1.00 16.24 ? 217 THR A OG1 1 
ATOM   1115 C CG2 . THR A 1 188 ? -3.431  -5.480  13.582  1.00 16.90 ? 217 THR A CG2 1 
ATOM   1116 N N   . GLN A 1 189 ? -7.804  -5.586  14.121  1.00 14.15 ? 218 GLN A N   1 
ATOM   1117 C CA  . GLN A 1 189 ? -8.958  -6.227  14.794  1.00 14.57 ? 218 GLN A CA  1 
ATOM   1118 C C   . GLN A 1 189 ? -9.377  -7.419  13.973  1.00 14.65 ? 218 GLN A C   1 
ATOM   1119 O O   . GLN A 1 189 ? -9.158  -7.466  12.752  1.00 13.45 ? 218 GLN A O   1 
ATOM   1120 C CB  . GLN A 1 189 ? -10.111 -5.268  15.015  1.00 16.27 ? 218 GLN A CB  1 
ATOM   1121 C CG  . GLN A 1 189 ? -10.835 -4.788  13.777  1.00 17.62 ? 218 GLN A CG  1 
ATOM   1122 C CD  . GLN A 1 189 ? -11.903 -3.750  14.082  1.00 20.68 ? 218 GLN A CD  1 
ATOM   1123 O OE1 . GLN A 1 189 ? -11.611 -2.672  14.600  1.00 26.14 ? 218 GLN A OE1 1 
ATOM   1124 N NE2 . GLN A 1 189 ? -13.160 -4.050  13.723  1.00 21.70 ? 218 GLN A NE2 1 
ATOM   1125 N N   . PRO A 1 190 ? -10.017 -8.409  14.601  1.00 13.95 ? 219 PRO A N   1 
ATOM   1126 C CA  . PRO A 1 190 ? -10.482 -9.555  13.842  1.00 14.76 ? 219 PRO A CA  1 
ATOM   1127 C C   . PRO A 1 190 ? -11.675 -9.235  12.958  1.00 14.62 ? 219 PRO A C   1 
ATOM   1128 O O   . PRO A 1 190 ? -12.449 -8.305  13.224  1.00 15.36 ? 219 PRO A O   1 
ATOM   1129 C CB  . PRO A 1 190 ? -10.916 -10.569 14.915  1.00 15.23 ? 219 PRO A CB  1 
ATOM   1130 C CG  . PRO A 1 190 ? -10.680 -9.935  16.208  1.00 15.67 ? 219 PRO A CG  1 
ATOM   1131 C CD  . PRO A 1 190 ? -10.307 -8.520  16.053  1.00 14.22 ? 219 PRO A CD  1 
ATOM   1132 N N   . VAL A 1 191 ? -11.783 -9.966  11.852  1.00 16.70 ? 220 VAL A N   1 
ATOM   1133 C CA  . VAL A 1 191 ? -12.954 -9.790  10.974  1.00 19.05 ? 220 VAL A CA  1 
ATOM   1134 C C   . VAL A 1 191 ? -14.278 -10.144 11.705  1.00 20.48 ? 220 VAL A C   1 
ATOM   1135 O O   . VAL A 1 191 ? -15.301 -9.566  11.398  1.00 21.96 ? 220 VAL A O   1 
ATOM   1136 C CB  . VAL A 1 191 ? -12.840 -10.562 9.663   1.00 20.87 ? 220 VAL A CB  1 
ATOM   1137 C CG1 . VAL A 1 191 ? -11.629 -10.070 8.858   1.00 21.22 ? 220 VAL A CG1 1 
ATOM   1138 C CG2 . VAL A 1 191 ? -12.845 -12.052 9.906   1.00 24.15 ? 220 VAL A CG2 1 
ATOM   1139 N N   . GLU A 1 192 ? -14.228 -10.991 12.744  1.00 25.13 ? 221 GLU A N   1 
ATOM   1140 C CA  . GLU A 1 192 ? -15.425 -11.172 13.640  1.00 27.11 ? 221 GLU A CA  1 
ATOM   1141 C C   . GLU A 1 192 ? -15.968 -9.918  14.303  1.00 30.96 ? 221 GLU A C   1 
ATOM   1142 O O   . GLU A 1 192 ? -17.174 -9.836  14.587  1.00 32.63 ? 221 GLU A O   1 
ATOM   1143 C CB  . GLU A 1 192 ? -15.170 -12.160 14.777  1.00 30.31 ? 221 GLU A CB  1 
ATOM   1144 C CG  . GLU A 1 192 ? -15.018 -13.590 14.373  1.00 30.53 ? 221 GLU A CG  1 
ATOM   1145 C CD  . GLU A 1 192 ? -13.677 -13.927 13.795  1.00 31.71 ? 221 GLU A CD  1 
ATOM   1146 O OE1 . GLU A 1 192 ? -12.788 -13.038 13.678  1.00 29.83 ? 221 GLU A OE1 1 
ATOM   1147 O OE2 . GLU A 1 192 ? -13.498 -15.100 13.452  1.00 33.69 ? 221 GLU A OE2 1 
ATOM   1148 N N   . ALA A 1 193 ? -15.110 -8.946  14.583  1.00 26.27 ? 222 ALA A N   1 
ATOM   1149 C CA  . ALA A 1 193 ? -15.525 -7.672  15.163  1.00 28.07 ? 222 ALA A CA  1 
ATOM   1150 C C   . ALA A 1 193 ? -16.219 -6.719  14.202  1.00 27.76 ? 222 ALA A C   1 
ATOM   1151 O O   . ALA A 1 193 ? -16.606 -5.620  14.595  1.00 30.43 ? 222 ALA A O   1 
ATOM   1152 C CB  . ALA A 1 193 ? -14.313 -6.957  15.781  1.00 27.99 ? 222 ALA A CB  1 
ATOM   1153 N N   . GLY A 1 194 ? -16.334 -7.108  12.928  1.00 25.22 ? 223 GLY A N   1 
ATOM   1154 C CA  . GLY A 1 194 ? -16.851 -6.244  11.921  1.00 25.62 ? 223 GLY A CA  1 
ATOM   1155 C C   . GLY A 1 194 ? -15.786 -5.349  11.333  1.00 26.11 ? 223 GLY A C   1 
ATOM   1156 O O   . GLY A 1 194 ? -14.612 -5.468  11.676  1.00 22.86 ? 223 GLY A O   1 
ATOM   1157 N N   . LYS A 1 195 ? -16.227 -4.422  10.480  1.00 25.87 ? 224 LYS A N   1 
ATOM   1158 C CA  . LYS A 1 195 ? -15.356 -3.481  9.787   1.00 27.97 ? 224 LYS A CA  1 
ATOM   1159 C C   . LYS A 1 195 ? -14.699 -2.551  10.806  1.00 25.12 ? 224 LYS A C   1 
ATOM   1160 O O   . LYS A 1 195 ? -15.304 -2.220  11.818  1.00 23.76 ? 224 LYS A O   1 
ATOM   1161 C CB  . LYS A 1 195 ? -16.135 -2.658  8.730   1.00 30.19 ? 224 LYS A CB  1 
ATOM   1162 C CG  . LYS A 1 195 ? -16.539 -3.479  7.513   1.00 35.60 ? 224 LYS A CG  1 
ATOM   1163 C CD  . LYS A 1 195 ? -17.503 -2.740  6.568   1.00 37.69 ? 224 LYS A CD  1 
ATOM   1164 N N   . PRO A 1 196 ? -13.435 -2.154  10.569  1.00 22.32 ? 225 PRO A N   1 
ATOM   1165 C CA  . PRO A 1 196 ? -12.794 -1.237  11.468  1.00 22.91 ? 225 PRO A CA  1 
ATOM   1166 C C   . PRO A 1 196 ? -13.343 0.186   11.308  1.00 23.64 ? 225 PRO A C   1 
ATOM   1167 O O   . PRO A 1 196 ? -14.001 0.517   10.276  1.00 22.39 ? 225 PRO A O   1 
ATOM   1168 C CB  . PRO A 1 196 ? -11.306 -1.359  11.081  1.00 24.83 ? 225 PRO A CB  1 
ATOM   1169 C CG  . PRO A 1 196 ? -11.360 -1.666  9.629   1.00 22.36 ? 225 PRO A CG  1 
ATOM   1170 C CD  . PRO A 1 196 ? -12.563 -2.529  9.436   1.00 21.75 ? 225 PRO A CD  1 
ATOM   1171 N N   . GLU A 1 197 ? -13.093 1.020   12.327  1.00 25.50 ? 226 GLU A N   1 
ATOM   1172 C CA  . GLU A 1 197 ? -13.578 2.418   12.343  1.00 28.05 ? 226 GLU A CA  1 
ATOM   1173 C C   . GLU A 1 197 ? -13.269 3.170   11.069  1.00 28.41 ? 226 GLU A C   1 
ATOM   1174 O O   . GLU A 1 197 ? -14.119 3.884   10.556  1.00 27.95 ? 226 GLU A O   1 
ATOM   1175 C CB  . GLU A 1 197 ? -12.983 3.192   13.535  1.00 31.71 ? 226 GLU A CB  1 
ATOM   1176 C CG  . GLU A 1 197 ? -13.391 4.668   13.603  1.00 34.96 ? 226 GLU A CG  1 
ATOM   1177 N N   . ALA A 1 198 ? -12.052 2.992   10.535  1.00 26.30 ? 227 ALA A N   1 
ATOM   1178 C CA  . ALA A 1 198 ? -11.684 3.684   9.304   1.00 27.38 ? 227 ALA A CA  1 
ATOM   1179 C C   . ALA A 1 198 ? -12.693 3.513   8.164   1.00 25.96 ? 227 ALA A C   1 
ATOM   1180 O O   . ALA A 1 198 ? -12.797 4.417   7.354   1.00 29.74 ? 227 ALA A O   1 
ATOM   1181 C CB  . ALA A 1 198 ? -10.292 3.244   8.836   1.00 27.61 ? 227 ALA A CB  1 
ATOM   1182 N N   . LEU A 1 199 ? -13.404 2.375   8.090   1.00 25.09 ? 228 LEU A N   1 
ATOM   1183 C CA  . LEU A 1 199 ? -14.349 2.064   7.002   1.00 27.98 ? 228 LEU A CA  1 
ATOM   1184 C C   . LEU A 1 199 ? -15.849 2.293   7.285   1.00 33.40 ? 228 LEU A C   1 
ATOM   1185 O O   . LEU A 1 199 ? -16.675 2.018   6.417   1.00 33.52 ? 228 LEU A O   1 
ATOM   1186 C CB  . LEU A 1 199 ? -14.185 0.610   6.532   1.00 25.96 ? 228 LEU A CB  1 
ATOM   1187 C CG  . LEU A 1 199 ? -12.756 0.192   6.134   1.00 23.43 ? 228 LEU A CG  1 
ATOM   1188 C CD1 . LEU A 1 199 ? -12.712 -1.226  5.576   1.00 23.76 ? 228 LEU A CD1 1 
ATOM   1189 C CD2 . LEU A 1 199 ? -12.225 1.192   5.142   1.00 23.23 ? 228 LEU A CD2 1 
ATOM   1190 N N   . ARG A 1 200 ? -16.203 2.800   8.460   1.00 40.49 ? 229 ARG A N   1 
ATOM   1191 C CA  . ARG A 1 200 ? -17.641 2.932   8.809   1.00 45.96 ? 229 ARG A CA  1 
ATOM   1192 C C   . ARG A 1 200 ? -18.316 4.119   8.116   1.00 46.70 ? 229 ARG A C   1 
ATOM   1193 O O   . ARG A 1 200 ? -17.662 5.107   7.794   1.00 51.78 ? 229 ARG A O   1 
ATOM   1194 C CB  . ARG A 1 200 ? -17.817 3.032   10.319  1.00 47.23 ? 229 ARG A CB  1 
ATOM   1195 C CG  . ARG A 1 200 ? -17.323 1.809   11.077  1.00 49.32 ? 229 ARG A CG  1 
ATOM   1196 C CD  . ARG A 1 200 ? -18.104 0.556   10.734  1.00 51.36 ? 229 ARG A CD  1 
ATOM   1197 N NE  . ARG A 1 200 ? -18.010 -0.440  11.799  1.00 53.10 ? 229 ARG A NE  1 
HETATM 1198 N N   . GLY B 2 .   ? 0.177   3.853   -15.591 1.00 43.04 ? 301 GLY A N   1 
HETATM 1199 C CA  . GLY B 2 .   ? 0.892   4.905   -14.819 1.00 39.27 ? 301 GLY A CA  1 
HETATM 1200 C C   . GLY B 2 .   ? 1.600   4.193   -13.719 1.00 35.49 ? 301 GLY A C   1 
HETATM 1201 O O   . GLY B 2 .   ? 1.549   4.566   -12.515 1.00 31.67 ? 301 GLY A O   1 
HETATM 1202 O OXT . GLY B 2 .   ? 2.216   3.181   -14.051 1.00 42.78 ? 301 GLY A OXT 1 
HETATM 1203 S S   . SO4 C 3 .   ? 5.745   14.048  -13.786 1.00 78.72 ? 302 SO4 A S   1 
HETATM 1204 O O1  . SO4 C 3 .   ? 7.150   14.441  -13.534 1.00 78.20 ? 302 SO4 A O1  1 
HETATM 1205 O O2  . SO4 C 3 .   ? 4.885   14.973  -13.009 1.00 78.67 ? 302 SO4 A O2  1 
HETATM 1206 O O3  . SO4 C 3 .   ? 5.424   14.114  -15.233 1.00 72.40 ? 302 SO4 A O3  1 
HETATM 1207 O O4  . SO4 C 3 .   ? 5.519   12.657  -13.336 1.00 75.92 ? 302 SO4 A O4  1 
HETATM 1208 S S   . SO4 D 3 .   ? 6.115   -6.374  19.312  1.00 41.00 ? 303 SO4 A S   1 
HETATM 1209 O O1  . SO4 D 3 .   ? 6.311   -4.978  18.811  1.00 42.89 ? 303 SO4 A O1  1 
HETATM 1210 O O2  . SO4 D 3 .   ? 5.523   -6.276  20.674  1.00 40.99 ? 303 SO4 A O2  1 
HETATM 1211 O O3  . SO4 D 3 .   ? 7.425   -7.066  19.287  1.00 38.73 ? 303 SO4 A O3  1 
HETATM 1212 O O4  . SO4 D 3 .   ? 5.166   -7.157  18.504  1.00 36.37 ? 303 SO4 A O4  1 
HETATM 1213 O O   . HOH E 4 .   ? 15.287  -1.366  -1.937  1.00 30.41 ? 401 HOH A O   1 
HETATM 1214 O O   . HOH E 4 .   ? -0.712  5.199   15.464  1.00 33.65 ? 402 HOH A O   1 
HETATM 1215 O O   . HOH E 4 .   ? -2.321  15.468  -0.607  1.00 38.99 ? 403 HOH A O   1 
HETATM 1216 O O   . HOH E 4 .   ? -1.496  -11.435 4.570   1.00 22.95 ? 404 HOH A O   1 
HETATM 1217 O O   . HOH E 4 .   ? 2.304   9.451   -9.968  1.00 35.01 ? 405 HOH A O   1 
HETATM 1218 O O   . HOH E 4 .   ? 9.368   -4.897  -9.405  1.00 28.21 ? 406 HOH A O   1 
HETATM 1219 O O   . HOH E 4 .   ? -10.430 -13.649 12.800  1.00 32.33 ? 407 HOH A O   1 
HETATM 1220 O O   . HOH E 4 .   ? 14.007  8.668   7.527   1.00 40.03 ? 408 HOH A O   1 
HETATM 1221 O O   . HOH E 4 .   ? 5.620   -3.678  16.673  1.00 27.69 ? 409 HOH A O   1 
HETATM 1222 O O   . HOH E 4 .   ? -6.992  15.545  -0.455  1.00 29.76 ? 410 HOH A O   1 
HETATM 1223 O O   . HOH E 4 .   ? 12.336  -3.874  10.201  1.00 23.99 ? 411 HOH A O   1 
HETATM 1224 O O   . HOH E 4 .   ? 6.841   -8.690  -18.159 1.00 23.01 ? 412 HOH A O   1 
HETATM 1225 O O   . HOH E 4 .   ? 3.807   -3.660  8.189   1.00 11.31 ? 413 HOH A O   1 
HETATM 1226 O O   . HOH E 4 .   ? -12.126 -17.299 13.907  1.00 41.79 ? 414 HOH A O   1 
HETATM 1227 O O   . HOH E 4 .   ? -4.498  -14.098 2.842   1.00 33.48 ? 415 HOH A O   1 
HETATM 1228 O O   . HOH E 4 .   ? -4.109  -12.321 10.210  1.00 24.23 ? 416 HOH A O   1 
HETATM 1229 O O   . HOH E 4 .   ? 19.012  0.186   0.282   1.00 39.49 ? 417 HOH A O   1 
HETATM 1230 O O   . HOH E 4 .   ? 4.166   11.488  -10.392 1.00 46.43 ? 418 HOH A O   1 
HETATM 1231 O O   . HOH E 4 .   ? -12.505 -0.039  14.698  1.00 36.88 ? 419 HOH A O   1 
HETATM 1232 O O   . HOH E 4 .   ? 6.575   -14.805 -2.563  1.00 31.42 ? 420 HOH A O   1 
HETATM 1233 O O   . HOH E 4 .   ? -16.038 5.292   -4.221  1.00 23.77 ? 421 HOH A O   1 
HETATM 1234 O O   . HOH E 4 .   ? -7.381  -11.191 14.069  1.00 21.61 ? 422 HOH A O   1 
HETATM 1235 O O   . HOH E 4 .   ? 1.707   -3.529  -15.663 1.00 25.67 ? 423 HOH A O   1 
HETATM 1236 O O   . HOH E 4 .   ? -5.498  9.396   11.314  1.00 34.85 ? 424 HOH A O   1 
HETATM 1237 O O   . HOH E 4 .   ? -12.010 2.555   0.143   1.00 14.60 ? 425 HOH A O   1 
HETATM 1238 O O   . HOH E 4 .   ? 8.891   -11.210 2.538   1.00 44.32 ? 426 HOH A O   1 
HETATM 1239 O O   . HOH E 4 .   ? 0.796   15.368  2.153   1.00 34.80 ? 427 HOH A O   1 
HETATM 1240 O O   . HOH E 4 .   ? 6.316   -11.710 0.251   1.00 19.17 ? 428 HOH A O   1 
HETATM 1241 O O   . HOH E 4 .   ? -1.519  -11.163 7.134   1.00 40.21 ? 429 HOH A O   1 
HETATM 1242 O O   . HOH E 4 .   ? -2.650  -4.020  16.847  1.00 21.48 ? 430 HOH A O   1 
HETATM 1243 O O   . HOH E 4 .   ? 8.842   -9.316  8.515   1.00 30.98 ? 431 HOH A O   1 
HETATM 1244 O O   . HOH E 4 .   ? -12.333 -9.875  5.269   1.00 27.35 ? 432 HOH A O   1 
HETATM 1245 O O   . HOH E 4 .   ? 3.313   -5.249  21.876  1.00 32.51 ? 433 HOH A O   1 
HETATM 1246 O O   . HOH E 4 .   ? -4.559  -2.569  -12.105 1.00 25.45 ? 434 HOH A O   1 
HETATM 1247 O O   . HOH E 4 .   ? -1.314  2.344   17.709  1.00 39.28 ? 435 HOH A O   1 
HETATM 1248 O O   . HOH E 4 .   ? 11.359  -0.195  16.876  1.00 45.22 ? 436 HOH A O   1 
HETATM 1249 O O   . HOH E 4 .   ? 8.569   1.519   15.887  1.00 35.37 ? 437 HOH A O   1 
HETATM 1250 O O   . HOH E 4 .   ? 8.399   4.883   13.636  1.00 26.83 ? 438 HOH A O   1 
HETATM 1251 O O   . HOH E 4 .   ? 2.839   -18.749 -8.709  1.00 30.85 ? 439 HOH A O   1 
HETATM 1252 O O   . HOH E 4 .   ? -4.233  -14.153 -9.954  1.00 27.99 ? 440 HOH A O   1 
HETATM 1253 O O   . HOH E 4 .   ? 16.912  4.935   6.681   1.00 23.63 ? 441 HOH A O   1 
HETATM 1254 O O   . HOH E 4 .   ? 5.153   14.599  3.457   1.00 28.44 ? 442 HOH A O   1 
HETATM 1255 O O   . HOH E 4 .   ? 11.016  -6.804  -5.671  1.00 20.80 ? 443 HOH A O   1 
HETATM 1256 O O   . HOH E 4 .   ? 11.644  -3.894  2.789   1.00 16.52 ? 444 HOH A O   1 
HETATM 1257 O O   . HOH E 4 .   ? 14.755  0.160   15.287  1.00 22.63 ? 445 HOH A O   1 
HETATM 1258 O O   . HOH E 4 .   ? -1.118  -12.891 -11.695 1.00 25.62 ? 446 HOH A O   1 
HETATM 1259 O O   . HOH E 4 .   ? 2.383   13.143  9.236   1.00 47.18 ? 447 HOH A O   1 
HETATM 1260 O O   . HOH E 4 .   ? -2.179  -9.932  -16.654 1.00 30.93 ? 448 HOH A O   1 
HETATM 1261 O O   . HOH E 4 .   ? 15.390  7.011   -1.223  1.00 33.52 ? 449 HOH A O   1 
HETATM 1262 O O   . HOH E 4 .   ? -9.309  10.589  5.677   1.00 37.50 ? 450 HOH A O   1 
HETATM 1263 O O   . HOH E 4 .   ? -7.932  -2.443  11.879  1.00 16.19 ? 451 HOH A O   1 
HETATM 1264 O O   . HOH E 4 .   ? 8.758   3.340   -6.663  1.00 18.00 ? 452 HOH A O   1 
HETATM 1265 O O   . HOH E 4 .   ? -10.102 7.085   -6.552  1.00 23.50 ? 453 HOH A O   1 
HETATM 1266 O O   . HOH E 4 .   ? 9.318   0.865   -5.646  1.00 29.32 ? 454 HOH A O   1 
HETATM 1267 O O   . HOH E 4 .   ? 9.420   -0.970  -9.099  1.00 41.25 ? 455 HOH A O   1 
HETATM 1268 O O   . HOH E 4 .   ? -8.459  -0.619  -10.777 1.00 29.16 ? 456 HOH A O   1 
HETATM 1269 O O   . HOH E 4 .   ? -5.156  8.604   -14.077 1.00 44.86 ? 457 HOH A O   1 
HETATM 1270 O O   . HOH E 4 .   ? -0.235  15.759  -3.571  1.00 33.60 ? 458 HOH A O   1 
HETATM 1271 O O   . HOH E 4 .   ? 2.991   -0.265  14.486  1.00 24.17 ? 459 HOH A O   1 
HETATM 1272 O O   . HOH E 4 .   ? -11.073 2.538   -8.923  1.00 32.62 ? 460 HOH A O   1 
HETATM 1273 O O   . HOH E 4 .   ? 10.583  -1.419  9.648   1.00 14.61 ? 461 HOH A O   1 
HETATM 1274 O O   . HOH E 4 .   ? 5.154   -18.313 -5.507  1.00 38.09 ? 462 HOH A O   1 
HETATM 1275 O O   . HOH E 4 .   ? -14.166 2.047   2.053   1.00 20.73 ? 463 HOH A O   1 
HETATM 1276 O O   . HOH E 4 .   ? -4.024  10.589  -12.245 1.00 46.18 ? 464 HOH A O   1 
HETATM 1277 O O   . HOH E 4 .   ? -7.971  7.166   3.424   1.00 15.33 ? 465 HOH A O   1 
HETATM 1278 O O   . HOH E 4 .   ? -7.568  1.376   -17.824 1.00 46.63 ? 466 HOH A O   1 
HETATM 1279 O O   . HOH E 4 .   ? 5.282   0.768   13.501  1.00 21.87 ? 467 HOH A O   1 
HETATM 1280 O O   . HOH E 4 .   ? -8.693  4.232   12.419  1.00 37.64 ? 468 HOH A O   1 
HETATM 1281 O O   . HOH E 4 .   ? -6.001  12.957  6.955   1.00 24.99 ? 469 HOH A O   1 
HETATM 1282 O O   . HOH E 4 .   ? 10.728  5.191   -6.626  1.00 23.37 ? 470 HOH A O   1 
HETATM 1283 O O   . HOH E 4 .   ? -10.583 16.185  4.859   1.00 46.13 ? 471 HOH A O   1 
HETATM 1284 O O   . HOH E 4 .   ? -8.932  -1.748  14.418  1.00 22.76 ? 472 HOH A O   1 
HETATM 1285 O O   . HOH E 4 .   ? -13.565 -7.662  2.451   1.00 30.67 ? 473 HOH A O   1 
HETATM 1286 O O   . HOH E 4 .   ? 1.223   -13.762 -12.810 1.00 24.25 ? 474 HOH A O   1 
HETATM 1287 O O   . HOH E 4 .   ? -8.728  8.065   5.999   1.00 22.61 ? 475 HOH A O   1 
HETATM 1288 O O   . HOH E 4 .   ? 7.073   -10.589 6.823   1.00 21.88 ? 476 HOH A O   1 
HETATM 1289 O O   . HOH E 4 .   ? -15.361 -7.788  9.087   1.00 21.80 ? 477 HOH A O   1 
HETATM 1290 O O   . HOH E 4 .   ? 9.888   -0.667  -11.534 1.00 48.69 ? 478 HOH A O   1 
HETATM 1291 O O   . HOH E 4 .   ? -7.445  6.427   -6.995  1.00 19.04 ? 479 HOH A O   1 
HETATM 1292 O O   . HOH E 4 .   ? 8.875   -13.942 -1.092  1.00 33.66 ? 480 HOH A O   1 
HETATM 1293 O O   . HOH E 4 .   ? 6.856   -9.166  12.353  1.00 22.05 ? 481 HOH A O   1 
HETATM 1294 O O   . HOH E 4 .   ? 8.433   -8.156  -6.316  1.00 17.63 ? 482 HOH A O   1 
HETATM 1295 O O   . HOH E 4 .   ? 10.279  -5.276  4.706   1.00 13.06 ? 483 HOH A O   1 
HETATM 1296 O O   . HOH E 4 .   ? 10.980  -12.849 -0.067  1.00 44.45 ? 484 HOH A O   1 
HETATM 1297 O O   . HOH E 4 .   ? -9.599  1.708   11.679  1.00 25.04 ? 485 HOH A O   1 
HETATM 1298 O O   . HOH E 4 .   ? -0.752  15.908  4.264   1.00 35.08 ? 486 HOH A O   1 
HETATM 1299 O O   . HOH E 4 .   ? 7.645   15.532  -3.270  1.00 29.64 ? 487 HOH A O   1 
HETATM 1300 O O   . HOH E 4 .   ? 13.962  6.214   1.010   1.00 26.05 ? 488 HOH A O   1 
HETATM 1301 O O   . HOH E 4 .   ? 7.749   -9.675  -8.511  1.00 23.06 ? 489 HOH A O   1 
HETATM 1302 O O   . HOH E 4 .   ? -4.888  0.399   -19.754 1.00 40.04 ? 490 HOH A O   1 
HETATM 1303 O O   . HOH E 4 .   ? -0.115  10.555  10.564  1.00 30.18 ? 491 HOH A O   1 
HETATM 1304 O O   . HOH E 4 .   ? 10.019  12.474  1.783   1.00 44.43 ? 492 HOH A O   1 
HETATM 1305 O O   . HOH E 4 .   ? -0.032  -17.011 -10.452 1.00 36.17 ? 493 HOH A O   1 
HETATM 1306 O O   . HOH E 4 .   ? -2.146  -1.651  -10.657 1.00 20.13 ? 494 HOH A O   1 
HETATM 1307 O O   . HOH E 4 .   ? -0.553  -14.743 -2.651  1.00 19.41 ? 495 HOH A O   1 
HETATM 1308 O O   . HOH E 4 .   ? -12.662 -0.165  -6.542  1.00 22.13 ? 496 HOH A O   1 
HETATM 1309 O O   . HOH E 4 .   ? -6.508  13.257  -8.704  1.00 48.25 ? 497 HOH A O   1 
HETATM 1310 O O   . HOH E 4 .   ? -15.983 -0.799  -6.622  1.00 38.05 ? 498 HOH A O   1 
HETATM 1311 O O   . HOH E 4 .   ? 3.888   15.509  -4.286  1.00 40.60 ? 499 HOH A O   1 
HETATM 1312 O O   . HOH E 4 .   ? -13.752 5.120   -5.703  1.00 30.91 ? 500 HOH A O   1 
HETATM 1313 O O   . HOH E 4 .   ? 15.418  -7.281  -0.538  1.00 33.11 ? 501 HOH A O   1 
HETATM 1314 O O   . HOH E 4 .   ? 7.882   9.808   9.534   1.00 31.71 ? 502 HOH A O   1 
HETATM 1315 O O   . HOH E 4 .   ? 13.286  -5.713  1.719   1.00 25.29 ? 503 HOH A O   1 
HETATM 1316 O O   . HOH E 4 .   ? -7.983  -4.599  -9.543  1.00 23.60 ? 504 HOH A O   1 
HETATM 1317 O O   . HOH E 4 .   ? -10.483 14.647  -0.847  1.00 40.58 ? 505 HOH A O   1 
HETATM 1318 O O   . HOH E 4 .   ? -7.602  -4.320  -13.251 1.00 42.81 ? 506 HOH A O   1 
HETATM 1319 O O   . HOH E 4 .   ? 7.422   -8.827  -15.448 1.00 22.03 ? 507 HOH A O   1 
HETATM 1320 O O   . HOH E 4 .   ? 10.514  7.043   13.734  1.00 32.66 ? 508 HOH A O   1 
HETATM 1321 O O   . HOH E 4 .   ? 5.553   -14.257 1.666   1.00 38.12 ? 509 HOH A O   1 
HETATM 1322 O O   . HOH E 4 .   ? 1.298   15.836  9.717   1.00 43.54 ? 510 HOH A O   1 
HETATM 1323 O O   . HOH E 4 .   ? 2.125   -8.175  -19.110 1.00 44.90 ? 511 HOH A O   1 
HETATM 1324 O O   . HOH E 4 .   ? 5.015   -9.935  16.983  1.00 41.59 ? 512 HOH A O   1 
HETATM 1325 O O   . HOH E 4 .   ? -5.513  -2.262  17.777  1.00 27.26 ? 513 HOH A O   1 
HETATM 1326 O O   . HOH E 4 .   ? 15.122  3.234   21.012  1.00 39.72 ? 514 HOH A O   1 
HETATM 1327 O O   . HOH E 4 .   ? -8.836  -11.028 1.814   1.00 38.08 ? 515 HOH A O   1 
HETATM 1328 O O   . HOH E 4 .   ? -15.804 -5.924  3.151   1.00 33.16 ? 516 HOH A O   1 
HETATM 1329 O O   . HOH E 4 .   ? 11.034  -9.679  3.886   1.00 39.78 ? 517 HOH A O   1 
HETATM 1330 O O   . HOH E 4 .   ? 9.616   9.441   13.073  1.00 53.87 ? 518 HOH A O   1 
HETATM 1331 O O   . HOH E 4 .   ? 2.339   8.155   -17.851 1.00 51.87 ? 519 HOH A O   1 
HETATM 1332 O O   . HOH E 4 .   ? 12.259  -6.023  8.998   1.00 39.05 ? 520 HOH A O   1 
HETATM 1333 O O   . HOH E 4 .   ? -1.125  -16.461 -0.604  1.00 43.75 ? 521 HOH A O   1 
HETATM 1334 O O   . HOH E 4 .   ? 8.862   -8.189  -10.907 0.50 29.81 ? 522 HOH A O   1 
HETATM 1335 O O   . HOH E 4 .   ? 7.322   13.710  1.255   1.00 35.96 ? 523 HOH A O   1 
HETATM 1336 O O   . HOH E 4 .   ? -8.259  -12.103 -0.595  1.00 43.18 ? 524 HOH A O   1 
HETATM 1337 O O   . HOH E 4 .   ? 13.654  0.686   17.998  1.00 37.22 ? 525 HOH A O   1 
HETATM 1338 O O   . HOH E 4 .   ? -18.054 -7.261  8.533   1.00 36.35 ? 526 HOH A O   1 
HETATM 1339 O O   . HOH E 4 .   ? -2.529  -13.920 4.182   1.00 40.46 ? 527 HOH A O   1 
HETATM 1340 O O   . HOH E 4 .   ? -15.641 -0.306  2.982   1.00 35.88 ? 528 HOH A O   1 
HETATM 1341 O O   . HOH E 4 .   ? 15.575  -3.593  -3.365  1.00 40.05 ? 529 HOH A O   1 
HETATM 1342 O O   . HOH E 4 .   ? -6.640  -2.547  -10.233 1.00 32.73 ? 530 HOH A O   1 
HETATM 1343 O O   . HOH E 4 .   ? -14.992 -9.100  6.611   1.00 33.25 ? 531 HOH A O   1 
HETATM 1344 O O   . HOH E 4 .   ? -16.082 3.508   -8.864  1.00 50.25 ? 532 HOH A O   1 
HETATM 1345 O O   . HOH E 4 .   ? -14.491 4.343   3.570   1.00 31.01 ? 533 HOH A O   1 
HETATM 1346 O O   . HOH E 4 .   ? 1.860   -16.342 -12.302 1.00 34.40 ? 534 HOH A O   1 
HETATM 1347 O O   . HOH E 4 .   ? -3.634  -14.063 13.022  1.00 50.22 ? 535 HOH A O   1 
HETATM 1348 O O   . HOH E 4 .   ? 16.914  -5.225  -1.219  1.00 38.82 ? 536 HOH A O   1 
HETATM 1349 O O   . HOH E 4 .   ? 7.922   -2.700  15.639  1.00 35.27 ? 537 HOH A O   1 
HETATM 1350 O O   . HOH E 4 .   ? -13.405 2.861   -7.360  1.00 36.58 ? 538 HOH A O   1 
HETATM 1351 O O   . HOH E 4 .   ? -8.902  -14.363 14.748  1.00 38.06 ? 539 HOH A O   1 
HETATM 1352 O O   . HOH E 4 .   ? 10.694  -9.390  6.431   1.00 42.05 ? 540 HOH A O   1 
HETATM 1353 O O   . HOH E 4 .   ? 11.928  -6.692  6.145   1.00 25.66 ? 541 HOH A O   1 
HETATM 1354 O O   . HOH E 4 .   ? 6.606   -0.263  16.077  1.00 35.51 ? 542 HOH A O   1 
HETATM 1355 O O   . HOH E 4 .   ? -3.776  -15.061 10.674  1.00 41.06 ? 543 HOH A O   1 
HETATM 1356 O O   . HOH E 4 .   ? 8.884   -11.951 5.322   1.00 45.07 ? 544 HOH A O   1 
HETATM 1357 O O   . HOH E 4 .   ? 6.356   17.172  -4.989  1.00 47.20 ? 545 HOH A O   1 
HETATM 1358 O O   . HOH E 4 .   ? 5.516   3.485   14.061  1.00 30.73 ? 546 HOH A O   1 
HETATM 1359 O O   . HOH E 4 .   ? 4.093   -1.149  16.974  1.00 32.40 ? 547 HOH A O   1 
HETATM 1360 O O   . HOH E 4 .   ? -11.428 5.340   -8.489  1.00 38.73 ? 548 HOH A O   1 
HETATM 1361 O O   . HOH E 4 .   ? 1.402   14.726  -5.394  1.00 39.38 ? 549 HOH A O   1 
HETATM 1362 O O   . HOH E 4 .   ? 6.935   9.253   12.030  1.00 42.95 ? 550 HOH A O   1 
HETATM 1363 O O   . HOH E 4 .   ? -4.617  8.351   13.475  1.00 48.76 ? 551 HOH A O   1 
HETATM 1364 O O   . HOH E 4 .   ? 3.694   9.001   -20.811 1.00 54.94 ? 552 HOH A O   1 
HETATM 1365 O O   . HOH E 4 .   ? -0.569  -16.267 4.135   1.00 31.90 ? 553 HOH A O   1 
HETATM 1366 O O   . HOH E 4 .   ? 10.553  11.698  -21.122 1.00 53.15 ? 554 HOH A O   1 
# 
